data_9FGA
#
_entry.id   9FGA
#
_cell.length_a   1.00
_cell.length_b   1.00
_cell.length_c   1.00
_cell.angle_alpha   90.00
_cell.angle_beta   90.00
_cell.angle_gamma   90.00
#
_symmetry.space_group_name_H-M   'P 1'
#
loop_
_entity.id
_entity.type
_entity.pdbx_description
1 polymer 'Gamma-aminobutyric acid receptor subunit alpha-1'
2 polymer 'Gamma-aminobutyric acid receptor subunit beta-3'
3 polymer 'Gamma-aminobutyric acid receptor subunit gamma-2'
4 polymer 'Megabody-38,Outer membrane protein'
5 branched alpha-D-mannopyranose-(1-2)-alpha-D-mannopyranose-(1-2)-alpha-D-mannopyranose-(1-3)-[alpha-D-mannopyranose-(1-2)-alpha-D-mannopyranose-(1-6)-[alpha-D-mannopyranose-(1-3)]alpha-D-mannopyranose-(1-6)]beta-D-mannopyranose-(1-4)-2-acetamido-2-deoxy-beta-D-glucopyranose-(1-4)-2-acetamido-2-deoxy-beta-D-glucopyranose
6 branched 2-acetamido-2-deoxy-beta-D-glucopyranose-(1-4)-2-acetamido-2-deoxy-beta-D-glucopyranose
7 branched alpha-D-mannopyranose-(1-3)-alpha-D-mannopyranose-(1-6)-[alpha-D-mannopyranose-(1-3)]beta-D-mannopyranose-(1-4)-2-acetamido-2-deoxy-beta-D-glucopyranose-(1-4)-2-acetamido-2-deoxy-beta-D-glucopyranose
8 branched alpha-D-mannopyranose-(1-3)-[alpha-D-mannopyranose-(1-6)]beta-D-mannopyranose-(1-4)-2-acetamido-2-deoxy-beta-D-glucopyranose-(1-4)-2-acetamido-2-deoxy-beta-D-glucopyranose
9 non-polymer '[(2R)-2-octanoyloxy-3-[oxidanyl-[(1R,2R,3S,4R,5R,6S)-2,3,6-tris(oxidanyl)-4,5-diphosphonooxy-cyclohexyl]oxy-phosphoryl]oxy-propyl] octanoate'
10 non-polymer DECANE
11 non-polymer 2-acetamido-2-deoxy-beta-D-glucopyranose
#
loop_
_entity_poly.entity_id
_entity_poly.type
_entity_poly.pdbx_seq_one_letter_code
_entity_poly.pdbx_strand_id
1 'polypeptide(L)'
;MKKSPGLSDYLWAWTLFLSTLTGRSYGDYKDDDDKQPSLQDELKDNTTVFTRILDRLLDGYDNRLRPGLGERVTEVKTDI
FVTSFGPVSDHDMEYTIDVFFRQSWKDERLKFKGPMTVLRLNNLMASKIWTPDTFFHNGKKSVAHNMTMPNKLLRITEDG
TLLYTMRLTVRAECPMHLEDFPMDAHACPLKFGSYAYTRAEVVYEWTREPARSVVVAEDGSRLNQYDLLGQTVDSGIVQS
STGEYVVMTTHFHLKRKIGYFVIQTYLPCIMTVILSQVSFWLNRESVPARTVFGVTTVLTMTTLSISARNSLPKVAYATA
MDWFIAVCYAFVFSALIEFATVNYFTKRGYAWDGKSVVPEKPKKVKDPLIKKNNTYAPTATSYTPNLARGDPGLATIAKS
ATIEPKEVKPETKPPEPKKTFNSVSKIDRLSRIAFPLLFGIFNLVYWATYLNREPQLKAPTPHQ
;
A,D
2 'polypeptide(L)'
;MCSGLLELLLPIWLSWTLGTRGSEPRSVNDPGNMSFVKETVDKLLKGYDIRLRPDFGGPPVCVGMNIDIASIDMVSEVNM
DYTLTMYFQQYWRDKRLAYSGIPLNLTLDNRVADQLWVPDTYFLNDKKSFVHGVTVKNRMIRLHPDGTVLYGLRITTTAA
CMMDLRRYPLDEQNCTLEIESYGYTTDDIEFYWRGGDKAVTGVERIELPQFSIVEHRLVSRNVVFATGAYPRLSLSFRLK
RNIGYFILQTYMPSILITILSWVSFWINYDASAARVALGITTVLTMTTINTHLRETLPKIPYVKAIDMYLMGCFVFVFLA
LLEYAFVNYIFFGRGPQRQKKLAEKTAKAKNDRSKSESNRVDAHGNILLTSLEVHNEMNEVSGGIGDTRNSAISFDNSGI
QYRKQSMPREGHGRFLGDRSLPHKKTHLRRRSSQLKIKIPDLTDVNAIDRWSRIVFPFTFSLFNLVYWLYYVN
;
B,E
3 'polypeptide(L)'
;MSSPNIWSTGSSVYSTPVFSQKMTVWILLLLSLYPGFTSQKSDDDYEDYASNKTWVLTPKVPEGDVTVILNNLLEGYDNK
LRPDIGVKPTLIHTDMYVNSIGPVNAINMEYTIDIFFAQTWYDRRLKFNSTIKVLRLNSNMVGKIWIPDTFFRNSKKADA
HWITTPNRMLRIWNDGRVLYTLRLTIDAECQLQLHNFPMDEHSCPLEFSSYGYPREEIVYQWKRSSVEVGDTRSWRLYQF
SFVGLRNTTEVVKTTSGDYVVMSVYFDLSRRMGYFTIQTYIPCTLIVVLSWVSFWINKDAVPARTSLGITTVLTMTTLST
IARKSLPKVSYVTAMDLFVSVCFIFVFSALVEYGTLHYFVSNRKPSKDKDKKKKNPLLRMFSFKAPTIDIRPRSATIQMN
NATHLQERDEEYGYECLDGKDCASFFCCFEDCRTGAWRHGRIHIRIAKMDSYARIFFPTAFCLFNLVYWVSYLYLGGSGG
SGGSGKTETSQVAPA
;
C
4 'polypeptide(L)'
;QVQLQESGGGLVQTKTTTSVIDTTNDAQNLLTQAQTIVNTLKDYCPILIAKSSSSNGGTNNANTPSWQTAGGGKNSCATF
GAEFSAASDMINNAQKIVQETQQLSANQPKNITQPHNLNLNSPSSLTALAQKMLKNAQSQAEILKLANQVESDFNKLSSG
HLKDYIGKCDASAISSANMTMQNQKNNWGNGCAGVEETQSLLKTSAADFNNQTPQINQAQNLANTLIQELGNNPFRASGG
GSGGGGSGKLSDTYEQLSRLLTNDNGTNSKTSAQAINQAVNNLNERAKTLAGGTTNSPAYQATLLALRSVLGLWNSMGYA
VICGGYTKSPGENNQKDFHYTDENGNGTTINCGGSTNSNGTHSYNGTNTLKADKNVSLSIEQYEKIHEAYQILSKALKQA
GLAPLNSKGEKLEAHVTTSKYGSLRVSCAASGRTFTTYIMAWFRQAPGKEREFLAAMDQGRIQYYGDSVRGRFTISRDYA
KNSVDLQLDGLRPEDTAVYYCAAGAGFWGLRTASSYHYWGQGTQVTVSSHHHHHHEPEA
;
F
#
loop_
_chem_comp.id
_chem_comp.type
_chem_comp.name
_chem_comp.formula
BMA D-saccharide, beta linking beta-D-mannopyranose 'C6 H12 O6'
D10 non-polymer DECANE 'C10 H22'
MAN D-saccharide, alpha linking alpha-D-mannopyranose 'C6 H12 O6'
NAG D-saccharide, beta linking 2-acetamido-2-deoxy-beta-D-glucopyranose 'C8 H15 N O6'
PIO non-polymer '[(2R)-2-octanoyloxy-3-[oxidanyl-[(1R,2R,3S,4R,5R,6S)-2,3,6-tris(oxidanyl)-4,5-diphosphonooxy-cyclohexyl]oxy-phosphoryl]oxy-propyl] octanoate' 'C25 H49 O19 P3'
#
# COMPACT_ATOMS: atom_id res chain seq x y z
N THR A 47 -9.85 46.64 26.25
CA THR A 47 -8.82 46.19 25.31
C THR A 47 -7.47 46.02 26.01
N THR A 48 -6.96 47.13 26.56
CA THR A 48 -5.68 47.06 27.27
C THR A 48 -5.77 46.21 28.52
N VAL A 49 -6.96 46.10 29.11
CA VAL A 49 -7.13 45.24 30.29
C VAL A 49 -6.90 43.78 29.90
N PHE A 50 -7.43 43.37 28.74
CA PHE A 50 -7.21 42.00 28.27
C PHE A 50 -5.74 41.73 28.00
N THR A 51 -5.04 42.72 27.42
CA THR A 51 -3.62 42.54 27.11
C THR A 51 -2.79 42.42 28.38
N ARG A 52 -3.11 43.22 29.40
CA ARG A 52 -2.32 43.19 30.63
C ARG A 52 -2.39 41.82 31.31
N ILE A 53 -3.57 41.22 31.35
CA ILE A 53 -3.74 39.96 32.05
C ILE A 53 -2.93 38.86 31.37
N LEU A 54 -2.92 38.84 30.04
CA LEU A 54 -2.17 37.83 29.32
C LEU A 54 -0.68 37.93 29.61
N ASP A 55 -0.13 39.14 29.61
CA ASP A 55 1.28 39.32 29.92
C ASP A 55 1.59 39.01 31.37
N ARG A 56 0.67 39.33 32.29
CA ARG A 56 0.90 39.10 33.71
C ARG A 56 0.84 37.63 34.07
N LEU A 57 0.14 36.81 33.29
CA LEU A 57 -0.08 35.42 33.66
C LEU A 57 1.23 34.65 33.73
N LEU A 58 2.12 34.85 32.75
CA LEU A 58 3.29 34.00 32.59
C LEU A 58 4.52 34.54 33.29
N ASP A 59 4.39 35.61 34.08
CA ASP A 59 5.53 36.14 34.83
C ASP A 59 5.81 35.21 36.02
N GLY A 60 6.95 34.54 35.99
CA GLY A 60 7.31 33.60 37.01
C GLY A 60 6.83 32.18 36.79
N TYR A 61 6.02 31.95 35.76
CA TYR A 61 5.51 30.62 35.49
C TYR A 61 6.62 29.72 34.95
N ASP A 62 6.61 28.46 35.38
CA ASP A 62 7.57 27.46 34.90
C ASP A 62 6.78 26.30 34.32
N ASN A 63 6.77 26.20 32.98
CA ASN A 63 6.02 25.15 32.31
C ASN A 63 6.64 23.77 32.50
N ARG A 64 7.90 23.69 32.95
CA ARG A 64 8.54 22.40 33.13
C ARG A 64 8.02 21.64 34.33
N LEU A 65 7.21 22.26 35.19
CA LEU A 65 6.73 21.64 36.42
C LEU A 65 5.21 21.49 36.34
N ARG A 66 4.73 20.30 36.68
CA ARG A 66 3.29 20.06 36.69
C ARG A 66 2.65 20.79 37.88
N PRO A 67 1.38 21.17 37.75
CA PRO A 67 0.69 21.83 38.87
C PRO A 67 0.65 20.94 40.11
N GLY A 68 0.87 21.54 41.26
CA GLY A 68 0.90 20.78 42.50
C GLY A 68 2.03 19.78 42.59
N LEU A 69 3.19 20.10 42.03
CA LEU A 69 4.33 19.19 42.07
C LEU A 69 4.85 19.08 43.50
N GLY A 70 4.89 17.86 44.01
CA GLY A 70 5.28 17.62 45.38
C GLY A 70 4.24 17.92 46.43
N GLU A 71 3.03 18.30 46.02
CA GLU A 71 1.96 18.67 46.95
C GLU A 71 0.73 17.81 46.81
N ARG A 72 0.34 17.47 45.58
CA ARG A 72 -0.88 16.71 45.33
C ARG A 72 -0.74 16.01 43.98
N VAL A 73 -1.78 15.29 43.60
CA VAL A 73 -1.84 14.60 42.32
C VAL A 73 -2.61 15.44 41.33
N THR A 74 -2.03 15.67 40.16
CA THR A 74 -2.67 16.44 39.11
C THR A 74 -3.76 15.59 38.47
N GLU A 75 -5.02 15.92 38.73
CA GLU A 75 -6.15 15.17 38.19
C GLU A 75 -6.61 15.80 36.89
N VAL A 76 -6.66 14.99 35.84
CA VAL A 76 -7.09 15.41 34.51
C VAL A 76 -8.40 14.73 34.17
N LYS A 77 -9.41 15.53 33.82
CA LYS A 77 -10.71 15.03 33.41
C LYS A 77 -10.82 15.09 31.89
N THR A 78 -11.10 13.95 31.26
CA THR A 78 -11.07 13.84 29.81
C THR A 78 -12.39 13.30 29.31
N ASP A 79 -12.77 13.74 28.10
CA ASP A 79 -13.88 13.17 27.36
C ASP A 79 -13.59 13.28 25.87
N ILE A 80 -14.15 12.36 25.11
CA ILE A 80 -13.86 12.23 23.68
C ILE A 80 -15.16 12.28 22.90
N PHE A 81 -15.20 13.08 21.84
CA PHE A 81 -16.29 13.11 20.89
C PHE A 81 -15.76 12.61 19.54
N VAL A 82 -16.25 11.46 19.10
CA VAL A 82 -15.78 10.83 17.87
C VAL A 82 -16.62 11.36 16.72
N THR A 83 -16.01 12.17 15.85
CA THR A 83 -16.73 12.68 14.68
C THR A 83 -16.91 11.62 13.61
N SER A 84 -15.96 10.70 13.47
CA SER A 84 -16.07 9.64 12.47
C SER A 84 -15.19 8.47 12.87
N PHE A 85 -15.77 7.29 12.98
CA PHE A 85 -15.01 6.06 13.17
C PHE A 85 -14.63 5.54 11.79
N GLY A 86 -13.44 5.92 11.34
CA GLY A 86 -13.03 5.71 9.97
C GLY A 86 -12.83 4.26 9.57
N PRO A 87 -12.25 4.04 8.39
CA PRO A 87 -12.14 2.69 7.85
C PRO A 87 -11.25 1.80 8.70
N VAL A 88 -11.60 0.50 8.72
CA VAL A 88 -10.84 -0.52 9.42
C VAL A 88 -10.09 -1.34 8.38
N SER A 89 -8.77 -1.38 8.49
CA SER A 89 -7.91 -2.08 7.54
C SER A 89 -7.60 -3.47 8.08
N ASP A 90 -8.15 -4.49 7.44
CA ASP A 90 -7.88 -5.87 7.86
C ASP A 90 -6.43 -6.26 7.55
N HIS A 91 -5.91 -5.80 6.41
CA HIS A 91 -4.54 -6.18 6.04
C HIS A 91 -3.52 -5.65 7.03
N ASP A 92 -3.67 -4.39 7.44
CA ASP A 92 -2.75 -3.77 8.39
C ASP A 92 -3.15 -3.99 9.83
N MET A 93 -4.33 -4.57 10.08
CA MET A 93 -4.86 -4.75 11.44
C MET A 93 -4.85 -3.44 12.21
N GLU A 94 -5.51 -2.45 11.63
CA GLU A 94 -5.55 -1.10 12.19
C GLU A 94 -6.82 -0.40 11.74
N TYR A 95 -7.15 0.68 12.43
CA TYR A 95 -8.31 1.48 12.07
C TYR A 95 -7.98 2.96 12.27
N THR A 96 -8.77 3.81 11.63
CA THR A 96 -8.63 5.25 11.72
C THR A 96 -9.82 5.83 12.45
N ILE A 97 -9.59 6.85 13.27
CA ILE A 97 -10.66 7.48 14.03
C ILE A 97 -10.38 8.98 14.10
N ASP A 98 -11.44 9.79 13.92
CA ASP A 98 -11.36 11.24 14.02
C ASP A 98 -12.10 11.67 15.27
N VAL A 99 -11.40 12.32 16.20
CA VAL A 99 -11.94 12.65 17.51
C VAL A 99 -11.67 14.10 17.83
N PHE A 100 -12.50 14.65 18.72
CA PHE A 100 -12.22 15.89 19.42
C PHE A 100 -11.79 15.52 20.84
N PHE A 101 -10.52 15.67 21.13
CA PHE A 101 -9.96 15.23 22.41
C PHE A 101 -9.97 16.40 23.39
N ARG A 102 -10.60 16.18 24.54
CA ARG A 102 -10.73 17.20 25.57
CA ARG A 102 -10.73 17.20 25.57
C ARG A 102 -10.00 16.79 26.83
N GLN A 103 -9.32 17.74 27.45
CA GLN A 103 -8.63 17.51 28.70
C GLN A 103 -8.86 18.72 29.61
N SER A 104 -9.18 18.46 30.87
CA SER A 104 -9.43 19.51 31.83
C SER A 104 -8.66 19.24 33.12
N TRP A 105 -8.06 20.28 33.67
CA TRP A 105 -7.33 20.17 34.94
C TRP A 105 -7.28 21.55 35.58
N LYS A 106 -6.74 21.60 36.79
CA LYS A 106 -6.68 22.82 37.58
C LYS A 106 -5.22 23.20 37.81
N ASP A 107 -4.88 24.45 37.52
CA ASP A 107 -3.54 24.99 37.73
C ASP A 107 -3.68 26.29 38.51
N GLU A 108 -3.37 26.25 39.81
CA GLU A 108 -3.52 27.42 40.65
C GLU A 108 -2.59 28.57 40.22
N ARG A 109 -1.50 28.26 39.54
CA ARG A 109 -0.56 29.28 39.08
C ARG A 109 -1.13 30.19 38.02
N LEU A 110 -2.29 29.86 37.44
CA LEU A 110 -2.88 30.64 36.36
C LEU A 110 -4.17 31.34 36.79
N LYS A 111 -4.40 31.52 38.08
CA LYS A 111 -5.56 32.26 38.54
C LYS A 111 -5.41 33.75 38.18
N PHE A 112 -6.49 34.33 37.68
CA PHE A 112 -6.49 35.74 37.31
C PHE A 112 -7.79 36.38 37.77
N LYS A 113 -7.74 37.70 37.96
CA LYS A 113 -8.92 38.49 38.32
C LYS A 113 -9.09 39.61 37.29
N GLY A 114 -10.30 39.75 36.77
CA GLY A 114 -10.58 40.77 35.79
C GLY A 114 -12.05 40.78 35.38
N PRO A 115 -12.40 41.70 34.48
CA PRO A 115 -13.80 41.77 34.02
C PRO A 115 -14.30 40.51 33.34
N MET A 116 -13.42 39.81 32.62
CA MET A 116 -13.83 38.59 31.94
C MET A 116 -13.71 37.38 32.85
N THR A 117 -14.55 36.38 32.60
CA THR A 117 -14.53 35.14 33.37
C THR A 117 -13.76 34.02 32.69
N VAL A 118 -13.62 34.07 31.37
CA VAL A 118 -12.92 33.04 30.61
C VAL A 118 -11.88 33.71 29.73
N LEU A 119 -10.66 33.17 29.74
CA LEU A 119 -9.57 33.68 28.92
C LEU A 119 -9.31 32.70 27.77
N ARG A 120 -9.24 33.23 26.56
CA ARG A 120 -8.91 32.44 25.38
C ARG A 120 -7.47 32.72 24.99
N LEU A 121 -6.66 31.67 24.90
CA LEU A 121 -5.22 31.80 24.70
C LEU A 121 -4.85 31.59 23.24
N ASN A 122 -3.94 32.42 22.74
CA ASN A 122 -3.34 32.17 21.44
C ASN A 122 -2.54 30.88 21.48
N ASN A 123 -2.49 30.17 20.35
CA ASN A 123 -1.80 28.89 20.29
C ASN A 123 -0.32 29.04 20.64
N LEU A 124 0.29 30.19 20.34
CA LEU A 124 1.65 30.43 20.76
C LEU A 124 1.76 30.47 22.28
N MET A 125 0.80 31.13 22.94
CA MET A 125 0.82 31.20 24.39
C MET A 125 0.49 29.86 25.02
N ALA A 126 -0.36 29.05 24.37
CA ALA A 126 -0.70 27.74 24.88
C ALA A 126 0.50 26.79 24.91
N SER A 127 1.53 27.06 24.11
CA SER A 127 2.74 26.25 24.12
C SER A 127 3.69 26.63 25.25
N LYS A 128 3.45 27.73 25.94
CA LYS A 128 4.26 28.14 27.08
C LYS A 128 3.70 27.68 28.42
N ILE A 129 2.61 26.92 28.41
CA ILE A 129 1.93 26.49 29.62
C ILE A 129 1.96 24.97 29.68
N TRP A 130 2.21 24.42 30.86
CA TRP A 130 2.25 22.98 31.03
C TRP A 130 0.91 22.36 30.65
N THR A 131 0.97 21.32 29.84
CA THR A 131 -0.18 20.53 29.43
C THR A 131 0.14 19.05 29.58
N PRO A 132 -0.85 18.21 29.82
CA PRO A 132 -0.58 16.77 29.97
C PRO A 132 0.04 16.20 28.70
N ASP A 133 0.98 15.28 28.89
CA ASP A 133 1.66 14.62 27.78
C ASP A 133 0.93 13.34 27.39
N THR A 134 -0.36 13.49 27.08
CA THR A 134 -1.20 12.36 26.77
C THR A 134 -0.82 11.77 25.42
N PHE A 135 -0.63 10.45 25.37
CA PHE A 135 -0.33 9.75 24.15
C PHE A 135 -1.18 8.48 24.09
N PHE A 136 -1.37 7.96 22.88
CA PHE A 136 -2.16 6.76 22.67
C PHE A 136 -1.24 5.55 22.65
N HIS A 137 -1.48 4.60 23.55
CA HIS A 137 -0.58 3.46 23.71
C HIS A 137 -0.52 2.61 22.45
N ASN A 138 -1.67 2.38 21.81
CA ASN A 138 -1.72 1.58 20.59
C ASN A 138 -1.77 2.44 19.33
N GLY A 139 -1.54 3.74 19.44
CA GLY A 139 -1.49 4.57 18.26
C GLY A 139 -0.29 4.22 17.41
N LYS A 140 -0.48 4.29 16.08
CA LYS A 140 0.57 3.94 15.13
C LYS A 140 1.12 5.17 14.41
N LYS A 141 0.24 6.00 13.84
CA LYS A 141 0.67 7.25 13.20
C LYS A 141 -0.51 8.20 13.24
N SER A 142 -0.49 9.12 14.19
CA SER A 142 -1.59 10.06 14.39
C SER A 142 -1.21 11.43 13.85
N VAL A 143 -2.23 12.21 13.51
CA VAL A 143 -2.07 13.53 12.93
C VAL A 143 -2.80 14.54 13.79
N ALA A 144 -2.11 15.61 14.17
CA ALA A 144 -2.74 16.76 14.83
C ALA A 144 -2.94 17.84 13.77
N HIS A 145 -4.19 18.00 13.33
CA HIS A 145 -4.49 18.88 12.22
C HIS A 145 -4.13 20.33 12.57
N ASN A 146 -3.53 21.03 11.61
CA ASN A 146 -3.20 22.43 11.77
C ASN A 146 -3.52 23.19 10.49
N MET A 147 -4.66 22.87 9.87
CA MET A 147 -5.13 23.56 8.68
C MET A 147 -6.46 24.22 9.01
N THR A 148 -6.57 25.52 8.76
CA THR A 148 -5.47 26.32 8.25
C THR A 148 -4.63 26.86 9.39
N MET A 149 -5.12 26.66 10.60
CA MET A 149 -4.44 27.01 11.84
C MET A 149 -4.44 25.81 12.77
N PRO A 150 -3.50 25.75 13.73
CA PRO A 150 -3.51 24.64 14.69
C PRO A 150 -4.86 24.42 15.35
N ASN A 151 -5.44 23.25 15.12
CA ASN A 151 -6.78 22.92 15.64
C ASN A 151 -6.67 22.60 17.14
N LYS A 152 -6.33 23.62 17.90
CA LYS A 152 -6.22 23.53 19.35
C LYS A 152 -6.92 24.72 19.98
N LEU A 153 -7.34 24.56 21.23
CA LEU A 153 -8.00 25.63 21.95
C LEU A 153 -7.77 25.46 23.44
N LEU A 154 -7.15 26.44 24.07
CA LEU A 154 -6.90 26.44 25.50
C LEU A 154 -7.70 27.59 26.13
N ARG A 155 -8.52 27.26 27.12
CA ARG A 155 -9.35 28.23 27.81
C ARG A 155 -9.05 28.19 29.30
N ILE A 156 -8.97 29.36 29.92
CA ILE A 156 -8.69 29.48 31.34
C ILE A 156 -9.85 30.22 32.00
N THR A 157 -10.41 29.62 33.04
CA THR A 157 -11.40 30.30 33.87
C THR A 157 -10.70 31.08 34.98
N GLU A 158 -11.48 31.92 35.67
CA GLU A 158 -10.90 32.81 36.68
C GLU A 158 -10.31 32.02 37.85
N ASP A 159 -10.84 30.84 38.13
CA ASP A 159 -10.39 30.05 39.27
C ASP A 159 -9.18 29.17 38.96
N GLY A 160 -8.66 29.23 37.74
CA GLY A 160 -7.50 28.45 37.36
C GLY A 160 -7.80 27.11 36.73
N THR A 161 -9.04 26.87 36.31
CA THR A 161 -9.39 25.63 35.63
C THR A 161 -9.18 25.79 34.13
N LEU A 162 -8.40 24.90 33.54
CA LEU A 162 -8.05 24.97 32.13
C LEU A 162 -8.84 23.91 31.35
N LEU A 163 -9.32 24.30 30.17
CA LEU A 163 -9.95 23.38 29.23
C LEU A 163 -9.12 23.33 27.97
N TYR A 164 -8.77 22.13 27.53
CA TYR A 164 -7.85 21.93 26.41
C TYR A 164 -8.49 20.96 25.43
N THR A 165 -8.99 21.50 24.32
CA THR A 165 -9.63 20.71 23.28
C THR A 165 -8.77 20.73 22.02
N MET A 166 -8.56 19.56 21.42
CA MET A 166 -7.79 19.45 20.19
C MET A 166 -8.48 18.45 19.27
N ARG A 167 -8.30 18.65 17.97
CA ARG A 167 -8.85 17.77 16.95
C ARG A 167 -7.74 16.86 16.43
N LEU A 168 -7.97 15.55 16.50
CA LEU A 168 -6.94 14.57 16.20
C LEU A 168 -7.49 13.52 15.23
N THR A 169 -6.59 12.98 14.41
CA THR A 169 -6.87 11.79 13.61
C THR A 169 -5.91 10.70 14.07
N VAL A 170 -6.45 9.69 14.74
CA VAL A 170 -5.64 8.65 15.37
C VAL A 170 -5.77 7.37 14.56
N ARG A 171 -4.64 6.79 14.20
CA ARG A 171 -4.57 5.47 13.55
C ARG A 171 -4.05 4.50 14.59
N ALA A 172 -4.90 3.60 15.06
CA ALA A 172 -4.57 2.70 16.15
C ALA A 172 -4.63 1.26 15.68
N GLU A 173 -3.74 0.44 16.24
CA GLU A 173 -3.67 -0.96 15.86
C GLU A 173 -4.75 -1.76 16.59
N CYS A 174 -5.46 -2.60 15.86
CA CYS A 174 -6.53 -3.45 16.38
C CYS A 174 -6.17 -4.90 16.07
N PRO A 175 -5.51 -5.61 16.98
CA PRO A 175 -5.23 -7.02 16.74
C PRO A 175 -6.51 -7.82 16.53
N MET A 176 -6.46 -8.76 15.59
CA MET A 176 -7.65 -9.51 15.19
C MET A 176 -7.34 -11.00 15.16
N HIS A 177 -8.29 -11.79 15.63
CA HIS A 177 -8.28 -13.23 15.45
C HIS A 177 -9.22 -13.56 14.29
N LEU A 178 -8.63 -13.83 13.12
CA LEU A 178 -9.39 -14.09 11.91
C LEU A 178 -9.66 -15.58 11.70
N GLU A 179 -9.72 -16.36 12.78
CA GLU A 179 -9.98 -17.79 12.65
C GLU A 179 -11.42 -18.07 12.22
N ASP A 180 -12.34 -17.16 12.54
CA ASP A 180 -13.75 -17.33 12.20
C ASP A 180 -14.16 -16.51 10.99
N PHE A 181 -13.19 -16.02 10.21
CA PHE A 181 -13.48 -15.21 9.05
C PHE A 181 -14.37 -15.99 8.07
N PRO A 182 -15.42 -15.37 7.52
CA PRO A 182 -15.86 -13.98 7.69
C PRO A 182 -16.96 -13.82 8.73
N MET A 183 -16.99 -14.67 9.76
CA MET A 183 -18.01 -14.61 10.81
C MET A 183 -17.36 -14.25 12.15
N ASP A 184 -16.47 -13.28 12.13
CA ASP A 184 -15.69 -12.88 13.31
C ASP A 184 -16.18 -11.54 13.83
N ALA A 185 -15.91 -11.31 15.12
CA ALA A 185 -16.23 -10.07 15.79
C ALA A 185 -15.01 -9.61 16.58
N HIS A 186 -14.81 -8.31 16.64
CA HIS A 186 -13.63 -7.74 17.29
C HIS A 186 -14.03 -6.59 18.19
N ALA A 187 -13.16 -6.30 19.15
CA ALA A 187 -13.31 -5.18 20.07
C ALA A 187 -12.04 -4.33 19.94
N CYS A 188 -12.05 -3.40 18.99
CA CYS A 188 -10.87 -2.58 18.75
C CYS A 188 -10.68 -1.57 19.87
N PRO A 189 -9.55 -1.57 20.56
CA PRO A 189 -9.36 -0.69 21.72
C PRO A 189 -8.78 0.65 21.32
N LEU A 190 -8.86 1.59 22.26
CA LEU A 190 -8.24 2.91 22.12
C LEU A 190 -7.74 3.32 23.50
N LYS A 191 -6.46 3.06 23.76
CA LYS A 191 -5.87 3.29 25.08
C LYS A 191 -5.00 4.54 25.05
N PHE A 192 -5.20 5.43 26.02
CA PHE A 192 -4.38 6.62 26.13
C PHE A 192 -4.08 6.90 27.60
N GLY A 193 -3.05 7.71 27.82
CA GLY A 193 -2.65 8.05 29.18
C GLY A 193 -1.40 8.89 29.15
N SER A 194 -0.87 9.15 30.34
CA SER A 194 0.36 9.92 30.47
C SER A 194 1.56 9.07 30.08
N TYR A 195 2.51 9.69 29.37
CA TYR A 195 3.73 8.98 28.96
C TYR A 195 4.81 9.03 30.02
N ALA A 196 4.96 10.16 30.72
CA ALA A 196 6.07 10.36 31.64
C ALA A 196 5.67 10.39 33.10
N TYR A 197 4.41 10.68 33.42
CA TYR A 197 3.97 10.87 34.78
C TYR A 197 3.28 9.61 35.29
N THR A 198 3.77 9.09 36.42
CA THR A 198 3.27 7.85 36.98
C THR A 198 1.91 8.06 37.64
N ARG A 199 1.38 6.99 38.23
CA ARG A 199 0.09 7.06 38.91
C ARG A 199 0.14 8.00 40.11
N ALA A 200 1.32 8.19 40.69
CA ALA A 200 1.46 9.06 41.86
C ALA A 200 1.59 10.53 41.50
N GLU A 201 1.61 10.86 40.22
CA GLU A 201 1.77 12.26 39.79
C GLU A 201 0.56 12.76 39.00
N VAL A 202 0.11 12.01 37.99
CA VAL A 202 -1.01 12.42 37.16
C VAL A 202 -1.97 11.26 37.02
N VAL A 203 -3.25 11.52 37.28
CA VAL A 203 -4.31 10.53 37.13
C VAL A 203 -5.35 11.08 36.17
N TYR A 204 -5.87 10.21 35.30
CA TYR A 204 -6.89 10.59 34.35
C TYR A 204 -8.25 10.08 34.81
N GLU A 205 -9.29 10.88 34.56
CA GLU A 205 -10.66 10.49 34.86
C GLU A 205 -11.57 10.96 33.74
N TRP A 206 -12.72 10.28 33.63
CA TRP A 206 -13.74 10.71 32.69
C TRP A 206 -14.58 11.84 33.28
N THR A 207 -14.91 12.82 32.44
CA THR A 207 -15.62 14.01 32.93
C THR A 207 -16.98 13.63 33.49
N ARG A 208 -17.70 12.74 32.82
CA ARG A 208 -19.02 12.28 33.22
C ARG A 208 -18.95 10.78 33.50
N GLU A 209 -20.12 10.17 33.67
CA GLU A 209 -20.16 8.72 33.76
C GLU A 209 -19.51 8.11 32.53
N PRO A 210 -18.68 7.07 32.70
CA PRO A 210 -17.87 6.58 31.57
C PRO A 210 -18.66 6.21 30.34
N ALA A 211 -19.88 5.70 30.50
CA ALA A 211 -20.70 5.36 29.34
C ALA A 211 -21.03 6.61 28.52
N ARG A 212 -21.27 7.73 29.18
CA ARG A 212 -21.65 8.97 28.50
C ARG A 212 -20.46 9.87 28.19
N SER A 213 -19.25 9.50 28.63
CA SER A 213 -18.10 10.35 28.40
C SER A 213 -17.58 10.26 26.96
N VAL A 214 -17.67 9.09 26.35
CA VAL A 214 -17.28 8.91 24.95
C VAL A 214 -18.55 8.95 24.10
N VAL A 215 -18.65 9.95 23.23
CA VAL A 215 -19.83 10.17 22.41
C VAL A 215 -19.43 9.99 20.95
N VAL A 216 -20.16 9.13 20.24
CA VAL A 216 -19.93 8.87 18.82
C VAL A 216 -21.06 9.53 18.04
N ALA A 217 -20.71 10.25 16.98
CA ALA A 217 -21.71 10.94 16.18
C ALA A 217 -22.65 9.95 15.51
N GLU A 218 -23.87 10.42 15.21
CA GLU A 218 -24.86 9.57 14.56
C GLU A 218 -24.39 9.11 13.19
N ASP A 219 -23.78 10.01 12.42
CA ASP A 219 -23.20 9.67 11.13
C ASP A 219 -21.72 9.35 11.22
N GLY A 220 -21.22 9.00 12.41
CA GLY A 220 -19.79 8.82 12.59
C GLY A 220 -19.26 7.63 11.82
N SER A 221 -20.01 6.54 11.80
CA SER A 221 -19.52 5.29 11.22
C SER A 221 -19.22 5.45 9.73
N ARG A 222 -18.01 5.04 9.33
CA ARG A 222 -17.57 5.06 7.95
C ARG A 222 -17.08 3.67 7.56
N LEU A 223 -17.85 2.65 7.91
CA LEU A 223 -17.45 1.26 7.76
C LEU A 223 -18.21 0.63 6.60
N ASN A 224 -17.47 -0.05 5.73
CA ASN A 224 -18.05 -0.79 4.62
C ASN A 224 -18.24 -2.27 4.93
N GLN A 225 -17.32 -2.86 5.70
CA GLN A 225 -17.32 -4.28 5.96
C GLN A 225 -17.73 -4.64 7.38
N TYR A 226 -17.83 -3.68 8.29
CA TYR A 226 -18.15 -3.96 9.68
C TYR A 226 -19.43 -3.22 10.07
N ASP A 227 -19.94 -3.57 11.26
CA ASP A 227 -21.11 -2.92 11.83
C ASP A 227 -20.77 -2.52 13.26
N LEU A 228 -20.71 -1.22 13.53
CA LEU A 228 -20.34 -0.71 14.85
C LEU A 228 -21.51 -0.93 15.79
N LEU A 229 -21.42 -1.98 16.62
CA LEU A 229 -22.51 -2.30 17.52
C LEU A 229 -22.56 -1.37 18.72
N GLY A 230 -21.41 -0.95 19.23
CA GLY A 230 -21.37 -0.07 20.38
C GLY A 230 -19.95 0.08 20.87
N GLN A 231 -19.82 0.71 22.03
CA GLN A 231 -18.53 0.91 22.65
C GLN A 231 -18.66 0.81 24.17
N THR A 232 -17.63 0.26 24.80
CA THR A 232 -17.52 0.19 26.25
C THR A 232 -16.35 1.03 26.71
N VAL A 233 -16.54 1.75 27.81
CA VAL A 233 -15.58 2.72 28.31
C VAL A 233 -15.15 2.30 29.71
N ASP A 234 -13.84 2.21 29.94
CA ASP A 234 -13.31 1.76 31.20
C ASP A 234 -11.91 2.34 31.39
N SER A 235 -11.43 2.28 32.63
CA SER A 235 -10.09 2.74 32.96
C SER A 235 -9.38 1.68 33.79
N GLY A 236 -8.06 1.62 33.66
CA GLY A 236 -7.28 0.63 34.36
C GLY A 236 -5.89 1.11 34.75
N ILE A 237 -5.05 0.17 35.16
CA ILE A 237 -3.69 0.45 35.61
C ILE A 237 -2.74 -0.46 34.85
N VAL A 238 -1.66 0.12 34.31
CA VAL A 238 -0.62 -0.67 33.67
C VAL A 238 0.68 -0.45 34.42
N GLN A 239 1.56 -1.43 34.36
CA GLN A 239 2.87 -1.38 35.01
CA GLN A 239 2.87 -1.37 35.00
C GLN A 239 3.95 -1.62 33.97
N SER A 240 4.96 -0.75 33.94
CA SER A 240 6.07 -0.88 33.01
C SER A 240 7.39 -0.86 33.78
N SER A 241 8.50 -0.82 33.05
CA SER A 241 9.80 -0.71 33.69
C SER A 241 10.04 0.67 34.30
N THR A 242 9.17 1.64 34.02
CA THR A 242 9.33 3.00 34.51
C THR A 242 8.32 3.37 35.61
N GLY A 243 7.42 2.46 35.98
CA GLY A 243 6.49 2.67 37.07
C GLY A 243 5.07 2.35 36.67
N GLU A 244 4.14 2.66 37.56
CA GLU A 244 2.72 2.42 37.33
C GLU A 244 2.08 3.62 36.67
N TYR A 245 1.24 3.35 35.66
CA TYR A 245 0.58 4.41 34.91
C TYR A 245 -0.92 4.15 34.83
N VAL A 246 -1.68 5.22 34.72
CA VAL A 246 -3.13 5.14 34.55
C VAL A 246 -3.45 5.14 33.06
N VAL A 247 -4.26 4.18 32.62
CA VAL A 247 -4.62 4.04 31.21
C VAL A 247 -6.13 4.10 31.09
N MET A 248 -6.61 4.96 30.19
CA MET A 248 -8.03 5.07 29.87
C MET A 248 -8.28 4.33 28.57
N THR A 249 -9.19 3.36 28.61
CA THR A 249 -9.42 2.46 27.48
C THR A 249 -10.85 2.63 26.96
N THR A 250 -10.99 2.59 25.65
CA THR A 250 -12.28 2.53 24.99
C THR A 250 -12.24 1.43 23.95
N HIS A 251 -13.22 0.54 23.99
CA HIS A 251 -13.29 -0.61 23.07
C HIS A 251 -14.47 -0.44 22.15
N PHE A 252 -14.21 -0.45 20.84
CA PHE A 252 -15.25 -0.37 19.82
C PHE A 252 -15.52 -1.77 19.28
N HIS A 253 -16.78 -2.20 19.35
CA HIS A 253 -17.15 -3.58 19.02
C HIS A 253 -17.67 -3.63 17.60
N LEU A 254 -17.00 -4.40 16.74
CA LEU A 254 -17.29 -4.46 15.32
C LEU A 254 -17.69 -5.89 14.95
N LYS A 255 -18.72 -6.02 14.12
CA LYS A 255 -19.11 -7.30 13.55
C LYS A 255 -19.05 -7.22 12.04
N ARG A 256 -18.32 -8.16 11.43
CA ARG A 256 -18.15 -8.15 9.99
C ARG A 256 -19.44 -8.54 9.26
N LYS A 257 -19.72 -7.86 8.15
CA LYS A 257 -20.86 -8.20 7.32
C LYS A 257 -20.55 -9.47 6.51
N ILE A 258 -21.51 -10.40 6.51
CA ILE A 258 -21.32 -11.70 5.88
C ILE A 258 -21.98 -11.80 4.51
N GLY A 259 -22.89 -10.87 4.18
CA GLY A 259 -23.65 -11.01 2.95
C GLY A 259 -22.78 -11.01 1.69
N TYR A 260 -21.69 -10.24 1.70
CA TYR A 260 -20.82 -10.19 0.53
C TYR A 260 -20.16 -11.54 0.26
N PHE A 261 -19.69 -12.21 1.31
CA PHE A 261 -18.99 -13.47 1.13
C PHE A 261 -19.93 -14.61 0.76
N VAL A 262 -21.20 -14.51 1.15
CA VAL A 262 -22.18 -15.52 0.77
C VAL A 262 -22.40 -15.53 -0.73
N ILE A 263 -22.54 -14.34 -1.33
CA ILE A 263 -22.82 -14.26 -2.76
C ILE A 263 -21.55 -14.50 -3.57
N GLN A 264 -20.43 -13.90 -3.17
CA GLN A 264 -19.21 -14.01 -3.96
C GLN A 264 -18.57 -15.39 -3.83
N THR A 265 -18.56 -15.97 -2.63
CA THR A 265 -17.79 -17.19 -2.38
C THR A 265 -18.67 -18.38 -2.05
N TYR A 266 -19.54 -18.27 -1.04
CA TYR A 266 -20.24 -19.45 -0.54
C TYR A 266 -21.22 -20.00 -1.57
N LEU A 267 -22.04 -19.14 -2.16
CA LEU A 267 -23.02 -19.62 -3.14
C LEU A 267 -22.37 -20.24 -4.38
N PRO A 268 -21.38 -19.61 -5.03
CA PRO A 268 -20.75 -20.28 -6.18
C PRO A 268 -20.08 -21.60 -5.82
N CYS A 269 -19.49 -21.70 -4.63
CA CYS A 269 -18.89 -22.97 -4.24
C CYS A 269 -19.94 -24.06 -4.04
N ILE A 270 -21.08 -23.72 -3.43
CA ILE A 270 -22.13 -24.70 -3.26
C ILE A 270 -22.68 -25.15 -4.61
N MET A 271 -22.91 -24.20 -5.51
CA MET A 271 -23.43 -24.54 -6.83
C MET A 271 -22.45 -25.41 -7.62
N THR A 272 -21.15 -25.13 -7.50
CA THR A 272 -20.15 -25.94 -8.18
C THR A 272 -20.15 -27.37 -7.66
N VAL A 273 -20.28 -27.54 -6.34
CA VAL A 273 -20.36 -28.88 -5.77
C VAL A 273 -21.63 -29.58 -6.24
N ILE A 274 -22.75 -28.86 -6.27
CA ILE A 274 -23.99 -29.43 -6.81
C ILE A 274 -23.81 -29.77 -8.28
N LEU A 275 -23.09 -28.91 -9.02
CA LEU A 275 -22.86 -29.17 -10.44
C LEU A 275 -22.05 -30.44 -10.64
N SER A 276 -21.03 -30.67 -9.79
CA SER A 276 -20.23 -31.88 -9.91
C SER A 276 -21.06 -33.12 -9.63
N GLN A 277 -21.95 -33.05 -8.65
CA GLN A 277 -22.82 -34.17 -8.32
C GLN A 277 -23.93 -34.37 -9.34
N VAL A 278 -24.18 -33.38 -10.19
CA VAL A 278 -25.18 -33.53 -11.24
C VAL A 278 -24.76 -34.58 -12.25
N SER A 279 -23.45 -34.76 -12.45
CA SER A 279 -22.96 -35.73 -13.43
C SER A 279 -23.34 -37.16 -13.07
N PHE A 280 -23.74 -37.41 -11.81
CA PHE A 280 -24.16 -38.76 -11.43
C PHE A 280 -25.43 -39.20 -12.13
N TRP A 281 -26.20 -38.26 -12.68
CA TRP A 281 -27.44 -38.60 -13.38
C TRP A 281 -27.25 -38.79 -14.88
N LEU A 282 -26.03 -38.59 -15.39
CA LEU A 282 -25.74 -38.88 -16.78
C LEU A 282 -25.50 -40.37 -16.98
N ASN A 283 -25.81 -40.85 -18.18
CA ASN A 283 -25.62 -42.25 -18.49
C ASN A 283 -24.14 -42.60 -18.50
N ARG A 284 -23.81 -43.80 -18.01
CA ARG A 284 -22.42 -44.20 -17.86
C ARG A 284 -21.69 -44.34 -19.18
N GLU A 285 -22.41 -44.45 -20.30
CA GLU A 285 -21.77 -44.61 -21.59
C GLU A 285 -21.25 -43.28 -22.16
N SER A 286 -21.63 -42.15 -21.57
CA SER A 286 -21.13 -40.85 -21.99
C SER A 286 -19.80 -40.57 -21.30
N VAL A 287 -18.80 -41.38 -21.66
CA VAL A 287 -17.48 -41.26 -21.02
C VAL A 287 -16.84 -39.91 -21.29
N PRO A 288 -16.76 -39.40 -22.53
CA PRO A 288 -16.21 -38.04 -22.71
C PRO A 288 -17.01 -36.97 -22.00
N ALA A 289 -18.34 -37.11 -21.94
CA ALA A 289 -19.17 -36.07 -21.33
C ALA A 289 -18.93 -35.98 -19.83
N ARG A 290 -18.90 -37.14 -19.15
CA ARG A 290 -18.71 -37.12 -17.70
C ARG A 290 -17.27 -36.81 -17.32
N THR A 291 -16.32 -37.13 -18.20
CA THR A 291 -14.92 -36.79 -17.91
C THR A 291 -14.69 -35.29 -18.01
N VAL A 292 -15.19 -34.66 -19.07
CA VAL A 292 -15.06 -33.22 -19.20
C VAL A 292 -15.82 -32.51 -18.08
N PHE A 293 -17.01 -33.02 -17.76
CA PHE A 293 -17.79 -32.48 -16.65
C PHE A 293 -16.99 -32.52 -15.34
N GLY A 294 -16.36 -33.66 -15.05
CA GLY A 294 -15.62 -33.80 -13.82
C GLY A 294 -14.41 -32.88 -13.73
N VAL A 295 -13.61 -32.83 -14.80
CA VAL A 295 -12.38 -32.06 -14.74
C VAL A 295 -12.64 -30.57 -14.75
N THR A 296 -13.67 -30.12 -15.46
CA THR A 296 -13.92 -28.68 -15.58
C THR A 296 -14.52 -28.12 -14.29
N THR A 297 -15.27 -28.92 -13.54
CA THR A 297 -15.74 -28.49 -12.23
C THR A 297 -14.57 -28.31 -11.27
N VAL A 298 -13.56 -29.18 -11.36
CA VAL A 298 -12.36 -29.00 -10.54
C VAL A 298 -11.66 -27.70 -10.90
N LEU A 299 -11.55 -27.42 -12.20
CA LEU A 299 -10.95 -26.16 -12.64
C LEU A 299 -11.79 -24.97 -12.21
N THR A 300 -13.12 -25.10 -12.26
CA THR A 300 -13.98 -24.02 -11.79
C THR A 300 -13.80 -23.77 -10.30
N MET A 301 -13.72 -24.84 -9.51
CA MET A 301 -13.48 -24.68 -8.08
C MET A 301 -12.11 -24.06 -7.81
N THR A 302 -11.10 -24.44 -8.60
CA THR A 302 -9.78 -23.87 -8.43
C THR A 302 -9.78 -22.37 -8.68
N THR A 303 -10.52 -21.93 -9.70
CA THR A 303 -10.62 -20.49 -9.97
C THR A 303 -11.32 -19.78 -8.81
N LEU A 304 -12.40 -20.36 -8.28
CA LEU A 304 -13.12 -19.74 -7.18
C LEU A 304 -12.27 -19.69 -5.91
N SER A 305 -11.51 -20.75 -5.64
CA SER A 305 -10.69 -20.79 -4.43
C SER A 305 -9.63 -19.70 -4.44
N ILE A 306 -9.00 -19.47 -5.58
CA ILE A 306 -7.93 -18.48 -5.67
C ILE A 306 -8.49 -17.07 -5.45
N SER A 307 -9.62 -16.76 -6.07
CA SER A 307 -10.21 -15.42 -5.93
C SER A 307 -10.67 -15.17 -4.50
N ALA A 308 -11.25 -16.18 -3.85
CA ALA A 308 -11.76 -16.00 -2.50
C ALA A 308 -10.65 -15.71 -1.50
N ARG A 309 -9.45 -16.23 -1.74
CA ARG A 309 -8.32 -15.95 -0.85
C ARG A 309 -7.80 -14.53 -1.06
N ASN A 310 -7.88 -13.99 -2.28
CA ASN A 310 -7.40 -12.64 -2.54
C ASN A 310 -8.22 -11.58 -1.81
N SER A 311 -9.44 -11.89 -1.38
CA SER A 311 -10.26 -10.97 -0.63
C SER A 311 -10.02 -11.04 0.87
N LEU A 312 -9.08 -11.88 1.31
CA LEU A 312 -8.75 -12.08 2.71
C LEU A 312 -7.33 -11.60 2.98
N PRO A 313 -7.10 -10.89 4.09
CA PRO A 313 -5.75 -10.42 4.39
C PRO A 313 -4.77 -11.57 4.52
N LYS A 314 -3.51 -11.28 4.17
CA LYS A 314 -2.48 -12.30 4.04
C LYS A 314 -2.03 -12.83 5.38
N VAL A 315 -2.72 -13.87 5.88
CA VAL A 315 -2.34 -14.56 7.10
C VAL A 315 -2.05 -16.01 6.75
N ALA A 316 -1.18 -16.63 7.55
CA ALA A 316 -0.69 -17.97 7.27
C ALA A 316 -1.42 -19.07 8.05
N TYR A 317 -2.37 -18.72 8.90
CA TYR A 317 -3.17 -19.72 9.59
C TYR A 317 -4.49 -19.94 8.85
N ALA A 318 -5.16 -21.03 9.20
CA ALA A 318 -6.38 -21.43 8.50
C ALA A 318 -7.58 -20.72 9.11
N THR A 319 -8.39 -20.10 8.26
CA THR A 319 -9.60 -19.41 8.68
C THR A 319 -10.81 -20.34 8.53
N ALA A 320 -11.99 -19.79 8.80
CA ALA A 320 -13.21 -20.58 8.65
C ALA A 320 -13.58 -20.76 7.18
N MET A 321 -13.28 -19.77 6.34
CA MET A 321 -13.59 -19.90 4.92
C MET A 321 -12.62 -20.83 4.22
N ASP A 322 -11.40 -20.96 4.73
CA ASP A 322 -10.43 -21.89 4.15
C ASP A 322 -10.92 -23.32 4.26
N TRP A 323 -11.49 -23.69 5.41
CA TRP A 323 -11.96 -25.06 5.58
C TRP A 323 -13.18 -25.36 4.73
N PHE A 324 -14.07 -24.36 4.55
CA PHE A 324 -15.23 -24.57 3.69
C PHE A 324 -14.81 -24.82 2.25
N ILE A 325 -13.83 -24.06 1.76
CA ILE A 325 -13.36 -24.26 0.39
C ILE A 325 -12.62 -25.58 0.27
N ALA A 326 -11.82 -25.92 1.28
CA ALA A 326 -11.07 -27.18 1.24
C ALA A 326 -12.01 -28.39 1.21
N VAL A 327 -13.08 -28.34 2.00
CA VAL A 327 -14.07 -29.42 1.96
C VAL A 327 -14.76 -29.45 0.60
N CYS A 328 -15.14 -28.29 0.07
CA CYS A 328 -15.75 -28.23 -1.26
C CYS A 328 -14.79 -28.76 -2.32
N TYR A 329 -13.49 -28.50 -2.16
CA TYR A 329 -12.51 -29.05 -3.10
C TYR A 329 -12.49 -30.57 -3.03
N ALA A 330 -12.58 -31.13 -1.82
CA ALA A 330 -12.56 -32.59 -1.68
C ALA A 330 -13.79 -33.22 -2.32
N PHE A 331 -14.96 -32.59 -2.18
CA PHE A 331 -16.18 -33.15 -2.77
C PHE A 331 -16.10 -33.18 -4.29
N VAL A 332 -15.62 -32.10 -4.90
CA VAL A 332 -15.50 -32.06 -6.35
C VAL A 332 -14.43 -33.03 -6.82
N PHE A 333 -13.36 -33.18 -6.04
CA PHE A 333 -12.35 -34.19 -6.35
C PHE A 333 -12.92 -35.60 -6.29
N SER A 334 -13.75 -35.88 -5.28
CA SER A 334 -14.30 -37.22 -5.13
C SER A 334 -15.30 -37.55 -6.24
N ALA A 335 -16.02 -36.55 -6.75
CA ALA A 335 -17.01 -36.80 -7.78
C ALA A 335 -16.37 -37.33 -9.06
N LEU A 336 -15.11 -36.98 -9.31
CA LEU A 336 -14.42 -37.50 -10.50
C LEU A 336 -13.82 -38.87 -10.23
N ILE A 337 -13.34 -39.11 -9.01
CA ILE A 337 -12.86 -40.44 -8.65
C ILE A 337 -14.00 -41.45 -8.67
N GLU A 338 -15.21 -41.00 -8.29
CA GLU A 338 -16.37 -41.89 -8.33
C GLU A 338 -16.67 -42.35 -9.76
N PHE A 339 -16.58 -41.45 -10.73
CA PHE A 339 -16.82 -41.83 -12.12
C PHE A 339 -15.75 -42.80 -12.62
N ALA A 340 -14.50 -42.60 -12.20
CA ALA A 340 -13.44 -43.53 -12.58
C ALA A 340 -13.75 -44.95 -12.13
N THR A 341 -14.39 -45.09 -10.97
CA THR A 341 -14.80 -46.41 -10.50
C THR A 341 -15.99 -46.93 -11.29
N VAL A 342 -16.93 -46.04 -11.64
CA VAL A 342 -18.08 -46.44 -12.44
C VAL A 342 -17.64 -46.89 -13.83
N ASN A 343 -16.76 -46.12 -14.47
CA ASN A 343 -16.33 -46.45 -15.82
C ASN A 343 -15.52 -47.74 -15.87
N TYR A 344 -14.88 -48.12 -14.76
CA TYR A 344 -14.07 -49.32 -14.75
C TYR A 344 -14.91 -50.59 -14.89
N PHE A 345 -16.21 -50.52 -14.66
CA PHE A 345 -17.09 -51.68 -14.77
C PHE A 345 -18.10 -51.57 -15.91
N THR A 346 -18.00 -50.52 -16.74
CA THR A 346 -18.89 -50.37 -17.88
C THR A 346 -18.45 -51.35 -18.98
N LYS A 347 -19.24 -52.40 -19.19
CA LYS A 347 -18.83 -53.46 -20.11
C LYS A 347 -18.96 -53.03 -21.56
N ARG A 348 -20.05 -52.35 -21.91
CA ARG A 348 -20.35 -52.04 -23.30
C ARG A 348 -20.21 -50.55 -23.56
N GLY A 349 -19.74 -50.21 -24.76
CA GLY A 349 -19.53 -48.84 -25.19
C GLY A 349 -20.72 -48.18 -25.87
N TYR A 350 -21.88 -48.82 -25.88
CA TYR A 350 -23.08 -48.26 -26.49
C TYR A 350 -24.20 -48.20 -25.46
N ALA A 351 -24.97 -47.11 -25.51
CA ALA A 351 -26.01 -46.89 -24.51
C ALA A 351 -27.35 -47.42 -25.02
N TRP A 352 -28.38 -47.28 -24.19
CA TRP A 352 -29.72 -47.70 -24.56
C TRP A 352 -30.27 -46.83 -25.68
N ASP A 353 -31.16 -47.40 -26.47
CA ASP A 353 -31.77 -46.71 -27.61
C ASP A 353 -33.28 -46.68 -27.45
N GLY A 354 -33.90 -45.66 -28.07
CA GLY A 354 -35.32 -45.46 -27.87
C GLY A 354 -36.17 -46.59 -28.43
N LYS A 355 -35.75 -47.17 -29.55
CA LYS A 355 -36.55 -48.21 -30.19
C LYS A 355 -36.69 -49.46 -29.31
N SER A 356 -35.61 -49.83 -28.62
CA SER A 356 -35.64 -51.01 -27.76
C SER A 356 -35.92 -50.62 -26.31
N LYS A 419 -30.54 -57.58 -28.25
CA LYS A 419 -29.37 -56.87 -27.76
C LYS A 419 -29.50 -56.62 -26.26
N THR A 420 -28.38 -56.71 -25.55
CA THR A 420 -28.32 -56.38 -24.13
C THR A 420 -27.58 -55.07 -23.91
N PHE A 421 -28.07 -54.28 -22.96
CA PHE A 421 -27.53 -52.96 -22.66
C PHE A 421 -27.02 -52.93 -21.22
N ASN A 422 -26.11 -51.99 -20.96
CA ASN A 422 -25.59 -51.82 -19.62
C ASN A 422 -26.68 -51.32 -18.67
N SER A 423 -26.64 -51.79 -17.43
CA SER A 423 -27.57 -51.35 -16.41
C SER A 423 -27.05 -50.08 -15.73
N VAL A 424 -27.92 -49.44 -14.96
CA VAL A 424 -27.51 -48.30 -14.16
C VAL A 424 -26.57 -48.76 -13.06
N SER A 425 -25.41 -48.12 -12.98
CA SER A 425 -24.39 -48.55 -12.03
C SER A 425 -24.88 -48.42 -10.59
N LYS A 426 -24.66 -49.47 -9.80
CA LYS A 426 -25.02 -49.40 -8.39
C LYS A 426 -24.18 -48.38 -7.63
N ILE A 427 -22.97 -48.10 -8.13
CA ILE A 427 -22.17 -47.01 -7.57
C ILE A 427 -22.83 -45.67 -7.83
N ASP A 428 -23.36 -45.48 -9.04
CA ASP A 428 -24.03 -44.22 -9.36
C ASP A 428 -25.28 -44.01 -8.52
N ARG A 429 -26.06 -45.08 -8.30
CA ARG A 429 -27.28 -44.95 -7.51
C ARG A 429 -26.97 -44.51 -6.09
N LEU A 430 -25.96 -45.11 -5.45
CA LEU A 430 -25.59 -44.71 -4.10
C LEU A 430 -25.02 -43.29 -4.07
N SER A 431 -24.25 -42.93 -5.10
CA SER A 431 -23.66 -41.59 -5.13
C SER A 431 -24.71 -40.50 -5.26
N ARG A 432 -25.84 -40.80 -5.89
CA ARG A 432 -26.93 -39.83 -5.98
C ARG A 432 -27.52 -39.51 -4.62
N ILE A 433 -27.28 -40.35 -3.62
CA ILE A 433 -27.83 -40.18 -2.29
C ILE A 433 -26.74 -39.76 -1.29
N ALA A 434 -25.59 -40.45 -1.33
CA ALA A 434 -24.55 -40.19 -0.34
C ALA A 434 -23.95 -38.79 -0.51
N PHE A 435 -23.59 -38.43 -1.74
CA PHE A 435 -22.96 -37.13 -1.95
C PHE A 435 -23.86 -35.95 -1.59
N PRO A 436 -25.11 -35.87 -2.04
CA PRO A 436 -25.98 -34.79 -1.56
C PRO A 436 -26.21 -34.82 -0.06
N LEU A 437 -26.27 -36.01 0.55
CA LEU A 437 -26.49 -36.10 1.98
C LEU A 437 -25.26 -35.64 2.75
N LEU A 438 -24.08 -36.12 2.35
CA LEU A 438 -22.86 -35.78 3.07
C LEU A 438 -22.56 -34.28 2.98
N PHE A 439 -22.79 -33.68 1.81
CA PHE A 439 -22.58 -32.24 1.68
C PHE A 439 -23.64 -31.47 2.47
N GLY A 440 -24.88 -31.95 2.49
CA GLY A 440 -25.89 -31.31 3.30
C GLY A 440 -25.61 -31.41 4.78
N ILE A 441 -25.12 -32.57 5.23
CA ILE A 441 -24.75 -32.74 6.63
C ILE A 441 -23.60 -31.82 6.99
N PHE A 442 -22.62 -31.68 6.10
CA PHE A 442 -21.49 -30.79 6.35
C PHE A 442 -21.94 -29.35 6.50
N ASN A 443 -22.89 -28.91 5.66
CA ASN A 443 -23.35 -27.54 5.74
C ASN A 443 -24.00 -27.23 7.08
N LEU A 444 -24.85 -28.15 7.57
CA LEU A 444 -25.49 -27.93 8.87
C LEU A 444 -24.45 -27.87 9.99
N VAL A 445 -23.46 -28.75 9.96
CA VAL A 445 -22.40 -28.71 10.96
C VAL A 445 -21.58 -27.43 10.83
N TYR A 446 -21.25 -27.04 9.60
CA TYR A 446 -20.40 -25.88 9.40
C TYR A 446 -21.08 -24.59 9.88
N TRP A 447 -22.34 -24.38 9.49
CA TRP A 447 -23.01 -23.14 9.83
C TRP A 447 -23.37 -23.09 11.32
N ALA A 448 -23.84 -24.20 11.88
CA ALA A 448 -24.16 -24.23 13.31
C ALA A 448 -22.91 -24.05 14.17
N THR A 449 -21.74 -24.41 13.66
CA THR A 449 -20.50 -24.23 14.41
C THR A 449 -20.15 -22.76 14.56
N TYR A 450 -20.28 -21.98 13.49
CA TYR A 450 -19.80 -20.61 13.48
C TYR A 450 -20.88 -19.57 13.73
N LEU A 451 -22.14 -19.86 13.36
CA LEU A 451 -23.21 -18.91 13.61
C LEU A 451 -23.75 -18.97 15.03
N ASN A 452 -23.28 -19.92 15.85
CA ASN A 452 -23.70 -20.02 17.24
C ASN A 452 -22.64 -19.53 18.21
N ARG A 453 -21.63 -18.82 17.73
CA ARG A 453 -20.59 -18.28 18.60
C ARG A 453 -20.85 -16.80 18.90
N SER B 35 10.36 53.52 -0.39
CA SER B 35 10.75 54.51 0.61
C SER B 35 9.56 54.95 1.45
N PHE B 36 8.59 55.60 0.80
CA PHE B 36 7.37 56.00 1.51
C PHE B 36 6.51 54.79 1.84
N VAL B 37 6.50 53.79 0.96
CA VAL B 37 5.75 52.56 1.23
C VAL B 37 6.37 51.81 2.40
N LYS B 38 7.70 51.80 2.49
CA LYS B 38 8.37 51.11 3.58
C LYS B 38 8.00 51.71 4.93
N GLU B 39 7.90 53.05 5.00
CA GLU B 39 7.52 53.70 6.24
C GLU B 39 6.09 53.33 6.65
N THR B 40 5.17 53.29 5.68
CA THR B 40 3.78 52.97 5.98
C THR B 40 3.62 51.53 6.43
N VAL B 41 4.28 50.60 5.74
CA VAL B 41 4.14 49.18 6.09
C VAL B 41 4.74 48.91 7.47
N ASP B 42 5.91 49.49 7.76
CA ASP B 42 6.52 49.30 9.06
C ASP B 42 5.66 49.91 10.17
N LYS B 43 5.00 51.03 9.88
CA LYS B 43 4.14 51.66 10.87
C LYS B 43 2.95 50.77 11.21
N LEU B 44 2.37 50.11 10.20
CA LEU B 44 1.21 49.26 10.43
C LEU B 44 1.53 48.11 11.37
N LEU B 45 2.68 47.47 11.18
CA LEU B 45 3.05 46.31 11.97
C LEU B 45 3.61 46.66 13.35
N LYS B 46 3.88 47.94 13.59
CA LYS B 46 4.39 48.37 14.89
C LYS B 46 3.24 48.48 15.88
N GLY B 47 3.33 47.71 16.97
CA GLY B 47 2.28 47.68 17.97
C GLY B 47 1.12 46.75 17.66
N TYR B 48 1.13 46.08 16.50
CA TYR B 48 0.06 45.16 16.16
C TYR B 48 0.05 43.98 17.12
N ASP B 49 -1.15 43.64 17.61
CA ASP B 49 -1.34 42.54 18.55
C ASP B 49 -2.04 41.41 17.81
N ILE B 50 -1.29 40.36 17.46
CA ILE B 50 -1.85 39.24 16.72
C ILE B 50 -2.89 38.50 17.55
N ARG B 51 -2.78 38.56 18.88
CA ARG B 51 -3.67 37.80 19.75
C ARG B 51 -5.09 38.33 19.77
N LEU B 52 -5.33 39.53 19.27
CA LEU B 52 -6.66 40.16 19.32
C LEU B 52 -7.25 40.22 17.92
N ARG B 53 -8.49 39.76 17.78
CA ARG B 53 -9.19 39.85 16.51
C ARG B 53 -9.60 41.30 16.23
N PRO B 54 -9.85 41.65 14.97
CA PRO B 54 -10.41 42.97 14.67
C PRO B 54 -11.76 43.16 15.36
N ASP B 55 -11.97 44.38 15.86
CA ASP B 55 -13.15 44.71 16.66
C ASP B 55 -13.32 43.72 17.82
N PHE B 56 -12.31 43.71 18.70
CA PHE B 56 -12.25 42.71 19.75
C PHE B 56 -13.46 42.78 20.68
N GLY B 57 -13.87 43.99 21.06
CA GLY B 57 -15.01 44.18 21.93
C GLY B 57 -16.28 44.66 21.24
N GLY B 58 -16.35 44.60 19.92
CA GLY B 58 -17.49 45.13 19.21
C GLY B 58 -18.21 44.08 18.39
N PRO B 59 -18.72 44.48 17.22
CA PRO B 59 -19.48 43.54 16.39
C PRO B 59 -18.58 42.44 15.87
N PRO B 60 -19.15 41.27 15.56
CA PRO B 60 -18.33 40.19 14.99
C PRO B 60 -17.73 40.58 13.65
N VAL B 61 -16.52 40.08 13.41
CA VAL B 61 -15.83 40.35 12.15
C VAL B 61 -16.43 39.47 11.06
N CYS B 62 -16.86 40.09 9.96
CA CYS B 62 -17.48 39.38 8.86
C CYS B 62 -16.40 38.88 7.91
N VAL B 63 -16.28 37.56 7.79
CA VAL B 63 -15.26 36.93 6.95
C VAL B 63 -15.95 36.32 5.75
N GLY B 64 -15.65 36.82 4.56
CA GLY B 64 -16.17 36.28 3.32
C GLY B 64 -15.17 35.33 2.68
N MET B 65 -15.68 34.28 2.05
CA MET B 65 -14.86 33.24 1.46
C MET B 65 -15.33 32.92 0.06
N ASN B 66 -14.36 32.70 -0.83
CA ASN B 66 -14.63 32.17 -2.16
C ASN B 66 -13.53 31.18 -2.51
N ILE B 67 -13.88 30.19 -3.33
CA ILE B 67 -13.00 29.08 -3.62
C ILE B 67 -12.90 28.91 -5.14
N ASP B 68 -11.71 28.59 -5.62
CA ASP B 68 -11.49 28.20 -7.01
C ASP B 68 -10.95 26.78 -7.01
N ILE B 69 -11.77 25.83 -7.47
CA ILE B 69 -11.39 24.42 -7.46
C ILE B 69 -10.42 24.18 -8.61
N ALA B 70 -9.14 23.94 -8.28
CA ALA B 70 -8.16 23.69 -9.32
C ALA B 70 -8.36 22.32 -9.95
N SER B 71 -8.59 21.29 -9.14
CA SER B 71 -8.80 19.95 -9.66
C SER B 71 -9.44 19.09 -8.58
N ILE B 72 -10.06 17.99 -9.02
CA ILE B 72 -10.58 16.95 -8.14
C ILE B 72 -10.10 15.61 -8.67
N ASP B 73 -9.63 14.75 -7.76
CA ASP B 73 -9.09 13.45 -8.16
C ASP B 73 -9.15 12.51 -6.96
N MET B 74 -8.76 11.26 -7.21
CA MET B 74 -8.65 10.23 -6.18
C MET B 74 -9.95 10.06 -5.39
N VAL B 75 -11.06 9.98 -6.12
CA VAL B 75 -12.33 9.60 -5.51
C VAL B 75 -12.27 8.12 -5.18
N SER B 76 -12.08 7.80 -3.91
CA SER B 76 -11.81 6.43 -3.47
C SER B 76 -13.05 5.87 -2.79
N GLU B 77 -13.67 4.86 -3.42
CA GLU B 77 -14.77 4.15 -2.78
C GLU B 77 -14.28 3.29 -1.63
N VAL B 78 -13.04 2.80 -1.69
CA VAL B 78 -12.50 1.97 -0.63
C VAL B 78 -12.27 2.80 0.63
N ASN B 79 -11.66 3.97 0.48
CA ASN B 79 -11.36 4.83 1.62
C ASN B 79 -12.49 5.79 1.95
N MET B 80 -13.51 5.88 1.10
CA MET B 80 -14.66 6.78 1.31
C MET B 80 -14.22 8.22 1.50
N ASP B 81 -13.44 8.73 0.53
CA ASP B 81 -12.95 10.09 0.60
C ASP B 81 -12.62 10.56 -0.80
N TYR B 82 -12.21 11.83 -0.92
CA TYR B 82 -11.79 12.39 -2.19
C TYR B 82 -10.77 13.48 -1.92
N THR B 83 -9.98 13.79 -2.96
CA THR B 83 -8.91 14.78 -2.86
C THR B 83 -9.16 15.89 -3.87
N LEU B 84 -9.11 17.13 -3.40
CA LEU B 84 -9.29 18.29 -4.27
C LEU B 84 -8.25 19.34 -3.94
N THR B 85 -7.77 20.03 -4.97
CA THR B 85 -6.86 21.15 -4.83
C THR B 85 -7.60 22.43 -5.16
N MET B 86 -7.47 23.45 -4.30
CA MET B 86 -8.26 24.65 -4.45
C MET B 86 -7.47 25.87 -4.00
N TYR B 87 -7.90 27.03 -4.46
CA TYR B 87 -7.41 28.33 -3.98
C TYR B 87 -8.43 28.87 -3.00
N PHE B 88 -8.10 28.80 -1.70
CA PHE B 88 -9.02 29.18 -0.63
C PHE B 88 -8.69 30.60 -0.19
N GLN B 89 -9.59 31.54 -0.48
CA GLN B 89 -9.38 32.94 -0.20
C GLN B 89 -10.39 33.43 0.83
N GLN B 90 -9.90 34.16 1.84
CA GLN B 90 -10.73 34.72 2.89
C GLN B 90 -10.64 36.23 2.86
N TYR B 91 -11.79 36.89 2.98
CA TYR B 91 -11.88 38.35 2.98
C TYR B 91 -12.40 38.83 4.32
N TRP B 92 -11.70 39.79 4.92
CA TRP B 92 -12.18 40.44 6.12
C TRP B 92 -11.58 41.84 6.20
N ARG B 93 -12.17 42.67 7.04
CA ARG B 93 -11.76 44.06 7.22
C ARG B 93 -11.12 44.23 8.59
N ASP B 94 -9.95 44.88 8.62
CA ASP B 94 -9.24 45.17 9.86
C ASP B 94 -8.87 46.65 9.86
N LYS B 95 -9.51 47.42 10.73
CA LYS B 95 -9.26 48.86 10.78
C LYS B 95 -7.83 49.17 11.22
N ARG B 96 -7.21 48.27 11.98
CA ARG B 96 -5.83 48.50 12.43
C ARG B 96 -4.84 48.49 11.27
N LEU B 97 -5.19 47.91 10.13
CA LEU B 97 -4.29 47.81 8.98
C LEU B 97 -4.62 48.82 7.89
N ALA B 98 -5.48 49.80 8.18
CA ALA B 98 -5.81 50.83 7.21
C ALA B 98 -4.65 51.81 7.07
N TYR B 99 -4.38 52.21 5.83
CA TYR B 99 -3.32 53.17 5.52
C TYR B 99 -3.83 54.19 4.52
N SER B 100 -3.23 55.37 4.54
CA SER B 100 -3.64 56.48 3.71
C SER B 100 -2.43 57.06 2.98
N GLY B 101 -2.71 57.75 1.87
CA GLY B 101 -1.68 58.33 1.04
C GLY B 101 -1.15 57.44 -0.06
N ILE B 102 -1.54 56.17 -0.08
CA ILE B 102 -1.10 55.26 -1.14
C ILE B 102 -2.33 54.69 -1.84
N PRO B 103 -2.54 55.00 -3.13
CA PRO B 103 -3.71 54.46 -3.84
C PRO B 103 -3.54 53.02 -4.29
N LEU B 104 -2.39 52.40 -4.07
CA LEU B 104 -2.13 51.05 -4.54
C LEU B 104 -2.62 50.02 -3.53
N ASN B 105 -2.84 48.80 -4.02
CA ASN B 105 -3.13 47.66 -3.17
C ASN B 105 -1.82 46.93 -2.89
N LEU B 106 -1.38 46.94 -1.64
CA LEU B 106 -0.05 46.46 -1.28
C LEU B 106 -0.07 44.94 -1.20
N THR B 107 0.62 44.27 -2.11
CA THR B 107 0.84 42.84 -2.05
C THR B 107 2.16 42.59 -1.32
N LEU B 108 2.07 41.97 -0.15
CA LEU B 108 3.24 41.75 0.69
C LEU B 108 3.75 40.32 0.53
N ASP B 109 4.98 40.10 1.01
CA ASP B 109 5.55 38.75 1.06
C ASP B 109 4.70 37.86 1.95
N ASN B 110 4.61 36.59 1.58
CA ASN B 110 3.74 35.66 2.28
C ASN B 110 4.14 35.46 3.74
N ARG B 111 5.39 35.77 4.09
CA ARG B 111 5.84 35.59 5.47
C ARG B 111 5.22 36.59 6.42
N VAL B 112 4.62 37.67 5.90
CA VAL B 112 3.95 38.65 6.76
C VAL B 112 2.66 38.12 7.36
N ALA B 113 2.14 37.01 6.84
CA ALA B 113 0.91 36.44 7.39
C ALA B 113 1.10 35.95 8.81
N ASP B 114 2.34 35.59 9.19
CA ASP B 114 2.60 35.16 10.56
C ASP B 114 2.56 36.29 11.56
N GLN B 115 2.58 37.54 11.10
CA GLN B 115 2.54 38.70 11.98
C GLN B 115 1.15 39.33 12.06
N LEU B 116 0.17 38.80 11.36
CA LEU B 116 -1.18 39.34 11.34
C LEU B 116 -2.15 38.34 11.95
N TRP B 117 -3.34 38.82 12.29
CA TRP B 117 -4.42 37.95 12.72
C TRP B 117 -5.13 37.36 11.50
N VAL B 118 -5.35 36.05 11.54
CA VAL B 118 -6.10 35.37 10.48
C VAL B 118 -7.18 34.51 11.14
N PRO B 119 -8.29 34.25 10.47
CA PRO B 119 -9.33 33.40 11.07
C PRO B 119 -8.83 31.98 11.28
N ASP B 120 -9.38 31.33 12.30
CA ASP B 120 -9.03 29.94 12.61
C ASP B 120 -9.90 28.96 11.82
N THR B 121 -9.91 29.16 10.50
CA THR B 121 -10.74 28.33 9.63
C THR B 121 -10.15 26.94 9.48
N TYR B 122 -11.00 25.93 9.65
CA TYR B 122 -10.60 24.54 9.46
C TYR B 122 -11.71 23.80 8.73
N PHE B 123 -11.37 22.62 8.21
CA PHE B 123 -12.31 21.79 7.47
C PHE B 123 -12.67 20.58 8.34
N LEU B 124 -13.96 20.43 8.62
CA LEU B 124 -14.39 19.43 9.58
C LEU B 124 -14.17 18.01 9.07
N ASN B 125 -14.48 17.75 7.79
CA ASN B 125 -14.36 16.42 7.22
C ASN B 125 -13.03 16.18 6.55
N ASP B 126 -12.07 17.08 6.71
CA ASP B 126 -10.75 16.89 6.10
C ASP B 126 -9.96 15.83 6.86
N LYS B 127 -9.38 14.89 6.12
CA LYS B 127 -8.55 13.84 6.70
C LYS B 127 -7.07 14.21 6.70
N LYS B 128 -6.58 14.80 5.61
CA LYS B 128 -5.16 15.10 5.48
C LYS B 128 -5.01 16.22 4.45
N SER B 129 -4.57 17.39 4.89
CA SER B 129 -4.42 18.54 4.02
C SER B 129 -3.06 19.20 4.23
N PHE B 130 -2.58 19.88 3.19
CA PHE B 130 -1.32 20.60 3.26
C PHE B 130 -1.38 21.78 2.32
N VAL B 131 -0.52 22.77 2.58
CA VAL B 131 -0.34 23.91 1.70
C VAL B 131 0.94 23.71 0.90
N HIS B 132 0.83 23.84 -0.42
CA HIS B 132 1.99 23.63 -1.28
C HIS B 132 3.08 24.66 -0.97
N GLY B 133 4.33 24.22 -1.03
CA GLY B 133 5.44 25.08 -0.64
C GLY B 133 6.55 25.18 -1.65
N VAL B 134 6.22 25.09 -2.93
CA VAL B 134 7.19 25.23 -4.02
C VAL B 134 6.69 26.29 -4.97
N THR B 135 7.56 27.26 -5.30
CA THR B 135 8.93 27.35 -4.79
C THR B 135 8.96 27.86 -3.36
N VAL B 136 8.01 28.74 -3.04
CA VAL B 136 7.80 29.19 -1.66
C VAL B 136 6.40 28.74 -1.24
N LYS B 137 6.03 29.02 0.01
CA LYS B 137 4.70 28.66 0.48
C LYS B 137 3.63 29.40 -0.32
N ASN B 138 2.67 28.65 -0.84
CA ASN B 138 1.63 29.19 -1.71
C ASN B 138 0.61 29.94 -0.85
N ARG B 139 0.95 31.18 -0.53
CA ARG B 139 0.12 32.02 0.33
C ARG B 139 0.30 33.47 -0.09
N MET B 140 -0.78 34.24 -0.01
CA MET B 140 -0.74 35.66 -0.36
C MET B 140 -1.41 36.49 0.71
N ILE B 141 -0.86 37.69 0.94
CA ILE B 141 -1.48 38.71 1.78
C ILE B 141 -1.52 39.99 0.99
N ARG B 142 -2.72 40.54 0.79
CA ARG B 142 -2.89 41.78 0.06
C ARG B 142 -3.70 42.75 0.90
N LEU B 143 -3.16 43.94 1.11
CA LEU B 143 -3.82 44.96 1.91
C LEU B 143 -4.43 46.04 1.02
N HIS B 144 -5.49 46.66 1.52
CA HIS B 144 -6.18 47.72 0.81
C HIS B 144 -6.27 48.95 1.69
N PRO B 145 -6.32 50.15 1.10
CA PRO B 145 -6.26 51.37 1.91
C PRO B 145 -7.39 51.49 2.93
N ASP B 146 -8.54 50.89 2.68
CA ASP B 146 -9.65 50.95 3.63
C ASP B 146 -9.52 49.94 4.76
N GLY B 147 -8.48 49.11 4.76
CA GLY B 147 -8.28 48.11 5.77
C GLY B 147 -8.70 46.71 5.38
N THR B 148 -9.15 46.50 4.15
CA THR B 148 -9.56 45.17 3.72
C THR B 148 -8.34 44.28 3.52
N VAL B 149 -8.43 43.05 4.03
CA VAL B 149 -7.35 42.08 3.92
C VAL B 149 -7.83 40.93 3.05
N LEU B 150 -7.03 40.58 2.05
CA LEU B 150 -7.24 39.39 1.23
C LEU B 150 -6.18 38.35 1.57
N TYR B 151 -6.62 37.16 1.98
CA TYR B 151 -5.73 36.11 2.46
C TYR B 151 -6.03 34.85 1.67
N GLY B 152 -5.11 34.47 0.78
CA GLY B 152 -5.31 33.35 -0.12
C GLY B 152 -4.36 32.21 0.20
N LEU B 153 -4.89 30.98 0.09
CA LEU B 153 -4.10 29.77 0.30
C LEU B 153 -4.39 28.79 -0.83
N ARG B 154 -3.37 28.02 -1.19
CA ARG B 154 -3.50 26.94 -2.16
C ARG B 154 -3.39 25.63 -1.40
N ILE B 155 -4.52 24.95 -1.22
CA ILE B 155 -4.65 23.83 -0.31
C ILE B 155 -5.04 22.59 -1.10
N THR B 156 -4.36 21.47 -0.84
CA THR B 156 -4.77 20.16 -1.32
C THR B 156 -5.24 19.36 -0.10
N THR B 157 -6.54 19.11 -0.01
CA THR B 157 -7.14 18.47 1.13
C THR B 157 -7.85 17.19 0.74
N THR B 158 -7.80 16.20 1.61
CA THR B 158 -8.53 14.95 1.44
C THR B 158 -9.71 14.96 2.41
N ALA B 159 -10.92 15.07 1.86
CA ALA B 159 -12.13 15.23 2.66
C ALA B 159 -12.90 13.93 2.69
N ALA B 160 -13.36 13.55 3.88
CA ALA B 160 -14.14 12.33 4.04
C ALA B 160 -15.51 12.49 3.43
N CYS B 161 -15.94 11.49 2.66
CA CYS B 161 -17.24 11.49 2.01
C CYS B 161 -17.90 10.13 2.24
N MET B 162 -19.01 10.13 2.99
CA MET B 162 -19.75 8.90 3.22
C MET B 162 -20.49 8.49 1.95
N MET B 163 -20.16 7.32 1.42
CA MET B 163 -20.70 6.86 0.16
C MET B 163 -21.59 5.65 0.36
N ASP B 164 -22.74 5.65 -0.31
CA ASP B 164 -23.65 4.51 -0.33
C ASP B 164 -23.53 3.87 -1.71
N LEU B 165 -23.02 2.64 -1.75
CA LEU B 165 -22.70 1.97 -3.00
C LEU B 165 -23.60 0.76 -3.26
N ARG B 166 -24.78 0.72 -2.65
CA ARG B 166 -25.69 -0.39 -2.91
C ARG B 166 -26.18 -0.40 -4.35
N ARG B 167 -26.16 0.75 -5.03
CA ARG B 167 -26.56 0.84 -6.43
C ARG B 167 -25.37 0.86 -7.38
N TYR B 168 -24.17 0.63 -6.87
CA TYR B 168 -22.97 0.62 -7.70
C TYR B 168 -23.11 -0.44 -8.79
N PRO B 169 -22.79 -0.13 -10.05
CA PRO B 169 -22.18 1.12 -10.56
C PRO B 169 -23.19 2.21 -10.95
N LEU B 170 -24.49 1.99 -10.80
CA LEU B 170 -25.48 3.00 -11.15
C LEU B 170 -25.85 3.86 -9.94
N ASP B 171 -24.83 4.42 -9.30
CA ASP B 171 -25.00 5.16 -8.06
C ASP B 171 -24.66 6.63 -8.26
N GLU B 172 -25.30 7.47 -7.46
CA GLU B 172 -25.06 8.91 -7.47
C GLU B 172 -24.60 9.32 -6.08
N GLN B 173 -23.47 10.01 -6.00
CA GLN B 173 -22.85 10.35 -4.74
C GLN B 173 -22.96 11.84 -4.48
N ASN B 174 -22.97 12.20 -3.19
CA ASN B 174 -23.04 13.59 -2.74
C ASN B 174 -21.92 13.80 -1.73
N CYS B 175 -20.85 14.44 -2.15
CA CYS B 175 -19.69 14.70 -1.29
C CYS B 175 -19.63 16.18 -0.96
N THR B 176 -19.34 16.49 0.31
CA THR B 176 -19.39 17.84 0.81
C THR B 176 -18.02 18.27 1.31
N LEU B 177 -17.91 19.56 1.64
CA LEU B 177 -16.73 20.12 2.29
C LEU B 177 -17.23 21.11 3.35
N GLU B 178 -16.99 20.79 4.61
CA GLU B 178 -17.51 21.58 5.72
C GLU B 178 -16.44 22.57 6.19
N ILE B 179 -16.79 23.86 6.19
CA ILE B 179 -15.89 24.92 6.62
C ILE B 179 -16.45 25.54 7.89
N GLU B 180 -15.62 25.65 8.92
CA GLU B 180 -16.08 26.08 10.23
C GLU B 180 -14.96 26.81 10.96
N SER B 181 -15.33 27.56 11.99
CA SER B 181 -14.39 28.24 12.86
C SER B 181 -14.19 27.40 14.12
N TYR B 182 -12.93 27.14 14.47
CA TYR B 182 -12.64 26.21 15.56
C TYR B 182 -13.01 26.80 16.92
N GLY B 183 -12.62 28.05 17.17
CA GLY B 183 -12.78 28.59 18.51
C GLY B 183 -13.48 29.94 18.60
N TYR B 184 -14.36 30.23 17.65
CA TYR B 184 -15.12 31.46 17.66
C TYR B 184 -16.58 31.16 17.36
N THR B 185 -17.47 31.78 18.14
CA THR B 185 -18.91 31.68 17.92
C THR B 185 -19.37 32.82 17.02
N THR B 186 -20.67 32.87 16.75
CA THR B 186 -21.23 33.94 15.94
C THR B 186 -21.18 35.29 16.64
N ASP B 187 -20.94 35.32 17.96
CA ASP B 187 -20.73 36.58 18.66
C ASP B 187 -19.37 37.20 18.36
N ASP B 188 -18.47 36.47 17.69
CA ASP B 188 -17.13 36.95 17.40
C ASP B 188 -16.78 36.92 15.93
N ILE B 189 -17.27 35.94 15.17
CA ILE B 189 -16.93 35.81 13.76
C ILE B 189 -18.18 35.34 13.01
N GLU B 190 -18.28 35.74 11.74
CA GLU B 190 -19.37 35.32 10.89
C GLU B 190 -18.84 34.97 9.51
N PHE B 191 -19.39 33.91 8.91
CA PHE B 191 -18.96 33.45 7.60
C PHE B 191 -20.07 33.70 6.58
N TYR B 192 -19.68 34.12 5.38
CA TYR B 192 -20.60 34.21 4.26
C TYR B 192 -19.84 33.91 2.97
N TRP B 193 -20.59 33.48 1.96
CA TRP B 193 -20.01 33.24 0.65
C TRP B 193 -19.90 34.56 -0.11
N ARG B 194 -18.68 34.95 -0.45
CA ARG B 194 -18.43 36.21 -1.14
C ARG B 194 -18.74 36.03 -2.62
N GLY B 195 -19.76 36.73 -3.10
CA GLY B 195 -20.24 36.54 -4.45
C GLY B 195 -21.50 35.71 -4.59
N GLY B 196 -22.10 35.30 -3.47
CA GLY B 196 -23.32 34.53 -3.57
C GLY B 196 -23.07 33.17 -4.18
N ASP B 197 -23.92 32.79 -5.13
CA ASP B 197 -23.81 31.50 -5.79
C ASP B 197 -22.61 31.40 -6.71
N LYS B 198 -21.91 32.50 -6.97
CA LYS B 198 -20.71 32.50 -7.79
C LYS B 198 -19.44 32.48 -6.96
N ALA B 199 -19.54 32.20 -5.66
CA ALA B 199 -18.35 32.18 -4.81
C ALA B 199 -17.40 31.06 -5.22
N VAL B 200 -17.93 29.89 -5.53
CA VAL B 200 -17.11 28.76 -5.97
C VAL B 200 -17.07 28.73 -7.49
N THR B 201 -15.86 28.71 -8.04
CA THR B 201 -15.65 28.76 -9.48
C THR B 201 -14.72 27.62 -9.90
N GLY B 202 -14.78 27.27 -11.18
CA GLY B 202 -13.95 26.21 -11.71
C GLY B 202 -14.54 24.82 -11.64
N VAL B 203 -15.78 24.68 -11.16
CA VAL B 203 -16.39 23.36 -11.07
C VAL B 203 -16.71 22.82 -12.47
N GLU B 204 -17.17 23.68 -13.37
CA GLU B 204 -17.60 23.24 -14.69
C GLU B 204 -16.43 22.74 -15.53
N ARG B 205 -15.20 23.07 -15.17
CA ARG B 205 -14.03 22.63 -15.94
C ARG B 205 -13.41 21.36 -15.40
N ILE B 206 -13.98 20.77 -14.35
CA ILE B 206 -13.41 19.57 -13.75
C ILE B 206 -13.79 18.36 -14.59
N GLU B 207 -12.81 17.56 -14.96
CA GLU B 207 -13.02 16.31 -15.69
C GLU B 207 -12.65 15.14 -14.81
N LEU B 208 -13.66 14.34 -14.44
CA LEU B 208 -13.44 13.10 -13.70
C LEU B 208 -13.59 11.92 -14.63
N PRO B 209 -12.60 11.02 -14.70
CA PRO B 209 -12.73 9.89 -15.62
C PRO B 209 -13.93 9.00 -15.36
N GLN B 210 -14.30 8.80 -14.10
CA GLN B 210 -15.38 7.90 -13.75
C GLN B 210 -16.69 8.61 -13.38
N PHE B 211 -16.67 9.92 -13.21
CA PHE B 211 -17.82 10.65 -12.70
C PHE B 211 -18.14 11.85 -13.58
N SER B 212 -19.28 12.45 -13.30
CA SER B 212 -19.72 13.70 -13.91
C SER B 212 -20.39 14.54 -12.83
N ILE B 213 -20.00 15.80 -12.72
CA ILE B 213 -20.55 16.68 -11.69
C ILE B 213 -21.87 17.24 -12.19
N VAL B 214 -22.98 16.73 -11.62
CA VAL B 214 -24.30 17.17 -12.05
C VAL B 214 -24.55 18.61 -11.63
N GLU B 215 -24.24 18.94 -10.37
CA GLU B 215 -24.46 20.29 -9.86
C GLU B 215 -23.66 20.44 -8.57
N HIS B 216 -23.56 21.69 -8.12
CA HIS B 216 -22.97 22.01 -6.82
C HIS B 216 -23.83 23.06 -6.14
N ARG B 217 -23.80 23.06 -4.81
CA ARG B 217 -24.61 23.96 -4.02
C ARG B 217 -23.76 24.61 -2.93
N LEU B 218 -24.17 25.80 -2.52
CA LEU B 218 -23.52 26.53 -1.43
C LEU B 218 -24.53 26.75 -0.32
N VAL B 219 -24.15 26.38 0.90
CA VAL B 219 -25.03 26.49 2.07
C VAL B 219 -24.30 27.31 3.11
N SER B 220 -25.00 28.32 3.66
CA SER B 220 -24.48 29.16 4.73
C SER B 220 -25.45 29.08 5.90
N ARG B 221 -25.08 28.35 6.94
CA ARG B 221 -25.96 28.15 8.09
C ARG B 221 -25.15 28.26 9.36
N ASN B 222 -25.87 28.48 10.47
CA ASN B 222 -25.28 28.53 11.80
C ASN B 222 -25.61 27.26 12.56
N VAL B 223 -24.59 26.60 13.08
CA VAL B 223 -24.78 25.38 13.88
C VAL B 223 -25.15 25.79 15.30
N VAL B 224 -26.46 25.89 15.56
CA VAL B 224 -26.94 26.40 16.85
C VAL B 224 -26.80 25.30 17.91
N PHE B 225 -26.10 25.62 18.99
CA PHE B 225 -25.92 24.72 20.12
C PHE B 225 -26.33 25.44 21.40
N ALA B 226 -26.29 24.72 22.51
CA ALA B 226 -26.62 25.33 23.80
C ALA B 226 -25.61 26.43 24.16
N THR B 227 -24.32 26.17 23.92
CA THR B 227 -23.32 27.19 24.20
C THR B 227 -23.49 28.42 23.33
N GLY B 228 -23.79 28.21 22.05
CA GLY B 228 -24.00 29.31 21.13
C GLY B 228 -23.93 28.83 19.70
N ALA B 229 -24.27 29.75 18.80
CA ALA B 229 -24.26 29.45 17.38
C ALA B 229 -22.85 29.51 16.82
N TYR B 230 -22.52 28.57 15.94
CA TYR B 230 -21.22 28.52 15.30
C TYR B 230 -21.39 28.66 13.79
N PRO B 231 -20.63 29.55 13.15
CA PRO B 231 -20.76 29.70 11.70
C PRO B 231 -20.28 28.46 10.96
N ARG B 232 -20.88 28.22 9.79
CA ARG B 232 -20.51 27.09 8.96
C ARG B 232 -20.84 27.39 7.51
N LEU B 233 -19.91 27.05 6.62
CA LEU B 233 -20.13 27.09 5.18
C LEU B 233 -19.96 25.68 4.62
N SER B 234 -20.86 25.29 3.73
CA SER B 234 -20.86 23.96 3.15
C SER B 234 -20.82 24.05 1.63
N LEU B 235 -19.88 23.34 1.03
CA LEU B 235 -19.78 23.19 -0.41
C LEU B 235 -19.94 21.72 -0.76
N SER B 236 -20.95 21.40 -1.56
CA SER B 236 -21.29 20.01 -1.86
C SER B 236 -21.38 19.80 -3.36
N PHE B 237 -20.85 18.67 -3.82
CA PHE B 237 -20.94 18.26 -5.22
C PHE B 237 -21.79 17.00 -5.31
N ARG B 238 -22.55 16.88 -6.38
CA ARG B 238 -23.30 15.67 -6.67
C ARG B 238 -22.63 14.96 -7.86
N LEU B 239 -21.97 13.85 -7.58
CA LEU B 239 -21.24 13.09 -8.59
C LEU B 239 -22.10 11.95 -9.10
N LYS B 240 -22.15 11.79 -10.42
CA LYS B 240 -22.89 10.71 -11.05
C LYS B 240 -21.89 9.82 -11.78
N ARG B 241 -21.85 8.54 -11.42
CA ARG B 241 -20.92 7.61 -12.04
C ARG B 241 -21.31 7.35 -13.49
N ASN B 242 -20.30 7.29 -14.35
CA ASN B 242 -20.53 7.00 -15.77
C ASN B 242 -20.62 5.49 -15.98
N ILE B 243 -21.69 5.06 -16.66
CA ILE B 243 -21.95 3.64 -16.86
C ILE B 243 -21.25 3.06 -18.07
N GLY B 244 -20.60 3.89 -18.89
CA GLY B 244 -20.04 3.39 -20.14
C GLY B 244 -18.95 2.36 -19.93
N TYR B 245 -18.13 2.54 -18.89
CA TYR B 245 -17.04 1.59 -18.64
C TYR B 245 -17.58 0.21 -18.32
N PHE B 246 -18.62 0.12 -17.50
CA PHE B 246 -19.13 -1.17 -17.04
C PHE B 246 -19.93 -1.89 -18.10
N ILE B 247 -20.52 -1.18 -19.07
CA ILE B 247 -21.24 -1.84 -20.14
C ILE B 247 -20.29 -2.71 -20.97
N LEU B 248 -19.11 -2.17 -21.29
CA LEU B 248 -18.17 -2.88 -22.15
C LEU B 248 -17.44 -4.00 -21.40
N GLN B 249 -17.19 -3.84 -20.12
CA GLN B 249 -16.37 -4.77 -19.36
C GLN B 249 -17.16 -5.78 -18.55
N THR B 250 -18.37 -5.43 -18.11
CA THR B 250 -19.14 -6.31 -17.23
C THR B 250 -20.43 -6.81 -17.87
N TYR B 251 -21.29 -5.91 -18.34
CA TYR B 251 -22.63 -6.33 -18.73
C TYR B 251 -22.64 -7.06 -20.07
N MET B 252 -22.00 -6.48 -21.08
CA MET B 252 -21.96 -7.13 -22.39
C MET B 252 -21.27 -8.49 -22.35
N PRO B 253 -20.10 -8.66 -21.71
CA PRO B 253 -19.54 -10.01 -21.62
C PRO B 253 -20.45 -11.02 -20.93
N SER B 254 -21.17 -10.59 -19.88
CA SER B 254 -22.05 -11.51 -19.17
C SER B 254 -23.25 -11.90 -20.01
N ILE B 255 -23.79 -10.96 -20.78
CA ILE B 255 -24.95 -11.25 -21.62
C ILE B 255 -24.59 -12.23 -22.73
N LEU B 256 -23.46 -11.98 -23.40
CA LEU B 256 -23.07 -12.82 -24.53
C LEU B 256 -22.76 -14.25 -24.08
N ILE B 257 -22.12 -14.40 -22.92
CA ILE B 257 -21.85 -15.74 -22.40
C ILE B 257 -23.16 -16.44 -22.03
N THR B 258 -24.10 -15.69 -21.44
CA THR B 258 -25.40 -16.27 -21.11
C THR B 258 -26.15 -16.71 -22.36
N ILE B 259 -26.07 -15.92 -23.43
CA ILE B 259 -26.73 -16.28 -24.68
C ILE B 259 -26.10 -17.55 -25.26
N LEU B 260 -24.77 -17.65 -25.20
CA LEU B 260 -24.09 -18.83 -25.75
C LEU B 260 -24.52 -20.10 -25.04
N SER B 261 -24.84 -20.03 -23.75
CA SER B 261 -25.28 -21.22 -23.03
C SER B 261 -26.61 -21.75 -23.54
N TRP B 262 -27.39 -20.92 -24.25
CA TRP B 262 -28.66 -21.35 -24.80
C TRP B 262 -28.51 -22.11 -26.10
N VAL B 263 -27.32 -22.11 -26.72
CA VAL B 263 -27.12 -22.83 -27.97
C VAL B 263 -27.33 -24.33 -27.76
N SER B 264 -27.00 -24.85 -26.59
CA SER B 264 -27.18 -26.26 -26.31
C SER B 264 -28.64 -26.70 -26.42
N PHE B 265 -29.58 -25.77 -26.25
CA PHE B 265 -30.99 -26.11 -26.41
C PHE B 265 -31.35 -26.47 -27.85
N TRP B 266 -30.57 -26.01 -28.82
CA TRP B 266 -30.78 -26.38 -30.21
C TRP B 266 -29.88 -27.52 -30.67
N ILE B 267 -28.97 -27.97 -29.82
CA ILE B 267 -28.14 -29.13 -30.13
C ILE B 267 -28.93 -30.40 -29.85
N ASN B 268 -28.76 -31.40 -30.70
CA ASN B 268 -29.47 -32.66 -30.52
C ASN B 268 -29.11 -33.29 -29.18
N TYR B 269 -30.13 -33.85 -28.52
CA TYR B 269 -29.94 -34.39 -27.17
C TYR B 269 -28.97 -35.56 -27.14
N ASP B 270 -28.74 -36.22 -28.28
CA ASP B 270 -27.79 -37.33 -28.32
C ASP B 270 -26.35 -36.86 -28.21
N ALA B 271 -26.06 -35.61 -28.58
CA ALA B 271 -24.70 -35.07 -28.51
C ALA B 271 -24.34 -34.76 -27.06
N SER B 272 -24.10 -35.85 -26.31
CA SER B 272 -23.79 -35.69 -24.89
C SER B 272 -22.47 -34.97 -24.68
N ALA B 273 -21.44 -35.33 -25.45
CA ALA B 273 -20.13 -34.73 -25.30
C ALA B 273 -20.09 -33.28 -25.75
N ALA B 274 -21.09 -32.81 -26.49
CA ALA B 274 -21.11 -31.43 -26.97
C ALA B 274 -21.92 -30.50 -26.07
N ARG B 275 -23.10 -30.93 -25.61
CA ARG B 275 -23.90 -30.08 -24.74
C ARG B 275 -23.26 -29.94 -23.37
N VAL B 276 -22.68 -31.01 -22.83
CA VAL B 276 -21.98 -30.93 -21.56
C VAL B 276 -20.76 -30.02 -21.68
N ALA B 277 -19.98 -30.19 -22.76
CA ALA B 277 -18.81 -29.34 -22.95
C ALA B 277 -19.20 -27.87 -23.12
N LEU B 278 -20.27 -27.61 -23.89
CA LEU B 278 -20.76 -26.25 -24.05
C LEU B 278 -21.29 -25.71 -22.73
N GLY B 279 -22.02 -26.51 -21.97
CA GLY B 279 -22.61 -26.03 -20.73
C GLY B 279 -21.58 -25.76 -19.65
N ILE B 280 -20.62 -26.67 -19.47
CA ILE B 280 -19.67 -26.54 -18.37
C ILE B 280 -18.59 -25.51 -18.66
N THR B 281 -18.33 -25.22 -19.93
CA THR B 281 -17.34 -24.19 -20.26
C THR B 281 -17.91 -22.78 -20.06
N THR B 282 -19.20 -22.60 -20.31
CA THR B 282 -19.82 -21.30 -20.03
C THR B 282 -19.87 -21.02 -18.53
N VAL B 283 -20.08 -22.07 -17.72
CA VAL B 283 -20.01 -21.90 -16.28
C VAL B 283 -18.61 -21.47 -15.86
N LEU B 284 -17.59 -22.10 -16.44
CA LEU B 284 -16.21 -21.69 -16.17
C LEU B 284 -15.95 -20.28 -16.69
N THR B 285 -16.51 -19.94 -17.85
CA THR B 285 -16.30 -18.60 -18.40
C THR B 285 -16.96 -17.53 -17.54
N MET B 286 -18.16 -17.80 -17.03
CA MET B 286 -18.81 -16.87 -16.12
C MET B 286 -17.99 -16.71 -14.84
N THR B 287 -17.45 -17.80 -14.32
CA THR B 287 -16.59 -17.71 -13.15
C THR B 287 -15.35 -16.89 -13.43
N THR B 288 -14.76 -17.06 -14.61
CA THR B 288 -13.58 -16.27 -14.97
C THR B 288 -13.91 -14.79 -15.03
N ILE B 289 -15.06 -14.44 -15.59
CA ILE B 289 -15.48 -13.04 -15.64
C ILE B 289 -15.71 -12.51 -14.22
N ASN B 290 -16.40 -13.28 -13.39
CA ASN B 290 -16.72 -12.83 -12.04
C ASN B 290 -15.46 -12.65 -11.21
N THR B 291 -14.51 -13.58 -11.29
CA THR B 291 -13.30 -13.48 -10.50
C THR B 291 -12.40 -12.35 -10.98
N HIS B 292 -12.37 -12.09 -12.29
CA HIS B 292 -11.58 -10.98 -12.81
C HIS B 292 -12.11 -9.64 -12.30
N LEU B 293 -13.42 -9.47 -12.31
CA LEU B 293 -14.00 -8.20 -11.85
C LEU B 293 -13.74 -7.98 -10.37
N ARG B 294 -13.75 -9.06 -9.58
CA ARG B 294 -13.47 -8.94 -8.15
C ARG B 294 -12.05 -8.44 -7.90
N GLU B 295 -11.13 -8.67 -8.84
CA GLU B 295 -9.74 -8.25 -8.68
C GLU B 295 -9.48 -6.84 -9.19
N THR B 296 -10.24 -6.38 -10.18
CA THR B 296 -9.99 -5.06 -10.76
C THR B 296 -10.90 -3.97 -10.20
N LEU B 297 -12.08 -4.33 -9.71
CA LEU B 297 -12.97 -3.35 -9.11
C LEU B 297 -12.54 -3.05 -7.69
N PRO B 298 -12.90 -1.89 -7.16
CA PRO B 298 -12.59 -1.58 -5.76
C PRO B 298 -13.25 -2.57 -4.81
N LYS B 299 -12.55 -2.87 -3.72
CA LYS B 299 -13.02 -3.84 -2.73
C LYS B 299 -14.08 -3.17 -1.86
N ILE B 300 -15.34 -3.52 -2.09
CA ILE B 300 -16.46 -2.99 -1.33
C ILE B 300 -17.23 -4.17 -0.75
N PRO B 301 -16.86 -4.64 0.44
CA PRO B 301 -17.40 -5.91 0.94
C PRO B 301 -18.85 -5.86 1.38
N TYR B 302 -19.75 -5.49 0.48
CA TYR B 302 -21.18 -5.73 0.68
C TYR B 302 -21.87 -5.78 -0.67
N VAL B 303 -23.09 -6.30 -0.67
CA VAL B 303 -23.79 -6.60 -1.91
C VAL B 303 -24.14 -5.30 -2.64
N LYS B 304 -23.74 -5.21 -3.89
CA LYS B 304 -24.01 -4.06 -4.75
C LYS B 304 -24.84 -4.50 -5.95
N ALA B 305 -25.28 -3.50 -6.73
CA ALA B 305 -26.05 -3.80 -7.93
C ALA B 305 -25.24 -4.58 -8.96
N ILE B 306 -23.91 -4.48 -8.92
CA ILE B 306 -23.08 -5.23 -9.86
C ILE B 306 -22.97 -6.69 -9.44
N ASP B 307 -23.13 -6.98 -8.14
CA ASP B 307 -23.06 -8.36 -7.68
C ASP B 307 -24.33 -9.13 -7.99
N MET B 308 -25.48 -8.47 -7.89
CA MET B 308 -26.75 -9.15 -8.18
C MET B 308 -26.85 -9.56 -9.64
N TYR B 309 -26.37 -8.70 -10.55
CA TYR B 309 -26.45 -9.03 -11.97
C TYR B 309 -25.51 -10.17 -12.32
N LEU B 310 -24.27 -10.13 -11.83
CA LEU B 310 -23.32 -11.19 -12.10
C LEU B 310 -23.79 -12.52 -11.52
N MET B 311 -24.34 -12.49 -10.30
CA MET B 311 -24.87 -13.71 -9.69
C MET B 311 -26.06 -14.24 -10.48
N GLY B 312 -26.93 -13.33 -10.95
CA GLY B 312 -28.07 -13.76 -11.73
C GLY B 312 -27.67 -14.45 -13.03
N CYS B 313 -26.67 -13.89 -13.72
CA CYS B 313 -26.18 -14.53 -14.93
C CYS B 313 -25.54 -15.88 -14.62
N PHE B 314 -24.86 -15.99 -13.48
CA PHE B 314 -24.26 -17.26 -13.10
C PHE B 314 -25.31 -18.33 -12.85
N VAL B 315 -26.45 -17.94 -12.28
CA VAL B 315 -27.53 -18.89 -12.07
C VAL B 315 -28.10 -19.37 -13.39
N PHE B 316 -28.25 -18.45 -14.36
CA PHE B 316 -28.85 -18.83 -15.64
C PHE B 316 -28.00 -19.86 -16.37
N VAL B 317 -26.68 -19.67 -16.40
CA VAL B 317 -25.83 -20.68 -17.04
C VAL B 317 -25.79 -21.95 -16.20
N PHE B 318 -25.95 -21.83 -14.89
CA PHE B 318 -26.05 -23.02 -14.04
C PHE B 318 -27.30 -23.82 -14.36
N LEU B 319 -28.42 -23.15 -14.57
CA LEU B 319 -29.66 -23.84 -14.87
C LEU B 319 -29.67 -24.40 -16.28
N ALA B 320 -28.96 -23.76 -17.22
CA ALA B 320 -28.90 -24.26 -18.58
C ALA B 320 -28.22 -25.63 -18.64
N LEU B 321 -27.13 -25.79 -17.87
CA LEU B 321 -26.48 -27.10 -17.80
C LEU B 321 -27.34 -28.09 -17.03
N LEU B 322 -28.06 -27.63 -16.01
CA LEU B 322 -28.98 -28.50 -15.29
C LEU B 322 -30.10 -28.98 -16.19
N GLU B 323 -30.51 -28.17 -17.16
CA GLU B 323 -31.61 -28.55 -18.04
C GLU B 323 -31.27 -29.80 -18.85
N TYR B 324 -30.05 -29.87 -19.39
CA TYR B 324 -29.67 -31.04 -20.17
C TYR B 324 -29.56 -32.28 -19.30
N ALA B 325 -29.10 -32.13 -18.05
CA ALA B 325 -29.03 -33.27 -17.15
C ALA B 325 -30.41 -33.87 -16.92
N PHE B 326 -31.43 -33.02 -16.77
CA PHE B 326 -32.80 -33.52 -16.70
C PHE B 326 -33.20 -34.20 -18.00
N VAL B 327 -32.85 -33.61 -19.14
CA VAL B 327 -33.15 -34.21 -20.43
C VAL B 327 -32.43 -35.54 -20.59
N ASN B 328 -31.15 -35.58 -20.22
CA ASN B 328 -30.37 -36.80 -20.38
C ASN B 328 -30.89 -37.91 -19.46
N TYR B 329 -31.27 -37.57 -18.23
CA TYR B 329 -31.75 -38.59 -17.30
C TYR B 329 -33.09 -39.17 -17.73
N ILE B 330 -33.99 -38.32 -18.25
CA ILE B 330 -35.31 -38.80 -18.65
C ILE B 330 -35.19 -39.80 -19.79
N PHE B 331 -34.36 -39.49 -20.79
CA PHE B 331 -34.22 -40.38 -21.95
C PHE B 331 -33.50 -41.67 -21.58
N PHE B 332 -32.38 -41.58 -20.87
CA PHE B 332 -31.55 -42.74 -20.60
C PHE B 332 -31.89 -43.42 -19.28
N GLY B 333 -31.98 -42.64 -18.19
CA GLY B 333 -32.23 -43.24 -16.89
C GLY B 333 -33.59 -43.92 -16.80
N ARG B 334 -34.63 -43.23 -17.28
CA ARG B 334 -35.98 -43.77 -17.26
C ARG B 334 -36.43 -44.29 -18.62
N GLY B 335 -35.47 -44.65 -19.48
CA GLY B 335 -35.78 -45.14 -20.81
C GLY B 335 -36.33 -46.56 -20.83
N PRO B 336 -35.49 -47.53 -20.45
CA PRO B 336 -35.94 -48.92 -20.49
C PRO B 336 -37.15 -49.20 -19.62
N GLN B 337 -37.23 -48.56 -18.45
CA GLN B 337 -38.37 -48.78 -17.57
C GLN B 337 -39.63 -48.11 -18.11
N ARG B 338 -39.47 -46.98 -18.80
CA ARG B 338 -40.56 -46.22 -19.43
C ARG B 338 -41.85 -46.18 -18.61
N THR B 443 -42.32 -36.08 -19.24
CA THR B 443 -43.16 -36.20 -20.43
C THR B 443 -42.38 -36.77 -21.60
N ASP B 444 -42.05 -35.90 -22.56
CA ASP B 444 -41.28 -36.29 -23.74
C ASP B 444 -39.91 -35.64 -23.69
N VAL B 445 -38.91 -36.37 -24.19
CA VAL B 445 -37.52 -35.88 -24.14
C VAL B 445 -37.38 -34.62 -24.99
N ASN B 446 -37.97 -34.62 -26.20
CA ASN B 446 -37.83 -33.48 -27.09
C ASN B 446 -38.68 -32.29 -26.66
N ALA B 447 -39.70 -32.53 -25.81
CA ALA B 447 -40.56 -31.43 -25.38
C ALA B 447 -39.85 -30.52 -24.38
N ILE B 448 -38.98 -31.09 -23.54
CA ILE B 448 -38.27 -30.29 -22.55
C ILE B 448 -37.35 -29.29 -23.22
N ASP B 449 -36.61 -29.73 -24.23
CA ASP B 449 -35.75 -28.82 -24.98
C ASP B 449 -36.55 -27.76 -25.70
N ARG B 450 -37.66 -28.14 -26.33
CA ARG B 450 -38.49 -27.17 -27.04
C ARG B 450 -39.09 -26.16 -26.07
N TRP B 451 -39.50 -26.61 -24.89
CA TRP B 451 -40.00 -25.69 -23.86
C TRP B 451 -38.90 -24.74 -23.41
N SER B 452 -37.67 -25.24 -23.25
CA SER B 452 -36.58 -24.41 -22.75
C SER B 452 -36.11 -23.37 -23.77
N ARG B 453 -36.35 -23.60 -25.06
CA ARG B 453 -35.92 -22.64 -26.07
C ARG B 453 -36.67 -21.33 -26.00
N ILE B 454 -37.79 -21.28 -25.28
CA ILE B 454 -38.60 -20.08 -25.15
C ILE B 454 -38.50 -19.48 -23.75
N VAL B 455 -38.59 -20.32 -22.72
CA VAL B 455 -38.63 -19.82 -21.35
C VAL B 455 -37.30 -19.17 -20.98
N PHE B 456 -36.18 -19.81 -21.33
CA PHE B 456 -34.88 -19.26 -20.98
C PHE B 456 -34.62 -17.90 -21.61
N PRO B 457 -34.82 -17.68 -22.92
CA PRO B 457 -34.68 -16.32 -23.44
C PRO B 457 -35.69 -15.34 -22.87
N PHE B 458 -36.90 -15.80 -22.56
CA PHE B 458 -37.92 -14.91 -22.03
C PHE B 458 -37.60 -14.50 -20.59
N THR B 459 -37.22 -15.47 -19.75
CA THR B 459 -36.94 -15.16 -18.35
C THR B 459 -35.73 -14.26 -18.19
N PHE B 460 -34.69 -14.47 -19.01
CA PHE B 460 -33.50 -13.63 -18.91
C PHE B 460 -33.80 -12.19 -19.31
N SER B 461 -34.63 -12.00 -20.34
CA SER B 461 -35.05 -10.65 -20.70
C SER B 461 -35.94 -10.04 -19.63
N LEU B 462 -36.80 -10.84 -19.02
CA LEU B 462 -37.59 -10.35 -17.89
C LEU B 462 -36.71 -10.02 -16.70
N PHE B 463 -35.67 -10.82 -16.46
CA PHE B 463 -34.74 -10.51 -15.37
C PHE B 463 -34.02 -9.19 -15.63
N ASN B 464 -33.60 -8.95 -16.88
CA ASN B 464 -32.97 -7.69 -17.23
C ASN B 464 -33.95 -6.53 -17.08
N LEU B 465 -35.20 -6.73 -17.48
CA LEU B 465 -36.19 -5.65 -17.39
C LEU B 465 -36.42 -5.25 -15.95
N VAL B 466 -36.54 -6.22 -15.04
CA VAL B 466 -36.69 -5.91 -13.63
C VAL B 466 -35.44 -5.23 -13.09
N TYR B 467 -34.26 -5.73 -13.47
CA TYR B 467 -33.02 -5.19 -12.95
C TYR B 467 -32.82 -3.73 -13.38
N TRP B 468 -33.03 -3.44 -14.67
CA TRP B 468 -32.72 -2.11 -15.17
C TRP B 468 -33.74 -1.07 -14.73
N LEU B 469 -34.99 -1.47 -14.49
CA LEU B 469 -35.97 -0.52 -13.99
C LEU B 469 -35.78 -0.24 -12.50
N TYR B 470 -35.39 -1.26 -11.74
CA TYR B 470 -35.24 -1.09 -10.29
C TYR B 470 -34.08 -0.15 -9.96
N TYR B 471 -32.99 -0.24 -10.71
CA TYR B 471 -31.80 0.55 -10.42
C TYR B 471 -31.71 1.82 -11.25
N VAL B 472 -32.72 2.14 -12.06
CA VAL B 472 -32.75 3.39 -12.79
C VAL B 472 -34.07 4.12 -12.54
N ASP C 65 36.32 41.64 4.44
CA ASP C 65 36.18 42.26 3.13
C ASP C 65 34.80 41.94 2.55
N VAL C 66 34.61 40.68 2.15
CA VAL C 66 33.32 40.26 1.61
C VAL C 66 32.25 40.31 2.68
N THR C 67 32.60 40.00 3.93
CA THR C 67 31.62 40.03 5.00
C THR C 67 31.05 41.43 5.20
N VAL C 68 31.89 42.46 5.07
CA VAL C 68 31.41 43.84 5.19
C VAL C 68 30.42 44.15 4.07
N ILE C 69 30.73 43.70 2.85
CA ILE C 69 29.84 43.95 1.71
C ILE C 69 28.48 43.30 1.94
N LEU C 70 28.49 42.05 2.40
CA LEU C 70 27.25 41.33 2.65
C LEU C 70 26.44 41.99 3.76
N ASN C 71 27.13 42.43 4.83
CA ASN C 71 26.42 43.07 5.94
C ASN C 71 25.82 44.40 5.51
N ASN C 72 26.54 45.16 4.68
CA ASN C 72 26.03 46.46 4.24
C ASN C 72 24.77 46.32 3.41
N LEU C 73 24.73 45.32 2.53
CA LEU C 73 23.56 45.13 1.67
C LEU C 73 22.32 44.81 2.50
N LEU C 74 22.47 43.93 3.50
CA LEU C 74 21.32 43.52 4.30
C LEU C 74 20.86 44.61 5.26
N GLU C 75 21.70 45.60 5.53
CA GLU C 75 21.33 46.67 6.45
C GLU C 75 20.35 47.62 5.77
N GLY C 76 19.22 47.87 6.44
CA GLY C 76 18.17 48.68 5.86
C GLY C 76 17.53 48.08 4.63
N TYR C 77 17.33 46.76 4.63
CA TYR C 77 16.73 46.04 3.52
C TYR C 77 15.47 45.34 4.01
N ASP C 78 14.33 45.71 3.45
CA ASP C 78 13.05 45.10 3.79
C ASP C 78 12.67 44.12 2.69
N ASN C 79 12.56 42.83 3.06
CA ASN C 79 12.24 41.79 2.11
C ASN C 79 10.75 41.57 1.93
N LYS C 80 9.90 42.35 2.61
CA LYS C 80 8.47 42.29 2.37
C LYS C 80 8.06 43.01 1.09
N LEU C 81 8.92 43.87 0.56
CA LEU C 81 8.61 44.71 -0.59
C LEU C 81 9.41 44.23 -1.79
N ARG C 82 8.72 44.05 -2.92
CA ARG C 82 9.40 43.68 -4.15
C ARG C 82 10.22 44.86 -4.67
N PRO C 83 11.26 44.59 -5.45
CA PRO C 83 12.03 45.69 -6.05
C PRO C 83 11.16 46.55 -6.95
N ASP C 84 11.42 47.87 -6.92
CA ASP C 84 10.69 48.85 -7.72
C ASP C 84 9.19 48.77 -7.46
N ILE C 85 8.82 48.59 -6.20
CA ILE C 85 7.40 48.52 -5.83
C ILE C 85 6.78 49.90 -5.96
N GLY C 86 5.67 49.98 -6.69
CA GLY C 86 5.01 51.24 -6.94
C GLY C 86 5.58 52.06 -8.08
N VAL C 87 6.59 51.55 -8.78
CA VAL C 87 7.21 52.26 -9.90
C VAL C 87 6.96 51.55 -11.22
N LYS C 88 7.43 50.32 -11.36
CA LYS C 88 7.28 49.56 -12.59
C LYS C 88 7.23 48.09 -12.25
N PRO C 89 6.66 47.26 -13.12
CA PRO C 89 6.64 45.82 -12.86
C PRO C 89 8.04 45.23 -12.83
N THR C 90 8.22 44.22 -11.99
CA THR C 90 9.50 43.52 -11.86
C THR C 90 9.62 42.51 -12.99
N LEU C 91 10.55 42.75 -13.91
CA LEU C 91 10.77 41.83 -15.02
C LEU C 91 11.66 40.68 -14.56
N ILE C 92 11.20 39.46 -14.80
CA ILE C 92 11.89 38.25 -14.38
C ILE C 92 12.17 37.39 -15.61
N HIS C 93 13.42 37.00 -15.77
CA HIS C 93 13.82 36.10 -16.85
C HIS C 93 14.00 34.70 -16.28
N THR C 94 13.33 33.72 -16.87
CA THR C 94 13.28 32.38 -16.33
C THR C 94 13.87 31.39 -17.33
N ASP C 95 14.66 30.44 -16.81
CA ASP C 95 15.18 29.34 -17.60
C ASP C 95 14.92 28.02 -16.88
N MET C 96 14.76 26.97 -17.67
CA MET C 96 14.47 25.64 -17.15
C MET C 96 15.38 24.63 -17.82
N TYR C 97 15.95 23.72 -17.02
CA TYR C 97 16.75 22.62 -17.53
C TYR C 97 16.09 21.32 -17.06
N VAL C 98 15.50 20.58 -18.00
CA VAL C 98 14.80 19.35 -17.67
C VAL C 98 15.84 18.27 -17.42
N ASN C 99 15.97 17.84 -16.16
CA ASN C 99 16.93 16.78 -15.84
C ASN C 99 16.42 15.42 -16.30
N SER C 100 15.13 15.16 -16.11
CA SER C 100 14.50 13.93 -16.57
C SER C 100 13.00 14.06 -16.44
N ILE C 101 12.27 13.51 -17.40
CA ILE C 101 10.81 13.41 -17.34
C ILE C 101 10.47 12.02 -16.87
N GLY C 102 9.92 11.91 -15.66
CA GLY C 102 9.64 10.63 -15.06
C GLY C 102 8.51 9.90 -15.75
N PRO C 103 8.06 8.80 -15.15
CA PRO C 103 6.98 8.02 -15.76
C PRO C 103 5.68 8.80 -15.81
N VAL C 104 4.88 8.50 -16.83
CA VAL C 104 3.54 9.07 -16.95
C VAL C 104 2.55 8.11 -16.32
N ASN C 105 1.89 8.57 -15.25
CA ASN C 105 0.91 7.75 -14.54
C ASN C 105 -0.46 8.06 -15.11
N ALA C 106 -0.86 7.30 -16.12
CA ALA C 106 -2.16 7.53 -16.77
C ALA C 106 -3.31 7.28 -15.82
N ILE C 107 -3.15 6.37 -14.87
CA ILE C 107 -4.23 6.05 -13.94
C ILE C 107 -4.59 7.28 -13.10
N ASN C 108 -3.58 7.99 -12.59
CA ASN C 108 -3.80 9.19 -11.81
C ASN C 108 -3.74 10.47 -12.65
N MET C 109 -3.52 10.35 -13.96
CA MET C 109 -3.48 11.50 -14.87
C MET C 109 -2.42 12.52 -14.42
N GLU C 110 -1.17 12.07 -14.41
CA GLU C 110 -0.07 12.91 -13.94
C GLU C 110 1.23 12.39 -14.52
N TYR C 111 2.29 13.18 -14.35
CA TYR C 111 3.63 12.78 -14.74
C TYR C 111 4.63 13.47 -13.83
N THR C 112 5.82 12.87 -13.72
CA THR C 112 6.89 13.40 -12.89
C THR C 112 7.94 14.07 -13.76
N ILE C 113 8.52 15.15 -13.24
CA ILE C 113 9.57 15.88 -13.96
C ILE C 113 10.52 16.48 -12.94
N ASP C 114 11.82 16.40 -13.24
CA ASP C 114 12.87 16.98 -12.39
C ASP C 114 13.58 18.06 -13.20
N ILE C 115 13.63 19.27 -12.66
CA ILE C 115 14.18 20.41 -13.37
C ILE C 115 15.10 21.22 -12.47
N PHE C 116 15.94 22.02 -13.10
CA PHE C 116 16.67 23.11 -12.45
C PHE C 116 16.01 24.42 -12.88
N PHE C 117 15.33 25.08 -11.95
CA PHE C 117 14.53 26.26 -12.25
C PHE C 117 15.34 27.51 -11.89
N ALA C 118 15.55 28.38 -12.88
CA ALA C 118 16.36 29.58 -12.73
C ALA C 118 15.50 30.81 -12.89
N GLN C 119 15.75 31.82 -12.06
CA GLN C 119 15.06 33.10 -12.14
C GLN C 119 16.07 34.23 -12.03
N THR C 120 15.88 35.27 -12.84
CA THR C 120 16.80 36.40 -12.87
C THR C 120 16.00 37.70 -12.89
N TRP C 121 16.32 38.61 -11.98
CA TRP C 121 15.66 39.91 -11.92
C TRP C 121 16.68 40.94 -11.46
N TYR C 122 16.24 42.19 -11.38
CA TYR C 122 17.08 43.30 -10.92
C TYR C 122 16.55 43.84 -9.61
N ASP C 123 17.45 43.99 -8.64
CA ASP C 123 17.13 44.60 -7.35
C ASP C 123 18.15 45.71 -7.09
N ARG C 124 17.75 46.96 -7.35
CA ARG C 124 18.68 48.08 -7.21
C ARG C 124 19.16 48.25 -5.77
N ARG C 125 18.43 47.72 -4.80
CA ARG C 125 18.84 47.81 -3.40
C ARG C 125 20.07 46.97 -3.09
N LEU C 126 20.49 46.09 -4.00
CA LEU C 126 21.62 45.21 -3.77
C LEU C 126 22.88 45.64 -4.52
N LYS C 127 22.90 46.86 -5.08
CA LYS C 127 24.09 47.34 -5.74
C LYS C 127 25.22 47.55 -4.72
N PHE C 128 26.43 47.17 -5.11
CA PHE C 128 27.61 47.37 -4.29
C PHE C 128 28.79 47.77 -5.16
N ASN C 129 29.55 48.75 -4.72
CA ASN C 129 30.75 49.21 -5.42
C ASN C 129 31.95 48.50 -4.79
N SER C 130 32.61 47.64 -5.57
CA SER C 130 33.77 46.92 -5.09
C SER C 130 34.52 46.35 -6.29
N THR C 131 35.74 45.87 -6.02
CA THR C 131 36.51 45.18 -7.05
C THR C 131 35.88 43.85 -7.45
N ILE C 132 35.07 43.25 -6.58
CA ILE C 132 34.42 41.99 -6.90
C ILE C 132 33.29 42.25 -7.89
N LYS C 133 33.26 41.45 -8.96
CA LYS C 133 32.20 41.61 -9.96
C LYS C 133 30.91 40.94 -9.51
N VAL C 134 31.00 39.70 -9.03
CA VAL C 134 29.82 38.91 -8.69
C VAL C 134 30.08 38.22 -7.36
N LEU C 135 29.05 38.18 -6.51
CA LEU C 135 29.08 37.41 -5.28
C LEU C 135 28.43 36.05 -5.53
N ARG C 136 29.19 34.98 -5.31
CA ARG C 136 28.71 33.62 -5.52
C ARG C 136 28.47 32.99 -4.15
N LEU C 137 27.21 32.71 -3.85
CA LEU C 137 26.80 32.31 -2.51
C LEU C 137 26.05 30.98 -2.56
N ASN C 138 25.79 30.44 -1.38
CA ASN C 138 24.98 29.24 -1.21
C ASN C 138 23.58 29.62 -0.74
N SER C 139 22.80 28.62 -0.34
CA SER C 139 21.41 28.83 0.05
C SER C 139 21.25 29.61 1.34
N ASN C 140 22.34 30.07 1.97
CA ASN C 140 22.22 30.76 3.25
C ASN C 140 21.50 32.09 3.09
N MET C 141 21.77 32.82 2.01
CA MET C 141 21.26 34.17 1.82
C MET C 141 19.91 34.21 1.12
N VAL C 142 19.31 33.04 0.82
CA VAL C 142 18.04 33.03 0.11
C VAL C 142 16.94 33.69 0.92
N GLY C 143 16.87 33.37 2.21
CA GLY C 143 15.83 33.90 3.07
C GLY C 143 16.01 35.35 3.48
N LYS C 144 17.16 35.94 3.20
CA LYS C 144 17.44 37.31 3.61
C LYS C 144 16.94 38.35 2.61
N ILE C 145 16.88 38.01 1.31
CA ILE C 145 16.48 38.95 0.28
C ILE C 145 15.10 38.57 -0.24
N TRP C 146 14.53 39.46 -1.04
CA TRP C 146 13.24 39.20 -1.65
C TRP C 146 13.36 38.15 -2.75
N ILE C 147 12.39 37.24 -2.79
CA ILE C 147 12.39 36.15 -3.76
C ILE C 147 10.99 36.08 -4.38
N PRO C 148 10.88 35.92 -5.70
CA PRO C 148 9.56 35.77 -6.31
C PRO C 148 8.82 34.55 -5.78
N ASP C 149 7.51 34.67 -5.65
CA ASP C 149 6.67 33.59 -5.17
C ASP C 149 6.15 32.73 -6.31
N THR C 150 7.06 32.27 -7.17
CA THR C 150 6.67 31.46 -8.31
C THR C 150 6.20 30.09 -7.86
N PHE C 151 5.03 29.67 -8.36
CA PHE C 151 4.48 28.36 -8.06
C PHE C 151 3.94 27.75 -9.36
N PHE C 152 3.89 26.43 -9.39
CA PHE C 152 3.48 25.70 -10.57
C PHE C 152 1.98 25.39 -10.48
N ARG C 153 1.21 25.93 -11.43
CA ARG C 153 -0.25 25.96 -11.29
C ARG C 153 -0.85 24.57 -11.43
N ASN C 154 -0.28 23.72 -12.28
CA ASN C 154 -0.81 22.38 -12.50
C ASN C 154 -0.01 21.30 -11.76
N SER C 155 0.57 21.66 -10.61
CA SER C 155 1.39 20.74 -9.84
C SER C 155 0.53 20.10 -8.75
N LYS C 156 0.40 18.78 -8.79
CA LYS C 156 -0.27 18.07 -7.70
C LYS C 156 0.61 18.00 -6.45
N LYS C 157 1.93 17.96 -6.66
CA LYS C 157 2.88 17.79 -5.56
C LYS C 157 4.28 18.15 -6.03
N ALA C 158 4.95 19.04 -5.31
CA ALA C 158 6.29 19.47 -5.68
C ALA C 158 7.17 19.56 -4.44
N ASP C 159 8.43 19.18 -4.59
CA ASP C 159 9.37 19.17 -3.47
C ASP C 159 10.73 19.65 -3.95
N ALA C 160 11.38 20.48 -3.13
CA ALA C 160 12.78 20.80 -3.35
C ALA C 160 13.66 19.71 -2.74
N HIS C 161 14.98 19.85 -2.93
CA HIS C 161 15.93 18.87 -2.44
C HIS C 161 16.80 19.48 -1.35
N TRP C 162 17.17 18.64 -0.37
CA TRP C 162 17.86 19.11 0.82
C TRP C 162 19.10 18.30 1.17
N ILE C 163 19.42 17.25 0.41
CA ILE C 163 20.56 16.39 0.68
C ILE C 163 21.66 16.75 -0.29
N THR C 164 22.85 17.04 0.22
CA THR C 164 23.14 17.06 1.66
C THR C 164 22.81 18.41 2.29
N THR C 165 22.66 19.41 1.45
CA THR C 165 22.31 20.76 1.84
C THR C 165 21.21 21.26 0.91
N PRO C 166 20.46 22.30 1.31
CA PRO C 166 19.44 22.85 0.39
C PRO C 166 20.00 23.17 -0.98
N ASN C 167 19.51 22.47 -2.00
CA ASN C 167 20.05 22.61 -3.34
C ASN C 167 19.60 23.93 -3.98
N ARG C 168 20.17 25.04 -3.53
CA ARG C 168 19.83 26.35 -4.05
C ARG C 168 21.11 27.14 -4.30
N MET C 169 21.02 28.08 -5.23
CA MET C 169 22.16 28.92 -5.60
C MET C 169 21.70 30.37 -5.71
N LEU C 170 22.48 31.27 -5.14
CA LEU C 170 22.21 32.70 -5.22
C LEU C 170 23.47 33.42 -5.65
N ARG C 171 23.38 34.19 -6.73
CA ARG C 171 24.50 34.97 -7.24
C ARG C 171 24.05 36.40 -7.48
N ILE C 172 24.80 37.36 -6.95
CA ILE C 172 24.48 38.78 -7.07
C ILE C 172 25.65 39.48 -7.76
N TRP C 173 25.37 40.14 -8.87
CA TRP C 173 26.36 40.95 -9.55
C TRP C 173 26.42 42.35 -8.95
N ASN C 174 27.47 43.09 -9.32
CA ASN C 174 27.67 44.42 -8.75
C ASN C 174 26.65 45.43 -9.23
N ASP C 175 26.03 45.21 -10.39
CA ASP C 175 25.03 46.12 -10.92
C ASP C 175 23.63 45.83 -10.37
N GLY C 176 23.48 44.83 -9.51
CA GLY C 176 22.21 44.51 -8.90
C GLY C 176 21.49 43.33 -9.49
N ARG C 177 22.05 42.67 -10.51
CA ARG C 177 21.40 41.52 -11.12
C ARG C 177 21.52 40.31 -10.19
N VAL C 178 20.40 39.61 -9.98
CA VAL C 178 20.35 38.47 -9.08
C VAL C 178 19.97 37.23 -9.88
N LEU C 179 20.76 36.17 -9.72
CA LEU C 179 20.47 34.87 -10.31
C LEU C 179 20.14 33.88 -9.20
N TYR C 180 18.98 33.25 -9.30
CA TYR C 180 18.50 32.33 -8.27
C TYR C 180 18.05 31.04 -8.94
N THR C 181 18.78 29.97 -8.69
CA THR C 181 18.47 28.65 -9.26
C THR C 181 18.24 27.65 -8.14
N LEU C 182 17.31 26.72 -8.38
CA LEU C 182 17.06 25.64 -7.43
C LEU C 182 16.56 24.42 -8.19
N ARG C 183 16.69 23.26 -7.55
CA ARG C 183 16.30 21.99 -8.13
C ARG C 183 14.96 21.56 -7.57
N LEU C 184 14.05 21.14 -8.45
CA LEU C 184 12.69 20.78 -8.06
C LEU C 184 12.29 19.46 -8.71
N THR C 185 11.46 18.70 -7.99
CA THR C 185 10.77 17.53 -8.53
C THR C 185 9.28 17.81 -8.47
N ILE C 186 8.62 17.78 -9.62
CA ILE C 186 7.24 18.23 -9.77
C ILE C 186 6.41 17.09 -10.32
N ASP C 187 5.29 16.81 -9.64
CA ASP C 187 4.29 15.86 -10.15
C ASP C 187 3.17 16.68 -10.77
N ALA C 188 3.38 17.09 -12.02
CA ALA C 188 2.43 17.94 -12.70
C ALA C 188 1.20 17.14 -13.13
N GLU C 189 0.12 17.87 -13.40
CA GLU C 189 -1.15 17.27 -13.81
C GLU C 189 -1.26 17.31 -15.33
N CYS C 190 -1.68 16.19 -15.91
CA CYS C 190 -1.86 16.08 -17.36
C CYS C 190 -3.15 15.33 -17.64
N GLN C 191 -4.09 15.98 -18.32
CA GLN C 191 -5.36 15.38 -18.68
C GLN C 191 -5.19 14.64 -20.00
N LEU C 192 -5.13 13.30 -19.93
CA LEU C 192 -4.88 12.47 -21.09
C LEU C 192 -6.19 12.12 -21.78
N GLN C 193 -6.25 12.38 -23.09
CA GLN C 193 -7.36 11.94 -23.93
C GLN C 193 -6.98 10.60 -24.54
N LEU C 194 -7.67 9.53 -24.13
CA LEU C 194 -7.29 8.18 -24.47
C LEU C 194 -8.20 7.55 -25.52
N HIS C 195 -8.87 8.37 -26.34
CA HIS C 195 -9.76 7.83 -27.36
C HIS C 195 -8.99 7.00 -28.39
N ASN C 196 -7.74 7.35 -28.65
CA ASN C 196 -6.92 6.66 -29.65
C ASN C 196 -5.93 5.67 -29.03
N PHE C 197 -6.06 5.38 -27.74
CA PHE C 197 -5.16 4.44 -27.10
C PHE C 197 -5.24 3.07 -27.78
N PRO C 198 -4.10 2.42 -28.06
CA PRO C 198 -2.73 2.79 -27.71
C PRO C 198 -2.01 3.63 -28.76
N MET C 199 -2.71 4.19 -29.75
CA MET C 199 -2.10 5.03 -30.77
C MET C 199 -2.28 6.51 -30.45
N ASP C 200 -2.22 6.86 -29.16
CA ASP C 200 -2.54 8.20 -28.69
C ASP C 200 -1.28 9.06 -28.59
N GLU C 201 -1.48 10.37 -28.81
CA GLU C 201 -0.44 11.37 -28.66
C GLU C 201 -0.91 12.43 -27.67
N HIS C 202 0.00 12.90 -26.82
CA HIS C 202 -0.35 13.86 -25.80
C HIS C 202 0.68 14.97 -25.73
N SER C 203 0.24 16.14 -25.24
CA SER C 203 1.10 17.29 -24.99
C SER C 203 0.86 17.72 -23.55
N CYS C 204 1.64 17.16 -22.63
CA CYS C 204 1.45 17.45 -21.21
C CYS C 204 2.06 18.80 -20.86
N PRO C 205 1.31 19.74 -20.29
CA PRO C 205 1.84 21.07 -20.05
C PRO C 205 2.53 21.22 -18.70
N LEU C 206 3.10 22.39 -18.45
CA LEU C 206 3.67 22.73 -17.15
C LEU C 206 3.60 24.24 -17.00
N GLU C 207 2.68 24.73 -16.18
CA GLU C 207 2.41 26.16 -16.05
C GLU C 207 2.89 26.65 -14.69
N PHE C 208 3.48 27.85 -14.68
CA PHE C 208 3.88 28.50 -13.44
C PHE C 208 3.63 29.99 -13.54
N SER C 209 3.42 30.63 -12.39
CA SER C 209 3.20 32.06 -12.33
C SER C 209 3.41 32.52 -10.89
N SER C 210 3.40 33.83 -10.70
CA SER C 210 3.44 34.38 -9.35
C SER C 210 2.11 34.16 -8.66
N TYR C 211 2.15 33.77 -7.39
CA TYR C 211 0.92 33.47 -6.67
C TYR C 211 0.17 34.73 -6.28
N GLY C 212 0.88 35.78 -5.87
CA GLY C 212 0.22 36.95 -5.33
C GLY C 212 0.39 38.23 -6.13
N TYR C 213 1.36 38.26 -7.04
CA TYR C 213 1.67 39.48 -7.77
C TYR C 213 1.01 39.45 -9.14
N PRO C 214 0.10 40.37 -9.45
CA PRO C 214 -0.55 40.37 -10.76
C PRO C 214 0.38 40.83 -11.88
N ARG C 215 -0.16 40.98 -13.08
CA ARG C 215 0.64 41.38 -14.23
C ARG C 215 1.19 42.78 -14.10
N GLU C 216 0.61 43.62 -13.25
CA GLU C 216 1.09 44.98 -13.05
C GLU C 216 2.27 45.07 -12.09
N GLU C 217 2.65 43.96 -11.46
CA GLU C 217 3.73 43.96 -10.48
C GLU C 217 4.87 43.02 -10.83
N ILE C 218 4.56 41.83 -11.36
CA ILE C 218 5.58 40.87 -11.77
C ILE C 218 5.26 40.39 -13.17
N VAL C 219 6.22 40.50 -14.07
CA VAL C 219 6.09 40.03 -15.45
C VAL C 219 7.19 39.02 -15.71
N TYR C 220 6.81 37.83 -16.16
CA TYR C 220 7.76 36.79 -16.52
C TYR C 220 8.06 36.83 -18.01
N GLN C 221 9.26 36.39 -18.36
CA GLN C 221 9.70 36.42 -19.75
C GLN C 221 10.75 35.33 -19.97
N TRP C 222 10.59 34.56 -21.05
CA TRP C 222 11.55 33.50 -21.35
C TRP C 222 12.87 34.10 -21.81
N LYS C 223 13.97 33.57 -21.28
CA LYS C 223 15.29 33.88 -21.79
C LYS C 223 15.54 33.12 -23.10
N ARG C 224 16.65 33.46 -23.76
CA ARG C 224 16.93 32.87 -25.07
C ARG C 224 17.08 31.35 -24.98
N SER C 225 17.78 30.86 -23.96
CA SER C 225 17.90 29.42 -23.71
C SER C 225 16.82 28.99 -22.72
N SER C 226 15.56 29.08 -23.20
CA SER C 226 14.41 28.92 -22.33
C SER C 226 14.37 27.54 -21.69
N VAL C 227 14.21 26.50 -22.50
CA VAL C 227 14.11 25.13 -22.00
C VAL C 227 15.20 24.29 -22.67
N GLU C 228 15.96 23.57 -21.85
CA GLU C 228 17.08 22.76 -22.31
C GLU C 228 16.95 21.36 -21.75
N VAL C 229 17.28 20.36 -22.57
CA VAL C 229 17.18 18.96 -22.19
C VAL C 229 18.53 18.29 -22.41
N GLY C 230 18.74 17.19 -21.70
CA GLY C 230 19.96 16.42 -21.83
C GLY C 230 19.80 15.18 -22.68
N ASP C 231 20.10 14.02 -22.11
CA ASP C 231 19.94 12.74 -22.80
C ASP C 231 18.51 12.27 -22.61
N THR C 232 17.73 12.27 -23.70
CA THR C 232 16.35 11.81 -23.65
C THR C 232 16.26 10.31 -23.38
N ARG C 233 17.32 9.55 -23.66
CA ARG C 233 17.30 8.12 -23.37
C ARG C 233 17.38 7.84 -21.87
N SER C 234 18.10 8.68 -21.12
CA SER C 234 18.20 8.52 -19.68
C SER C 234 16.89 8.78 -18.96
N TRP C 235 15.88 9.33 -19.63
CA TRP C 235 14.62 9.60 -18.98
C TRP C 235 13.88 8.30 -18.69
N ARG C 236 12.91 8.38 -17.77
CA ARG C 236 12.21 7.21 -17.27
C ARG C 236 10.90 6.95 -18.00
N LEU C 237 10.81 7.30 -19.28
CA LEU C 237 9.61 7.07 -20.06
C LEU C 237 9.62 5.63 -20.58
N TYR C 238 8.76 4.80 -20.01
CA TYR C 238 8.63 3.42 -20.48
C TYR C 238 7.65 3.32 -21.64
N GLN C 239 6.50 4.00 -21.55
CA GLN C 239 5.44 3.85 -22.52
C GLN C 239 5.40 4.95 -23.57
N PHE C 240 6.04 6.09 -23.33
CA PHE C 240 5.98 7.22 -24.23
C PHE C 240 7.37 7.56 -24.76
N SER C 241 7.40 8.29 -25.87
CA SER C 241 8.63 8.78 -26.46
C SER C 241 8.55 10.28 -26.61
N PHE C 242 9.59 10.98 -26.16
CA PHE C 242 9.64 12.43 -26.29
C PHE C 242 9.83 12.80 -27.76
N VAL C 243 8.93 13.63 -28.29
CA VAL C 243 8.94 13.91 -29.72
C VAL C 243 8.86 15.41 -30.00
N GLY C 244 9.05 16.23 -28.98
CA GLY C 244 9.02 17.66 -29.20
C GLY C 244 8.75 18.42 -27.92
N LEU C 245 8.92 19.74 -28.00
CA LEU C 245 8.84 20.60 -26.84
C LEU C 245 8.51 22.02 -27.30
N ARG C 246 7.57 22.66 -26.60
CA ARG C 246 7.16 24.02 -26.92
C ARG C 246 7.05 24.83 -25.64
N ASN C 247 7.06 26.15 -25.80
CA ASN C 247 6.88 27.07 -24.68
C ASN C 247 6.01 28.23 -25.14
N THR C 248 5.08 28.65 -24.28
CA THR C 248 4.12 29.70 -24.60
C THR C 248 4.10 30.73 -23.47
N THR C 249 3.29 31.77 -23.67
CA THR C 249 3.12 32.83 -22.70
C THR C 249 1.74 33.46 -22.91
N GLU C 250 1.04 33.73 -21.82
CA GLU C 250 -0.30 34.29 -21.89
C GLU C 250 -0.65 34.94 -20.56
N VAL C 251 -1.82 35.56 -20.51
CA VAL C 251 -2.34 36.20 -19.31
C VAL C 251 -3.62 35.49 -18.89
N VAL C 252 -3.66 35.03 -17.64
CA VAL C 252 -4.82 34.33 -17.09
C VAL C 252 -5.49 35.24 -16.08
N LYS C 253 -6.81 35.43 -16.24
CA LYS C 253 -7.58 36.30 -15.38
C LYS C 253 -8.25 35.47 -14.29
N THR C 254 -7.99 35.82 -13.03
CA THR C 254 -8.59 35.16 -11.88
C THR C 254 -9.35 36.19 -11.05
N THR C 255 -9.91 35.73 -9.93
CA THR C 255 -10.62 36.63 -9.03
C THR C 255 -9.68 37.66 -8.41
N SER C 256 -8.46 37.25 -8.07
CA SER C 256 -7.52 38.17 -7.43
C SER C 256 -6.95 39.17 -8.42
N GLY C 257 -6.87 38.81 -9.69
CA GLY C 257 -6.36 39.72 -10.70
C GLY C 257 -5.92 38.96 -11.94
N ASP C 258 -5.12 39.64 -12.75
CA ASP C 258 -4.59 39.09 -14.00
C ASP C 258 -3.12 38.75 -13.82
N TYR C 259 -2.77 37.51 -14.16
CA TYR C 259 -1.42 37.00 -13.89
C TYR C 259 -0.80 36.51 -15.20
N VAL C 260 0.52 36.65 -15.28
CA VAL C 260 1.28 36.17 -16.43
C VAL C 260 1.68 34.72 -16.18
N VAL C 261 1.20 33.82 -17.03
CA VAL C 261 1.39 32.39 -16.87
C VAL C 261 2.25 31.88 -18.02
N MET C 262 3.37 31.24 -17.69
CA MET C 262 4.25 30.65 -18.67
C MET C 262 4.05 29.15 -18.68
N SER C 263 3.93 28.57 -19.88
CA SER C 263 3.66 27.15 -20.03
C SER C 263 4.74 26.51 -20.89
N VAL C 264 5.06 25.26 -20.56
CA VAL C 264 5.95 24.42 -21.37
C VAL C 264 5.20 23.14 -21.69
N TYR C 265 5.10 22.83 -22.98
CA TYR C 265 4.36 21.66 -23.45
C TYR C 265 5.35 20.61 -23.94
N PHE C 266 5.22 19.39 -23.40
CA PHE C 266 6.04 18.26 -23.80
C PHE C 266 5.19 17.30 -24.62
N ASP C 267 5.57 17.08 -25.87
CA ASP C 267 4.82 16.19 -26.75
C ASP C 267 5.26 14.75 -26.52
N LEU C 268 4.29 13.86 -26.32
CA LEU C 268 4.56 12.45 -26.05
C LEU C 268 3.73 11.59 -26.98
N SER C 269 4.34 10.53 -27.51
CA SER C 269 3.65 9.56 -28.35
C SER C 269 3.89 8.16 -27.82
N ARG C 270 2.81 7.40 -27.63
CA ARG C 270 2.91 6.07 -27.08
C ARG C 270 3.48 5.10 -28.10
N ARG C 271 4.24 4.12 -27.61
CA ARG C 271 4.85 3.09 -28.44
C ARG C 271 3.99 1.84 -28.41
N MET C 272 3.69 1.30 -29.59
CA MET C 272 2.73 0.22 -29.75
C MET C 272 3.38 -1.15 -29.85
N GLY C 273 4.69 -1.25 -29.57
CA GLY C 273 5.37 -2.53 -29.68
C GLY C 273 4.85 -3.57 -28.71
N TYR C 274 4.58 -3.16 -27.46
CA TYR C 274 4.14 -4.11 -26.45
C TYR C 274 2.70 -4.56 -26.70
N PHE C 275 1.84 -3.65 -27.16
CA PHE C 275 0.44 -4.00 -27.35
C PHE C 275 0.23 -4.88 -28.58
N THR C 276 1.08 -4.76 -29.60
CA THR C 276 0.96 -5.61 -30.77
C THR C 276 1.24 -7.07 -30.40
N ILE C 277 2.34 -7.32 -29.70
CA ILE C 277 2.72 -8.69 -29.37
C ILE C 277 1.76 -9.30 -28.36
N GLN C 278 1.34 -8.51 -27.37
CA GLN C 278 0.56 -9.06 -26.26
C GLN C 278 -0.94 -9.12 -26.53
N THR C 279 -1.50 -8.17 -27.27
CA THR C 279 -2.94 -8.12 -27.46
C THR C 279 -3.37 -8.28 -28.90
N TYR C 280 -2.84 -7.45 -29.81
CA TYR C 280 -3.36 -7.41 -31.17
C TYR C 280 -3.12 -8.74 -31.90
N ILE C 281 -1.94 -9.32 -31.74
CA ILE C 281 -1.62 -10.57 -32.44
C ILE C 281 -2.34 -11.76 -31.79
N PRO C 282 -2.29 -11.95 -30.47
CA PRO C 282 -3.03 -13.09 -29.89
C PRO C 282 -4.52 -13.02 -30.15
N CYS C 283 -5.12 -11.83 -30.15
CA CYS C 283 -6.53 -11.73 -30.46
C CYS C 283 -6.81 -12.09 -31.91
N THR C 284 -5.94 -11.65 -32.83
CA THR C 284 -6.13 -11.97 -34.24
C THR C 284 -6.00 -13.47 -34.48
N LEU C 285 -5.03 -14.11 -33.83
CA LEU C 285 -4.82 -15.54 -34.04
C LEU C 285 -6.03 -16.35 -33.56
N ILE C 286 -6.64 -15.94 -32.45
CA ILE C 286 -7.79 -16.68 -31.93
C ILE C 286 -8.98 -16.53 -32.86
N VAL C 287 -9.17 -15.34 -33.44
CA VAL C 287 -10.25 -15.16 -34.41
C VAL C 287 -10.04 -16.07 -35.60
N VAL C 288 -8.81 -16.11 -36.12
CA VAL C 288 -8.48 -17.05 -37.19
C VAL C 288 -8.65 -18.48 -36.70
N LEU C 289 -8.30 -18.74 -35.43
CA LEU C 289 -8.43 -20.08 -34.88
C LEU C 289 -9.89 -20.53 -34.81
N SER C 290 -10.82 -19.60 -34.58
CA SER C 290 -12.23 -19.96 -34.52
C SER C 290 -12.79 -20.30 -35.89
N TRP C 291 -12.10 -19.89 -36.96
CA TRP C 291 -12.51 -20.23 -38.32
C TRP C 291 -12.16 -21.67 -38.69
N VAL C 292 -11.35 -22.35 -37.88
CA VAL C 292 -11.01 -23.75 -38.15
C VAL C 292 -12.27 -24.62 -38.13
N SER C 293 -13.25 -24.26 -37.31
CA SER C 293 -14.49 -25.05 -37.24
C SER C 293 -15.20 -25.11 -38.58
N PHE C 294 -15.08 -24.06 -39.41
CA PHE C 294 -15.75 -24.05 -40.69
C PHE C 294 -15.22 -25.14 -41.62
N TRP C 295 -13.97 -25.55 -41.43
CA TRP C 295 -13.38 -26.63 -42.22
C TRP C 295 -13.50 -27.99 -41.55
N ILE C 296 -14.04 -28.06 -40.34
CA ILE C 296 -14.34 -29.33 -39.71
C ILE C 296 -15.70 -29.82 -40.19
N ASN C 297 -15.82 -31.13 -40.37
CA ASN C 297 -17.09 -31.70 -40.83
C ASN C 297 -18.20 -31.40 -39.83
N LYS C 298 -19.38 -31.09 -40.35
CA LYS C 298 -20.51 -30.72 -39.51
C LYS C 298 -21.01 -31.88 -38.66
N ASP C 299 -20.62 -33.11 -39.00
CA ASP C 299 -21.03 -34.25 -38.18
C ASP C 299 -20.26 -34.32 -36.87
N ALA C 300 -19.05 -33.74 -36.84
CA ALA C 300 -18.21 -33.75 -35.64
C ALA C 300 -18.74 -32.69 -34.65
N VAL C 301 -19.87 -33.01 -34.03
CA VAL C 301 -20.50 -32.06 -33.11
C VAL C 301 -19.61 -31.76 -31.90
N PRO C 302 -19.06 -32.74 -31.18
CA PRO C 302 -18.22 -32.39 -30.03
C PRO C 302 -16.97 -31.61 -30.40
N ALA C 303 -16.39 -31.86 -31.58
CA ALA C 303 -15.17 -31.18 -31.98
C ALA C 303 -15.42 -29.70 -32.25
N ARG C 304 -16.47 -29.39 -33.01
CA ARG C 304 -16.73 -28.00 -33.37
C ARG C 304 -17.30 -27.21 -32.20
N THR C 305 -18.03 -27.88 -31.30
CA THR C 305 -18.57 -27.18 -30.13
C THR C 305 -17.48 -26.87 -29.12
N SER C 306 -16.60 -27.83 -28.85
CA SER C 306 -15.51 -27.59 -27.90
C SER C 306 -14.52 -26.58 -28.45
N LEU C 307 -14.24 -26.62 -29.76
CA LEU C 307 -13.37 -25.61 -30.36
C LEU C 307 -14.00 -24.23 -30.30
N GLY C 308 -15.30 -24.13 -30.57
CA GLY C 308 -15.95 -22.83 -30.56
C GLY C 308 -16.01 -22.21 -29.18
N ILE C 309 -16.34 -22.99 -28.16
CA ILE C 309 -16.54 -22.43 -26.82
C ILE C 309 -15.21 -22.17 -26.12
N THR C 310 -14.17 -22.94 -26.42
CA THR C 310 -12.87 -22.69 -25.81
C THR C 310 -12.21 -21.44 -26.36
N THR C 311 -12.44 -21.12 -27.63
CA THR C 311 -11.95 -19.87 -28.19
C THR C 311 -12.62 -18.68 -27.53
N VAL C 312 -13.91 -18.81 -27.21
CA VAL C 312 -14.62 -17.76 -26.48
C VAL C 312 -14.02 -17.58 -25.09
N LEU C 313 -13.73 -18.68 -24.42
CA LEU C 313 -13.09 -18.59 -23.10
C LEU C 313 -11.71 -17.97 -23.20
N THR C 314 -10.94 -18.35 -24.22
CA THR C 314 -9.62 -17.76 -24.40
C THR C 314 -9.72 -16.27 -24.74
N MET C 315 -10.71 -15.90 -25.56
CA MET C 315 -10.90 -14.50 -25.89
C MET C 315 -11.34 -13.69 -24.67
N THR C 316 -12.15 -14.30 -23.80
CA THR C 316 -12.52 -13.63 -22.55
C THR C 316 -11.29 -13.38 -21.68
N THR C 317 -10.37 -14.34 -21.65
CA THR C 317 -9.13 -14.16 -20.89
C THR C 317 -8.31 -13.00 -21.43
N LEU C 318 -8.21 -12.88 -22.76
CA LEU C 318 -7.45 -11.78 -23.35
C LEU C 318 -8.13 -10.44 -23.11
N SER C 319 -9.46 -10.40 -23.06
CA SER C 319 -10.17 -9.15 -22.83
C SER C 319 -9.85 -8.55 -21.47
N THR C 320 -9.30 -9.34 -20.55
CA THR C 320 -8.88 -8.82 -19.26
C THR C 320 -7.78 -7.78 -19.41
N ILE C 321 -6.81 -8.05 -20.30
CA ILE C 321 -5.64 -7.19 -20.43
C ILE C 321 -5.94 -5.87 -21.11
N ALA C 322 -7.13 -5.73 -21.71
CA ALA C 322 -7.43 -4.53 -22.49
C ALA C 322 -7.35 -3.28 -21.63
N ARG C 323 -7.91 -3.31 -20.43
CA ARG C 323 -7.90 -2.18 -19.52
C ARG C 323 -7.00 -2.54 -18.34
N LYS C 324 -5.70 -2.30 -18.50
CA LYS C 324 -4.72 -2.64 -17.47
C LYS C 324 -3.95 -1.44 -16.97
N SER C 325 -3.41 -0.61 -17.87
CA SER C 325 -2.57 0.51 -17.49
C SER C 325 -3.25 1.86 -17.67
N LEU C 326 -4.57 1.88 -17.87
CA LEU C 326 -5.27 3.12 -18.14
C LEU C 326 -6.44 3.28 -17.18
N PRO C 327 -6.86 4.50 -16.90
CA PRO C 327 -7.95 4.72 -15.94
C PRO C 327 -9.27 4.21 -16.50
N LYS C 328 -10.26 4.17 -15.60
CA LYS C 328 -11.58 3.64 -15.94
C LYS C 328 -12.41 4.69 -16.67
N VAL C 329 -11.87 5.15 -17.80
CA VAL C 329 -12.61 6.06 -18.67
C VAL C 329 -13.81 5.33 -19.26
N SER C 330 -14.92 6.05 -19.40
CA SER C 330 -16.18 5.46 -19.84
C SER C 330 -16.47 5.73 -21.32
N TYR C 331 -15.43 5.78 -22.15
CA TYR C 331 -15.60 5.87 -23.59
C TYR C 331 -14.80 4.75 -24.25
N VAL C 332 -15.24 4.36 -25.44
CA VAL C 332 -14.62 3.24 -26.14
C VAL C 332 -13.30 3.70 -26.74
N THR C 333 -12.20 3.10 -26.27
CA THR C 333 -10.89 3.35 -26.86
C THR C 333 -10.70 2.49 -28.10
N ALA C 334 -9.60 2.75 -28.80
CA ALA C 334 -9.28 1.94 -29.98
C ALA C 334 -9.00 0.50 -29.59
N MET C 335 -8.31 0.30 -28.46
CA MET C 335 -8.03 -1.05 -28.00
C MET C 335 -9.30 -1.79 -27.64
N ASP C 336 -10.25 -1.11 -26.98
CA ASP C 336 -11.50 -1.76 -26.60
C ASP C 336 -12.32 -2.14 -27.83
N LEU C 337 -12.33 -1.28 -28.86
CA LEU C 337 -13.07 -1.58 -30.07
C LEU C 337 -12.54 -2.84 -30.75
N PHE C 338 -11.21 -2.97 -30.84
CA PHE C 338 -10.63 -4.15 -31.48
C PHE C 338 -10.93 -5.41 -30.68
N VAL C 339 -10.83 -5.36 -29.36
CA VAL C 339 -11.07 -6.53 -28.54
C VAL C 339 -12.54 -6.93 -28.59
N SER C 340 -13.45 -5.95 -28.50
CA SER C 340 -14.87 -6.26 -28.52
C SER C 340 -15.30 -6.84 -29.85
N VAL C 341 -14.78 -6.30 -30.96
CA VAL C 341 -15.13 -6.84 -32.28
C VAL C 341 -14.58 -8.25 -32.43
N CYS C 342 -13.35 -8.49 -31.97
CA CYS C 342 -12.80 -9.84 -32.01
C CYS C 342 -13.62 -10.81 -31.17
N PHE C 343 -14.17 -10.34 -30.05
CA PHE C 343 -15.02 -11.20 -29.22
C PHE C 343 -16.31 -11.52 -29.94
N ILE C 344 -16.86 -10.57 -30.70
CA ILE C 344 -18.08 -10.82 -31.45
C ILE C 344 -17.85 -11.82 -32.57
N PHE C 345 -16.67 -11.75 -33.21
CA PHE C 345 -16.36 -12.68 -34.29
C PHE C 345 -16.33 -14.13 -33.79
N VAL C 346 -15.67 -14.36 -32.65
CA VAL C 346 -15.64 -15.72 -32.13
C VAL C 346 -17.00 -16.09 -31.54
N PHE C 347 -17.75 -15.11 -31.05
CA PHE C 347 -19.11 -15.36 -30.60
C PHE C 347 -19.99 -15.80 -31.78
N SER C 348 -19.86 -15.13 -32.92
CA SER C 348 -20.71 -15.44 -34.07
C SER C 348 -20.32 -16.78 -34.70
N ALA C 349 -19.07 -17.19 -34.57
CA ALA C 349 -18.65 -18.47 -35.15
C ALA C 349 -19.37 -19.63 -34.47
N LEU C 350 -19.50 -19.59 -33.14
CA LEU C 350 -20.22 -20.64 -32.43
C LEU C 350 -21.71 -20.58 -32.73
N VAL C 351 -22.27 -19.37 -32.85
CA VAL C 351 -23.67 -19.23 -33.20
C VAL C 351 -23.92 -19.76 -34.62
N GLU C 352 -22.95 -19.57 -35.52
CA GLU C 352 -23.11 -20.04 -36.88
C GLU C 352 -23.28 -21.56 -36.93
N TYR C 353 -22.48 -22.28 -36.15
CA TYR C 353 -22.60 -23.73 -36.12
C TYR C 353 -23.91 -24.18 -35.48
N GLY C 354 -24.35 -23.48 -34.43
CA GLY C 354 -25.61 -23.82 -33.80
C GLY C 354 -26.78 -23.74 -34.75
N THR C 355 -26.77 -22.74 -35.64
CA THR C 355 -27.80 -22.64 -36.66
C THR C 355 -27.66 -23.76 -37.70
N LEU C 356 -26.43 -24.03 -38.14
CA LEU C 356 -26.21 -25.09 -39.12
C LEU C 356 -26.59 -26.45 -38.57
N HIS C 357 -26.23 -26.73 -37.31
CA HIS C 357 -26.53 -28.03 -36.72
C HIS C 357 -28.03 -28.26 -36.59
N TYR C 358 -28.78 -27.20 -36.26
CA TYR C 358 -30.22 -27.35 -36.03
C TYR C 358 -30.95 -27.69 -37.32
N PHE C 359 -30.69 -26.93 -38.39
CA PHE C 359 -31.43 -27.11 -39.63
C PHE C 359 -31.08 -28.42 -40.31
N VAL C 360 -29.80 -28.80 -40.31
CA VAL C 360 -29.38 -30.02 -40.99
C VAL C 360 -29.90 -31.25 -40.26
N SER C 361 -29.73 -31.29 -38.93
CA SER C 361 -30.06 -32.48 -38.16
C SER C 361 -31.41 -32.38 -37.45
N ASN C 362 -31.60 -31.35 -36.60
CA ASN C 362 -32.82 -31.26 -35.82
C ASN C 362 -34.03 -30.84 -36.64
N ARG C 363 -33.85 -30.45 -37.89
CA ARG C 363 -34.98 -30.11 -38.75
C ARG C 363 -34.71 -30.54 -40.19
N ARG C 445 -29.01 -23.66 -49.94
CA ARG C 445 -28.67 -22.37 -49.35
C ARG C 445 -28.33 -22.54 -47.87
N ILE C 446 -29.32 -22.98 -47.09
CA ILE C 446 -29.11 -23.20 -45.66
C ILE C 446 -28.11 -24.33 -45.44
N ALA C 447 -28.25 -25.42 -46.21
CA ALA C 447 -27.33 -26.55 -46.11
C ALA C 447 -25.91 -26.18 -46.55
N LYS C 448 -25.75 -25.11 -47.33
CA LYS C 448 -24.45 -24.64 -47.76
C LYS C 448 -23.91 -23.50 -46.89
N MET C 449 -24.37 -23.40 -45.65
CA MET C 449 -23.99 -22.27 -44.80
C MET C 449 -22.50 -22.27 -44.52
N ASP C 450 -21.91 -23.46 -44.36
CA ASP C 450 -20.47 -23.55 -44.14
C ASP C 450 -19.68 -23.02 -45.34
N SER C 451 -20.19 -23.20 -46.55
CA SER C 451 -19.49 -22.69 -47.73
C SER C 451 -19.40 -21.17 -47.70
N TYR C 452 -20.50 -20.50 -47.33
CA TYR C 452 -20.46 -19.04 -47.27
C TYR C 452 -19.69 -18.55 -46.04
N ALA C 453 -19.71 -19.31 -44.95
CA ALA C 453 -18.97 -18.91 -43.76
C ALA C 453 -17.46 -18.97 -43.98
N ARG C 454 -16.99 -19.88 -44.84
CA ARG C 454 -15.58 -19.95 -45.17
C ARG C 454 -15.09 -18.71 -45.91
N ILE C 455 -16.00 -17.98 -46.56
CA ILE C 455 -15.65 -16.80 -47.33
C ILE C 455 -16.00 -15.51 -46.60
N PHE C 456 -17.21 -15.45 -46.05
CA PHE C 456 -17.69 -14.21 -45.43
C PHE C 456 -16.88 -13.85 -44.19
N PHE C 457 -16.61 -14.82 -43.32
CA PHE C 457 -15.91 -14.53 -42.07
C PHE C 457 -14.49 -14.02 -42.30
N PRO C 458 -13.65 -14.64 -43.12
CA PRO C 458 -12.34 -14.04 -43.40
C PRO C 458 -12.43 -12.68 -44.09
N THR C 459 -13.44 -12.49 -44.95
CA THR C 459 -13.57 -11.23 -45.66
C THR C 459 -14.01 -10.10 -44.74
N ALA C 460 -15.00 -10.37 -43.88
CA ALA C 460 -15.49 -9.33 -42.97
C ALA C 460 -14.42 -8.91 -41.97
N PHE C 461 -13.57 -9.85 -41.53
CA PHE C 461 -12.52 -9.49 -40.58
C PHE C 461 -11.44 -8.66 -41.25
N CYS C 462 -11.10 -8.98 -42.50
CA CYS C 462 -10.12 -8.19 -43.22
C CYS C 462 -10.65 -6.79 -43.52
N LEU C 463 -11.95 -6.68 -43.82
CA LEU C 463 -12.56 -5.36 -44.03
C LEU C 463 -12.51 -4.54 -42.75
N PHE C 464 -12.80 -5.17 -41.60
CA PHE C 464 -12.75 -4.46 -40.33
C PHE C 464 -11.33 -3.98 -40.04
N ASN C 465 -10.34 -4.84 -40.25
CA ASN C 465 -8.95 -4.44 -40.00
C ASN C 465 -8.54 -3.30 -40.92
N LEU C 466 -8.97 -3.34 -42.18
CA LEU C 466 -8.67 -2.25 -43.10
C LEU C 466 -9.28 -0.94 -42.62
N VAL C 467 -10.53 -0.96 -42.17
CA VAL C 467 -11.15 0.25 -41.65
C VAL C 467 -10.53 0.66 -40.33
N TYR C 468 -10.23 -0.31 -39.46
CA TYR C 468 -9.70 0.00 -38.14
C TYR C 468 -8.32 0.64 -38.22
N TRP C 469 -7.42 0.02 -38.97
CA TRP C 469 -6.03 0.49 -39.01
C TRP C 469 -5.83 1.71 -39.89
N VAL C 470 -6.81 2.09 -40.71
CA VAL C 470 -6.72 3.32 -41.48
C VAL C 470 -7.28 4.50 -40.70
N SER C 471 -8.39 4.30 -39.99
CA SER C 471 -9.03 5.38 -39.25
C SER C 471 -8.19 5.86 -38.06
N TYR C 472 -7.24 5.05 -37.60
CA TYR C 472 -6.42 5.39 -36.44
C TYR C 472 -4.98 5.71 -36.79
N LEU C 473 -4.37 4.97 -37.71
CA LEU C 473 -2.96 5.22 -38.04
C LEU C 473 -2.82 6.47 -38.88
N TYR C 474 -3.74 6.71 -39.81
CA TYR C 474 -3.64 7.81 -40.76
C TYR C 474 -4.71 8.86 -40.52
N LEU C 475 -5.98 8.48 -40.51
CA LEU C 475 -7.06 9.43 -40.31
C LEU C 475 -7.30 9.69 -38.82
N THR D 48 36.78 23.11 31.32
CA THR D 48 37.24 24.47 31.56
C THR D 48 37.94 25.02 30.32
N VAL D 49 39.15 24.53 30.05
CA VAL D 49 39.88 24.95 28.86
C VAL D 49 39.17 24.48 27.60
N PHE D 50 38.55 23.30 27.66
CA PHE D 50 37.81 22.78 26.51
C PHE D 50 36.65 23.70 26.15
N THR D 51 35.94 24.20 27.16
CA THR D 51 34.81 25.11 26.90
C THR D 51 35.29 26.43 26.29
N ARG D 52 36.42 26.96 26.77
CA ARG D 52 36.89 28.25 26.29
C ARG D 52 37.24 28.19 24.80
N ILE D 53 37.88 27.11 24.36
CA ILE D 53 38.31 27.02 22.97
C ILE D 53 37.12 27.00 22.04
N LEU D 54 36.05 26.28 22.41
CA LEU D 54 34.87 26.20 21.56
C LEU D 54 34.23 27.57 21.37
N ASP D 55 34.31 28.43 22.39
CA ASP D 55 33.64 29.73 22.30
C ASP D 55 34.39 30.68 21.37
N ARG D 56 35.71 30.57 21.32
CA ARG D 56 36.52 31.49 20.52
C ARG D 56 36.60 31.08 19.06
N LEU D 57 36.22 29.83 18.73
CA LEU D 57 36.38 29.35 17.36
C LEU D 57 35.50 30.13 16.40
N LEU D 58 34.27 30.44 16.79
CA LEU D 58 33.30 31.11 15.93
C LEU D 58 33.29 32.63 16.13
N ASP D 59 34.41 33.21 16.55
CA ASP D 59 34.52 34.65 16.69
C ASP D 59 34.97 35.26 15.37
N GLY D 60 34.12 36.10 14.78
CA GLY D 60 34.42 36.67 13.49
C GLY D 60 34.39 35.69 12.34
N TYR D 61 33.69 34.57 12.49
CA TYR D 61 33.61 33.55 11.46
C TYR D 61 32.35 33.75 10.62
N ASP D 62 32.52 33.80 9.30
CA ASP D 62 31.42 33.97 8.36
C ASP D 62 31.22 32.65 7.63
N ASN D 63 30.12 31.97 7.92
CA ASN D 63 29.84 30.69 7.29
C ASN D 63 29.29 30.83 5.87
N ARG D 64 29.02 32.05 5.41
CA ARG D 64 28.57 32.28 4.05
C ARG D 64 29.72 32.24 3.04
N LEU D 65 30.97 32.23 3.50
CA LEU D 65 32.13 32.30 2.62
C LEU D 65 32.93 31.01 2.74
N ARG D 66 33.30 30.44 1.59
CA ARG D 66 34.10 29.23 1.59
C ARG D 66 35.53 29.56 2.01
N PRO D 67 36.26 28.58 2.55
CA PRO D 67 37.66 28.82 2.92
C PRO D 67 38.49 29.20 1.70
N GLY D 68 39.42 30.13 1.91
CA GLY D 68 40.28 30.59 0.83
C GLY D 68 39.53 31.26 -0.30
N LEU D 69 38.54 32.09 0.02
CA LEU D 69 37.80 32.81 -1.01
C LEU D 69 38.65 33.94 -1.56
N GLY D 70 38.90 33.90 -2.87
CA GLY D 70 39.78 34.87 -3.50
C GLY D 70 41.26 34.58 -3.33
N GLU D 71 41.62 33.47 -2.71
CA GLU D 71 43.01 33.10 -2.49
C GLU D 71 43.40 31.81 -3.19
N ARG D 72 42.58 30.76 -3.05
CA ARG D 72 42.93 29.45 -3.58
C ARG D 72 41.62 28.75 -3.97
N VAL D 73 41.72 27.45 -4.25
CA VAL D 73 40.57 26.64 -4.62
C VAL D 73 40.33 25.64 -3.50
N THR D 74 39.11 25.63 -2.96
CA THR D 74 38.76 24.74 -1.87
C THR D 74 38.81 23.30 -2.34
N GLU D 75 39.68 22.49 -1.73
CA GLU D 75 39.86 21.10 -2.10
C GLU D 75 39.19 20.20 -1.08
N VAL D 76 38.23 19.40 -1.53
CA VAL D 76 37.46 18.52 -0.67
C VAL D 76 37.80 17.09 -1.03
N LYS D 77 38.26 16.31 -0.05
CA LYS D 77 38.57 14.90 -0.24
C LYS D 77 37.41 14.07 0.31
N THR D 78 36.86 13.20 -0.52
CA THR D 78 35.67 12.44 -0.17
C THR D 78 35.93 10.94 -0.33
N ASP D 79 35.30 10.16 0.54
CA ASP D 79 35.27 8.71 0.40
C ASP D 79 33.95 8.20 0.94
N ILE D 80 33.50 7.06 0.40
CA ILE D 80 32.17 6.53 0.67
C ILE D 80 32.29 5.10 1.16
N PHE D 81 31.63 4.79 2.27
CA PHE D 81 31.53 3.42 2.78
C PHE D 81 30.08 2.97 2.61
N VAL D 82 29.85 2.02 1.72
CA VAL D 82 28.51 1.52 1.43
C VAL D 82 28.22 0.41 2.42
N THR D 83 27.40 0.71 3.43
CA THR D 83 27.03 -0.30 4.41
C THR D 83 26.12 -1.36 3.82
N SER D 84 25.27 -0.99 2.85
CA SER D 84 24.35 -1.95 2.25
C SER D 84 23.83 -1.40 0.95
N PHE D 85 24.03 -2.13 -0.14
CA PHE D 85 23.47 -1.78 -1.45
C PHE D 85 22.02 -2.22 -1.48
N GLY D 86 21.11 -1.26 -1.30
CA GLY D 86 19.72 -1.58 -1.07
C GLY D 86 19.04 -2.13 -2.30
N PRO D 87 17.74 -2.38 -2.18
CA PRO D 87 17.00 -3.02 -3.27
C PRO D 87 16.95 -2.14 -4.51
N VAL D 88 16.87 -2.80 -5.67
CA VAL D 88 16.76 -2.13 -6.95
C VAL D 88 15.33 -2.27 -7.45
N SER D 89 14.69 -1.15 -7.72
CA SER D 89 13.30 -1.11 -8.19
C SER D 89 13.30 -0.99 -9.71
N ASP D 90 12.99 -2.09 -10.40
CA ASP D 90 12.92 -2.06 -11.85
C ASP D 90 11.74 -1.21 -12.32
N HIS D 91 10.63 -1.23 -11.60
CA HIS D 91 9.46 -0.44 -11.99
C HIS D 91 9.76 1.05 -11.93
N ASP D 92 10.43 1.50 -10.87
CA ASP D 92 10.76 2.91 -10.71
C ASP D 92 12.11 3.29 -11.32
N MET D 93 12.89 2.31 -11.78
CA MET D 93 14.23 2.54 -12.32
C MET D 93 15.09 3.33 -11.33
N GLU D 94 15.02 2.92 -10.07
CA GLU D 94 15.84 3.52 -9.02
C GLU D 94 16.40 2.43 -8.12
N TYR D 95 17.53 2.74 -7.48
CA TYR D 95 18.15 1.83 -6.54
C TYR D 95 18.41 2.58 -5.24
N THR D 96 18.27 1.86 -4.13
CA THR D 96 18.53 2.41 -2.80
C THR D 96 19.95 2.05 -2.37
N ILE D 97 20.57 2.94 -1.59
CA ILE D 97 21.91 2.68 -1.08
C ILE D 97 22.09 3.47 0.21
N ASP D 98 22.66 2.80 1.22
CA ASP D 98 22.95 3.40 2.52
C ASP D 98 24.46 3.54 2.67
N VAL D 99 24.94 4.76 2.89
CA VAL D 99 26.36 5.05 2.88
C VAL D 99 26.73 5.87 4.11
N PHE D 100 28.02 5.82 4.44
CA PHE D 100 28.65 6.80 5.34
C PHE D 100 29.45 7.76 4.47
N PHE D 101 28.93 8.95 4.26
CA PHE D 101 29.53 9.92 3.36
C PHE D 101 30.53 10.76 4.14
N ARG D 102 31.81 10.61 3.81
CA ARG D 102 32.89 11.31 4.50
C ARG D 102 33.44 12.41 3.60
N GLN D 103 33.62 13.60 4.16
CA GLN D 103 34.17 14.74 3.44
C GLN D 103 35.24 15.39 4.30
N SER D 104 36.40 15.65 3.71
CA SER D 104 37.51 16.25 4.43
C SER D 104 38.06 17.42 3.62
N TRP D 105 38.20 18.57 4.27
CA TRP D 105 38.77 19.76 3.65
C TRP D 105 39.56 20.52 4.72
N LYS D 106 40.10 21.67 4.33
CA LYS D 106 40.93 22.48 5.21
C LYS D 106 40.36 23.88 5.28
N ASP D 107 40.20 24.39 6.51
CA ASP D 107 39.71 25.74 6.75
C ASP D 107 40.63 26.39 7.79
N GLU D 108 41.49 27.30 7.32
CA GLU D 108 42.47 27.93 8.19
C GLU D 108 41.85 28.87 9.22
N ARG D 109 40.57 29.24 9.05
CA ARG D 109 39.90 30.09 10.02
C ARG D 109 39.56 29.37 11.31
N LEU D 110 39.71 28.04 11.35
CA LEU D 110 39.32 27.25 12.51
C LEU D 110 40.52 26.67 13.26
N LYS D 111 41.70 27.26 13.08
CA LYS D 111 42.87 26.82 13.83
C LYS D 111 42.71 27.14 15.32
N PHE D 112 43.29 26.30 16.16
CA PHE D 112 43.23 26.49 17.60
C PHE D 112 44.45 25.85 18.24
N LYS D 113 44.74 26.27 19.46
CA LYS D 113 45.87 25.75 20.23
C LYS D 113 45.38 25.30 21.60
N GLY D 114 45.88 24.15 22.05
CA GLY D 114 45.53 23.62 23.34
C GLY D 114 46.00 22.19 23.50
N PRO D 115 45.82 21.62 24.69
CA PRO D 115 46.22 20.21 24.90
C PRO D 115 45.47 19.24 24.01
N MET D 116 44.21 19.53 23.68
CA MET D 116 43.44 18.66 22.81
C MET D 116 44.00 18.67 21.39
N THR D 117 43.92 17.51 20.74
CA THR D 117 44.35 17.36 19.36
C THR D 117 43.20 17.32 18.37
N VAL D 118 42.11 16.63 18.71
CA VAL D 118 40.93 16.52 17.85
C VAL D 118 39.73 17.03 18.63
N LEU D 119 38.98 17.94 18.02
CA LEU D 119 37.79 18.54 18.62
C LEU D 119 36.56 17.93 17.98
N ARG D 120 35.70 17.32 18.80
CA ARG D 120 34.38 16.90 18.35
C ARG D 120 33.39 18.02 18.57
N LEU D 121 32.63 18.35 17.54
CA LEU D 121 31.73 19.49 17.56
C LEU D 121 30.28 19.05 17.75
N ASN D 122 29.54 19.83 18.53
CA ASN D 122 28.10 19.64 18.63
C ASN D 122 27.45 19.97 17.30
N ASN D 123 26.32 19.30 17.03
CA ASN D 123 25.65 19.49 15.74
C ASN D 123 25.17 20.92 15.58
N LEU D 124 24.73 21.56 16.67
CA LEU D 124 24.36 22.97 16.59
C LEU D 124 25.55 23.84 16.21
N MET D 125 26.72 23.56 16.78
CA MET D 125 27.92 24.31 16.41
C MET D 125 28.39 23.94 15.00
N ALA D 126 28.18 22.69 14.59
CA ALA D 126 28.61 22.28 13.26
C ALA D 126 27.75 22.89 12.16
N SER D 127 26.58 23.43 12.51
CA SER D 127 25.74 24.10 11.53
C SER D 127 26.09 25.57 11.34
N LYS D 128 27.01 26.10 12.14
CA LYS D 128 27.50 27.46 12.00
C LYS D 128 28.80 27.53 11.22
N ILE D 129 29.29 26.41 10.71
CA ILE D 129 30.56 26.32 9.99
C ILE D 129 30.27 25.96 8.55
N TRP D 130 30.99 26.61 7.62
CA TRP D 130 30.82 26.30 6.21
C TRP D 130 31.16 24.84 5.94
N THR D 131 30.28 24.17 5.20
CA THR D 131 30.46 22.81 4.75
C THR D 131 30.18 22.74 3.25
N PRO D 132 30.77 21.77 2.55
CA PRO D 132 30.52 21.66 1.11
C PRO D 132 29.05 21.41 0.82
N ASP D 133 28.56 22.02 -0.25
CA ASP D 133 27.18 21.83 -0.69
C ASP D 133 27.05 20.65 -1.64
N THR D 134 27.54 19.49 -1.21
CA THR D 134 27.52 18.31 -2.07
C THR D 134 26.10 17.80 -2.24
N PHE D 135 25.70 17.55 -3.49
CA PHE D 135 24.40 16.99 -3.80
C PHE D 135 24.58 15.92 -4.87
N PHE D 136 23.66 14.95 -4.88
CA PHE D 136 23.71 13.84 -5.83
C PHE D 136 22.90 14.20 -7.07
N HIS D 137 23.56 14.16 -8.23
CA HIS D 137 22.94 14.64 -9.47
C HIS D 137 21.74 13.78 -9.85
N ASN D 138 21.83 12.47 -9.65
CA ASN D 138 20.77 11.54 -10.02
C ASN D 138 19.93 11.09 -8.83
N GLY D 139 20.04 11.77 -7.69
CA GLY D 139 19.26 11.40 -6.53
C GLY D 139 17.82 11.90 -6.63
N LYS D 140 16.89 11.04 -6.22
CA LYS D 140 15.47 11.39 -6.24
C LYS D 140 15.01 11.95 -4.89
N LYS D 141 15.10 11.14 -3.84
CA LYS D 141 14.61 11.54 -2.52
C LYS D 141 15.49 10.84 -1.48
N SER D 142 16.51 11.54 -1.01
CA SER D 142 17.43 10.99 -0.04
C SER D 142 17.01 11.38 1.38
N VAL D 143 17.32 10.49 2.32
CA VAL D 143 16.90 10.65 3.71
C VAL D 143 18.16 10.76 4.56
N ALA D 144 18.26 11.85 5.33
CA ALA D 144 19.31 12.00 6.33
C ALA D 144 18.73 11.56 7.67
N HIS D 145 19.27 10.46 8.20
CA HIS D 145 18.71 9.85 9.40
C HIS D 145 18.87 10.76 10.60
N ASN D 146 17.83 10.81 11.43
CA ASN D 146 17.73 11.75 12.54
C ASN D 146 17.35 11.04 13.83
N MET D 147 17.66 9.75 13.92
CA MET D 147 17.32 8.93 15.07
C MET D 147 18.58 8.37 15.70
N THR D 148 18.74 8.53 17.01
CA THR D 148 17.81 9.31 17.83
C THR D 148 18.26 10.76 17.86
N MET D 149 19.45 10.98 17.30
CA MET D 149 20.05 12.28 17.10
C MET D 149 20.50 12.36 15.64
N PRO D 150 20.71 13.57 15.12
CA PRO D 150 21.20 13.68 13.74
C PRO D 150 22.51 12.93 13.55
N ASN D 151 22.53 12.05 12.56
CA ASN D 151 23.67 11.19 12.28
C ASN D 151 24.75 11.95 11.51
N LYS D 152 25.30 12.97 12.16
CA LYS D 152 26.37 13.78 11.61
C LYS D 152 27.48 13.91 12.64
N LEU D 153 28.71 14.00 12.16
CA LEU D 153 29.87 14.14 13.02
C LEU D 153 30.90 15.04 12.36
N LEU D 154 31.36 16.06 13.09
CA LEU D 154 32.36 16.99 12.61
C LEU D 154 33.53 16.99 13.57
N ARG D 155 34.71 16.68 13.07
CA ARG D 155 35.93 16.64 13.88
C ARG D 155 36.93 17.65 13.34
N ILE D 156 37.54 18.42 14.23
CA ILE D 156 38.51 19.44 13.88
C ILE D 156 39.84 19.10 14.53
N THR D 157 40.90 19.10 13.74
CA THR D 157 42.25 18.92 14.26
C THR D 157 42.89 20.29 14.49
N GLU D 158 43.95 20.29 15.30
CA GLU D 158 44.67 21.54 15.58
C GLU D 158 45.26 22.14 14.32
N ASP D 159 45.57 21.31 13.32
CA ASP D 159 46.07 21.82 12.05
C ASP D 159 45.01 22.60 11.29
N GLY D 160 43.74 22.43 11.63
CA GLY D 160 42.66 23.05 10.91
C GLY D 160 41.92 22.15 9.95
N THR D 161 42.25 20.86 9.91
CA THR D 161 41.57 19.92 9.04
C THR D 161 40.22 19.53 9.64
N LEU D 162 39.19 19.46 8.79
CA LEU D 162 37.85 19.08 9.21
C LEU D 162 37.49 17.73 8.59
N LEU D 163 36.83 16.89 9.37
CA LEU D 163 36.30 15.61 8.89
C LEU D 163 34.80 15.60 9.10
N TYR D 164 34.04 15.53 8.00
CA TYR D 164 32.59 15.58 8.03
C TYR D 164 32.05 14.23 7.57
N THR D 165 31.37 13.52 8.47
CA THR D 165 30.80 12.22 8.18
C THR D 165 29.31 12.24 8.46
N MET D 166 28.52 11.77 7.49
CA MET D 166 27.08 11.68 7.65
C MET D 166 26.59 10.35 7.10
N ARG D 167 25.46 9.88 7.61
CA ARG D 167 24.85 8.63 7.19
C ARG D 167 23.59 8.95 6.40
N LEU D 168 23.51 8.46 5.17
CA LEU D 168 22.43 8.80 4.26
C LEU D 168 21.86 7.53 3.64
N THR D 169 20.57 7.56 3.34
CA THR D 169 19.94 6.60 2.44
C THR D 169 19.63 7.33 1.14
N VAL D 170 20.29 6.91 0.07
CA VAL D 170 20.25 7.63 -1.21
C VAL D 170 19.43 6.80 -2.20
N ARG D 171 18.35 7.38 -2.68
CA ARG D 171 17.59 6.83 -3.80
C ARG D 171 18.02 7.57 -5.07
N ALA D 172 18.61 6.84 -6.01
CA ALA D 172 19.20 7.45 -7.19
C ALA D 172 18.60 6.83 -8.45
N GLU D 173 18.50 7.65 -9.49
CA GLU D 173 17.99 7.17 -10.78
C GLU D 173 19.01 6.25 -11.43
N CYS D 174 18.54 5.10 -11.89
CA CYS D 174 19.35 4.15 -12.65
C CYS D 174 18.62 3.82 -13.94
N PRO D 175 18.90 4.57 -15.02
CA PRO D 175 18.24 4.27 -16.30
C PRO D 175 18.56 2.86 -16.76
N MET D 176 17.55 2.19 -17.31
CA MET D 176 17.66 0.81 -17.73
C MET D 176 17.09 0.63 -19.13
N HIS D 177 17.72 -0.24 -19.90
CA HIS D 177 17.22 -0.67 -21.21
C HIS D 177 16.94 -2.16 -21.10
N LEU D 178 15.66 -2.51 -20.95
CA LEU D 178 15.26 -3.89 -20.68
C LEU D 178 14.97 -4.68 -21.94
N GLU D 179 15.56 -4.29 -23.07
CA GLU D 179 15.33 -5.02 -24.32
C GLU D 179 15.88 -6.44 -24.27
N ASP D 180 16.83 -6.72 -23.37
CA ASP D 180 17.39 -8.05 -23.19
C ASP D 180 16.84 -8.76 -21.96
N PHE D 181 15.76 -8.25 -21.36
CA PHE D 181 15.20 -8.86 -20.17
C PHE D 181 14.77 -10.29 -20.47
N PRO D 182 15.02 -11.24 -19.56
CA PRO D 182 15.67 -11.10 -18.25
C PRO D 182 17.18 -11.30 -18.30
N MET D 183 17.76 -11.45 -19.49
CA MET D 183 19.20 -11.63 -19.63
C MET D 183 19.89 -10.29 -19.87
N ASP D 184 19.71 -9.38 -18.92
CA ASP D 184 20.17 -8.00 -19.04
C ASP D 184 21.13 -7.67 -17.91
N ALA D 185 22.05 -6.76 -18.17
CA ALA D 185 22.97 -6.25 -17.17
C ALA D 185 22.96 -4.73 -17.21
N HIS D 186 23.11 -4.11 -16.04
CA HIS D 186 23.02 -2.67 -15.92
C HIS D 186 24.17 -2.15 -15.07
N ALA D 187 24.54 -0.90 -15.32
CA ALA D 187 25.55 -0.18 -14.55
C ALA D 187 24.86 1.02 -13.91
N CYS D 188 24.43 0.88 -12.67
CA CYS D 188 23.74 1.96 -11.98
C CYS D 188 24.75 2.99 -11.50
N PRO D 189 24.66 4.25 -11.93
CA PRO D 189 25.64 5.25 -11.52
C PRO D 189 25.24 5.98 -10.25
N LEU D 190 26.24 6.63 -9.66
CA LEU D 190 26.05 7.50 -8.48
C LEU D 190 26.95 8.71 -8.67
N LYS D 191 26.36 9.84 -9.05
CA LYS D 191 27.11 11.05 -9.34
C LYS D 191 26.79 12.10 -8.29
N PHE D 192 27.82 12.77 -7.78
CA PHE D 192 27.65 13.85 -6.82
C PHE D 192 28.69 14.93 -7.06
N GLY D 193 28.39 16.12 -6.57
CA GLY D 193 29.29 17.25 -6.73
C GLY D 193 28.69 18.47 -6.08
N SER D 194 29.39 19.59 -6.24
CA SER D 194 28.92 20.85 -5.68
C SER D 194 27.80 21.43 -6.54
N TYR D 195 26.88 22.14 -5.89
CA TYR D 195 25.76 22.74 -6.59
C TYR D 195 26.05 24.17 -7.02
N ALA D 196 26.49 25.02 -6.10
CA ALA D 196 26.66 26.44 -6.38
C ALA D 196 28.10 26.83 -6.68
N TYR D 197 29.05 25.94 -6.49
CA TYR D 197 30.47 26.25 -6.65
C TYR D 197 31.01 25.50 -7.86
N THR D 198 31.59 26.26 -8.81
CA THR D 198 32.21 25.68 -9.98
C THR D 198 33.59 25.14 -9.65
N ARG D 199 34.21 24.49 -10.64
CA ARG D 199 35.53 23.90 -10.43
C ARG D 199 36.59 24.96 -10.15
N ALA D 200 36.35 26.21 -10.51
CA ALA D 200 37.27 27.28 -10.18
C ALA D 200 37.26 27.64 -8.70
N GLU D 201 36.29 27.14 -7.93
CA GLU D 201 36.17 27.43 -6.51
C GLU D 201 36.31 26.20 -5.65
N VAL D 202 35.57 25.14 -5.93
CA VAL D 202 35.58 23.92 -5.14
C VAL D 202 35.82 22.75 -6.07
N VAL D 203 36.80 21.90 -5.73
CA VAL D 203 37.07 20.68 -6.47
C VAL D 203 36.93 19.50 -5.51
N TYR D 204 36.68 18.33 -6.08
CA TYR D 204 36.50 17.10 -5.32
C TYR D 204 37.56 16.08 -5.71
N GLU D 205 38.11 15.41 -4.71
CA GLU D 205 39.08 14.35 -4.91
C GLU D 205 38.70 13.17 -4.01
N TRP D 206 39.18 11.99 -4.39
CA TRP D 206 39.02 10.81 -3.55
C TRP D 206 40.15 10.76 -2.52
N THR D 207 39.80 10.37 -1.30
CA THR D 207 40.78 10.36 -0.21
C THR D 207 41.93 9.40 -0.52
N ARG D 208 41.60 8.22 -1.04
CA ARG D 208 42.57 7.22 -1.44
C ARG D 208 42.46 6.98 -2.94
N GLU D 209 43.12 5.94 -3.42
CA GLU D 209 42.96 5.54 -4.80
C GLU D 209 41.49 5.25 -5.10
N PRO D 210 41.00 5.59 -6.30
CA PRO D 210 39.56 5.46 -6.56
C PRO D 210 39.00 4.06 -6.31
N ALA D 211 39.79 3.01 -6.57
CA ALA D 211 39.31 1.66 -6.30
C ALA D 211 39.05 1.46 -4.81
N ARG D 212 39.91 2.00 -3.96
CA ARG D 212 39.81 1.83 -2.52
C ARG D 212 39.12 3.00 -1.83
N SER D 213 38.60 3.96 -2.57
CA SER D 213 37.87 5.08 -1.99
C SER D 213 36.39 4.81 -1.83
N VAL D 214 35.89 3.71 -2.40
CA VAL D 214 34.50 3.28 -2.22
C VAL D 214 34.55 1.86 -1.70
N VAL D 215 34.06 1.65 -0.47
CA VAL D 215 34.16 0.38 0.21
C VAL D 215 32.76 -0.15 0.47
N VAL D 216 32.54 -1.41 0.11
CA VAL D 216 31.25 -2.09 0.31
C VAL D 216 31.47 -3.19 1.34
N ALA D 217 30.55 -3.29 2.30
CA ALA D 217 30.68 -4.29 3.34
C ALA D 217 30.52 -5.69 2.77
N GLU D 218 31.01 -6.67 3.53
CA GLU D 218 31.00 -8.05 3.06
C GLU D 218 29.57 -8.56 2.89
N ASP D 219 28.70 -8.26 3.86
CA ASP D 219 27.30 -8.68 3.79
C ASP D 219 26.37 -7.51 3.48
N GLY D 220 26.90 -6.44 2.90
CA GLY D 220 26.08 -5.29 2.55
C GLY D 220 25.46 -5.38 1.18
N SER D 221 24.82 -6.51 0.88
CA SER D 221 24.14 -6.72 -0.40
C SER D 221 22.69 -7.07 -0.11
N ARG D 222 21.78 -6.18 -0.48
CA ARG D 222 20.34 -6.39 -0.30
C ARG D 222 19.64 -6.60 -1.63
N LEU D 223 20.29 -7.32 -2.55
CA LEU D 223 19.75 -7.55 -3.89
C LEU D 223 19.18 -8.95 -3.96
N ASN D 224 17.92 -9.05 -4.39
CA ASN D 224 17.27 -10.34 -4.58
C ASN D 224 17.38 -10.84 -6.01
N GLN D 225 17.26 -9.94 -6.99
CA GLN D 225 17.21 -10.33 -8.39
C GLN D 225 18.51 -10.07 -9.14
N TYR D 226 19.40 -9.24 -8.60
CA TYR D 226 20.64 -8.88 -9.27
C TYR D 226 21.83 -9.44 -8.52
N ASP D 227 22.99 -9.38 -9.17
CA ASP D 227 24.27 -9.72 -8.56
C ASP D 227 25.22 -8.55 -8.73
N LEU D 228 25.87 -8.16 -7.63
CA LEU D 228 26.79 -7.01 -7.65
C LEU D 228 28.16 -7.51 -8.10
N LEU D 229 28.41 -7.36 -9.41
CA LEU D 229 29.68 -7.82 -9.97
C LEU D 229 30.84 -6.97 -9.47
N GLY D 230 30.66 -5.66 -9.40
CA GLY D 230 31.72 -4.78 -8.95
C GLY D 230 31.35 -3.34 -9.21
N GLN D 231 32.26 -2.45 -8.80
CA GLN D 231 32.07 -1.02 -8.95
C GLN D 231 33.25 -0.39 -9.66
N THR D 232 32.96 0.59 -10.52
CA THR D 232 33.98 1.38 -11.20
C THR D 232 33.90 2.82 -10.70
N VAL D 233 35.03 3.37 -10.29
CA VAL D 233 35.10 4.69 -9.68
C VAL D 233 35.93 5.61 -10.57
N ASP D 234 35.38 6.77 -10.88
CA ASP D 234 36.07 7.73 -11.74
C ASP D 234 35.58 9.14 -11.37
N SER D 235 36.09 10.13 -12.10
CA SER D 235 35.67 11.51 -11.92
C SER D 235 35.83 12.25 -13.23
N GLY D 236 35.14 13.38 -13.35
CA GLY D 236 35.16 14.14 -14.58
C GLY D 236 34.63 15.54 -14.39
N ILE D 237 34.30 16.18 -15.51
CA ILE D 237 33.84 17.56 -15.55
C ILE D 237 32.51 17.59 -16.29
N VAL D 238 31.52 18.28 -15.71
CA VAL D 238 30.23 18.50 -16.35
C VAL D 238 30.03 20.00 -16.52
N GLN D 239 29.70 20.42 -17.74
CA GLN D 239 29.50 21.82 -18.07
C GLN D 239 28.01 22.11 -18.20
N SER D 240 27.55 23.16 -17.52
CA SER D 240 26.15 23.54 -17.56
C SER D 240 26.01 25.00 -17.94
N SER D 241 24.79 25.53 -17.88
CA SER D 241 24.55 26.92 -18.26
C SER D 241 25.16 27.91 -17.27
N THR D 242 25.55 27.46 -16.08
CA THR D 242 26.11 28.35 -15.07
C THR D 242 27.62 28.22 -14.91
N GLY D 243 28.21 27.14 -15.39
CA GLY D 243 29.64 26.96 -15.28
C GLY D 243 30.00 25.50 -15.46
N GLU D 244 31.25 25.20 -15.10
CA GLU D 244 31.79 23.84 -15.19
C GLU D 244 32.01 23.30 -13.78
N TYR D 245 31.43 22.15 -13.49
CA TYR D 245 31.42 21.58 -12.16
C TYR D 245 32.15 20.25 -12.14
N VAL D 246 32.89 20.01 -11.06
CA VAL D 246 33.55 18.72 -10.87
C VAL D 246 32.50 17.70 -10.44
N VAL D 247 32.49 16.54 -11.09
CA VAL D 247 31.55 15.47 -10.82
C VAL D 247 32.32 14.21 -10.48
N MET D 248 31.97 13.59 -9.36
CA MET D 248 32.53 12.31 -8.95
C MET D 248 31.50 11.22 -9.19
N THR D 249 31.90 10.18 -9.93
CA THR D 249 30.97 9.15 -10.36
C THR D 249 31.40 7.79 -9.82
N THR D 250 30.40 6.96 -9.51
CA THR D 250 30.61 5.58 -9.15
C THR D 250 29.55 4.73 -9.83
N HIS D 251 29.97 3.73 -10.58
CA HIS D 251 29.07 2.85 -11.32
C HIS D 251 29.09 1.47 -10.69
N PHE D 252 27.92 1.02 -10.24
CA PHE D 252 27.74 -0.32 -9.71
C PHE D 252 27.20 -1.22 -10.81
N HIS D 253 27.82 -2.37 -11.00
CA HIS D 253 27.49 -3.28 -12.08
C HIS D 253 26.62 -4.42 -11.56
N LEU D 254 25.46 -4.60 -12.18
CA LEU D 254 24.49 -5.59 -11.76
C LEU D 254 24.20 -6.55 -12.91
N LYS D 255 23.96 -7.81 -12.56
CA LYS D 255 23.55 -8.83 -13.52
C LYS D 255 22.37 -9.59 -12.94
N ARG D 256 21.29 -9.69 -13.71
CA ARG D 256 20.09 -10.34 -13.24
C ARG D 256 20.27 -11.85 -13.15
N LYS D 257 19.52 -12.47 -12.25
CA LYS D 257 19.54 -13.92 -12.08
C LYS D 257 18.46 -14.54 -12.96
N ILE D 258 18.87 -15.40 -13.90
CA ILE D 258 17.94 -15.98 -14.86
C ILE D 258 17.25 -17.23 -14.33
N GLY D 259 17.68 -17.76 -13.18
CA GLY D 259 17.15 -19.02 -12.70
C GLY D 259 15.66 -18.99 -12.42
N TYR D 260 15.18 -17.88 -11.86
CA TYR D 260 13.76 -17.76 -11.52
C TYR D 260 12.88 -17.81 -12.77
N PHE D 261 13.32 -17.14 -13.85
CA PHE D 261 12.49 -17.06 -15.05
C PHE D 261 12.50 -18.36 -15.84
N VAL D 262 13.56 -19.16 -15.72
CA VAL D 262 13.60 -20.44 -16.42
C VAL D 262 12.55 -21.40 -15.85
N ILE D 263 12.48 -21.49 -14.52
CA ILE D 263 11.54 -22.41 -13.89
C ILE D 263 10.11 -21.91 -14.05
N GLN D 264 9.89 -20.60 -13.95
CA GLN D 264 8.54 -20.06 -13.95
C GLN D 264 7.98 -19.79 -15.35
N THR D 265 8.82 -19.37 -16.29
CA THR D 265 8.33 -18.97 -17.60
C THR D 265 8.84 -19.85 -18.74
N TYR D 266 10.16 -20.02 -18.84
CA TYR D 266 10.71 -20.68 -20.02
C TYR D 266 10.35 -22.16 -20.06
N LEU D 267 10.53 -22.88 -18.94
CA LEU D 267 10.19 -24.30 -18.93
C LEU D 267 8.70 -24.55 -19.16
N PRO D 268 7.76 -23.87 -18.48
CA PRO D 268 6.34 -24.11 -18.79
C PRO D 268 5.97 -23.80 -20.23
N CYS D 269 6.59 -22.80 -20.84
CA CYS D 269 6.32 -22.50 -22.24
C CYS D 269 6.89 -23.58 -23.16
N ILE D 270 8.11 -24.05 -22.87
CA ILE D 270 8.71 -25.09 -23.70
C ILE D 270 7.91 -26.39 -23.61
N MET D 271 7.49 -26.76 -22.40
CA MET D 271 6.73 -27.99 -22.21
C MET D 271 5.35 -27.89 -22.85
N THR D 272 4.73 -26.71 -22.81
CA THR D 272 3.43 -26.52 -23.44
C THR D 272 3.53 -26.68 -24.96
N VAL D 273 4.60 -26.17 -25.56
CA VAL D 273 4.78 -26.33 -27.00
C VAL D 273 4.96 -27.80 -27.35
N ILE D 274 5.73 -28.53 -26.54
CA ILE D 274 5.93 -29.95 -26.79
C ILE D 274 4.61 -30.71 -26.73
N LEU D 275 3.73 -30.32 -25.81
CA LEU D 275 2.42 -30.96 -25.73
C LEU D 275 1.61 -30.72 -27.00
N SER D 276 1.68 -29.52 -27.56
CA SER D 276 0.99 -29.23 -28.81
C SER D 276 1.52 -30.10 -29.95
N GLN D 277 2.84 -30.26 -30.02
CA GLN D 277 3.44 -31.11 -31.04
C GLN D 277 3.23 -32.59 -30.75
N VAL D 278 2.87 -32.94 -29.51
CA VAL D 278 2.59 -34.34 -29.17
C VAL D 278 1.37 -34.85 -29.92
N SER D 279 0.39 -33.97 -30.19
CA SER D 279 -0.85 -34.40 -30.83
C SER D 279 -0.63 -34.96 -32.23
N PHE D 280 0.53 -34.70 -32.84
CA PHE D 280 0.82 -35.25 -34.16
C PHE D 280 0.92 -36.77 -34.15
N TRP D 281 1.12 -37.38 -32.98
CA TRP D 281 1.19 -38.83 -32.86
C TRP D 281 -0.16 -39.47 -32.57
N LEU D 282 -1.20 -38.68 -32.40
CA LEU D 282 -2.55 -39.22 -32.26
C LEU D 282 -3.13 -39.58 -33.63
N ASN D 283 -4.01 -40.57 -33.63
CA ASN D 283 -4.63 -41.00 -34.88
C ASN D 283 -5.54 -39.91 -35.41
N ARG D 284 -5.55 -39.75 -36.75
CA ARG D 284 -6.31 -38.69 -37.38
C ARG D 284 -7.81 -38.85 -37.21
N GLU D 285 -8.29 -40.05 -36.87
CA GLU D 285 -9.72 -40.26 -36.74
C GLU D 285 -10.30 -39.65 -35.47
N SER D 286 -9.49 -39.47 -34.44
CA SER D 286 -9.94 -38.92 -33.16
C SER D 286 -10.00 -37.40 -33.27
N VAL D 287 -11.01 -36.92 -33.98
CA VAL D 287 -11.17 -35.47 -34.16
C VAL D 287 -11.43 -34.75 -32.84
N PRO D 288 -12.35 -35.19 -31.97
CA PRO D 288 -12.53 -34.47 -30.70
C PRO D 288 -11.30 -34.42 -29.83
N ALA D 289 -10.49 -35.48 -29.83
CA ALA D 289 -9.30 -35.50 -28.98
C ALA D 289 -8.25 -34.49 -29.47
N ARG D 290 -7.98 -34.48 -30.77
CA ARG D 290 -6.98 -33.57 -31.30
C ARG D 290 -7.47 -32.13 -31.33
N THR D 291 -8.78 -31.93 -31.46
CA THR D 291 -9.31 -30.57 -31.41
C THR D 291 -9.22 -29.99 -30.00
N VAL D 292 -9.63 -30.77 -29.00
CA VAL D 292 -9.53 -30.31 -27.61
C VAL D 292 -8.08 -30.10 -27.23
N PHE D 293 -7.19 -30.98 -27.71
CA PHE D 293 -5.77 -30.83 -27.44
C PHE D 293 -5.23 -29.51 -27.98
N GLY D 294 -5.63 -29.15 -29.20
CA GLY D 294 -5.08 -27.95 -29.82
C GLY D 294 -5.49 -26.67 -29.11
N VAL D 295 -6.77 -26.55 -28.78
CA VAL D 295 -7.26 -25.28 -28.25
C VAL D 295 -6.93 -25.11 -26.78
N THR D 296 -6.82 -26.20 -26.03
CA THR D 296 -6.48 -26.08 -24.61
C THR D 296 -5.03 -25.69 -24.41
N THR D 297 -4.15 -26.11 -25.33
CA THR D 297 -2.76 -25.65 -25.27
C THR D 297 -2.66 -24.16 -25.64
N VAL D 298 -3.51 -23.69 -26.56
CA VAL D 298 -3.56 -22.27 -26.86
C VAL D 298 -4.01 -21.49 -25.64
N LEU D 299 -5.03 -21.99 -24.94
CA LEU D 299 -5.47 -21.34 -23.72
C LEU D 299 -4.41 -21.41 -22.62
N THR D 300 -3.65 -22.52 -22.58
CA THR D 300 -2.57 -22.62 -21.62
C THR D 300 -1.48 -21.60 -21.89
N MET D 301 -1.13 -21.41 -23.17
CA MET D 301 -0.14 -20.40 -23.53
C MET D 301 -0.64 -19.00 -23.21
N THR D 302 -1.94 -18.75 -23.40
CA THR D 302 -2.50 -17.45 -23.06
C THR D 302 -2.39 -17.17 -21.57
N THR D 303 -2.63 -18.19 -20.74
CA THR D 303 -2.48 -18.02 -19.30
C THR D 303 -1.04 -17.72 -18.91
N LEU D 304 -0.08 -18.39 -19.56
CA LEU D 304 1.32 -18.16 -19.23
C LEU D 304 1.79 -16.81 -19.73
N SER D 305 1.31 -16.38 -20.90
CA SER D 305 1.76 -15.09 -21.45
C SER D 305 1.29 -13.94 -20.58
N ILE D 306 0.08 -14.03 -20.02
CA ILE D 306 -0.46 -12.95 -19.22
C ILE D 306 0.32 -12.81 -17.91
N SER D 307 0.55 -13.93 -17.23
CA SER D 307 1.26 -13.88 -15.95
C SER D 307 2.73 -13.50 -16.13
N ALA D 308 3.30 -13.76 -17.30
CA ALA D 308 4.70 -13.43 -17.53
C ALA D 308 4.92 -11.91 -17.60
N ARG D 309 3.95 -11.17 -18.13
CA ARG D 309 4.08 -9.72 -18.23
C ARG D 309 3.75 -9.00 -16.93
N ASN D 310 3.25 -9.71 -15.92
CA ASN D 310 2.99 -9.06 -14.64
C ASN D 310 4.30 -8.79 -13.89
N SER D 311 5.22 -9.74 -13.90
CA SER D 311 6.51 -9.54 -13.23
C SER D 311 7.31 -8.43 -13.89
N LEU D 312 7.30 -8.37 -15.21
CA LEU D 312 8.07 -7.36 -15.93
C LEU D 312 7.42 -5.98 -15.73
N PRO D 313 8.20 -4.95 -15.43
CA PRO D 313 7.62 -3.60 -15.36
C PRO D 313 7.05 -3.18 -16.70
N LYS D 314 6.02 -2.33 -16.63
CA LYS D 314 5.23 -1.99 -17.81
C LYS D 314 6.02 -1.12 -18.79
N VAL D 315 6.66 -1.74 -19.77
CA VAL D 315 7.34 -1.04 -20.84
C VAL D 315 6.56 -1.26 -22.14
N ALA D 316 6.66 -0.29 -23.04
CA ALA D 316 5.91 -0.32 -24.29
C ALA D 316 6.65 -1.02 -25.41
N TYR D 317 7.90 -1.43 -25.20
CA TYR D 317 8.67 -2.14 -26.22
C TYR D 317 8.75 -3.61 -25.88
N ALA D 318 9.09 -4.41 -26.89
CA ALA D 318 9.16 -5.85 -26.73
C ALA D 318 10.51 -6.25 -26.13
N THR D 319 10.47 -7.07 -25.09
CA THR D 319 11.67 -7.58 -24.45
C THR D 319 12.04 -8.93 -25.06
N ALA D 320 13.18 -9.47 -24.60
CA ALA D 320 13.61 -10.79 -25.09
C ALA D 320 12.62 -11.88 -24.68
N MET D 321 11.99 -11.74 -23.52
CA MET D 321 11.02 -12.73 -23.08
C MET D 321 9.72 -12.62 -23.87
N ASP D 322 9.34 -11.39 -24.27
CA ASP D 322 8.13 -11.23 -25.07
C ASP D 322 8.25 -11.91 -26.42
N TRP D 323 9.42 -11.83 -27.04
CA TRP D 323 9.63 -12.50 -28.32
C TRP D 323 9.57 -14.01 -28.18
N PHE D 324 10.11 -14.55 -27.08
CA PHE D 324 10.08 -15.99 -26.88
C PHE D 324 8.65 -16.50 -26.74
N ILE D 325 7.81 -15.77 -26.00
CA ILE D 325 6.43 -16.19 -25.85
C ILE D 325 5.67 -16.05 -27.17
N ALA D 326 5.97 -15.00 -27.92
CA ALA D 326 5.30 -14.79 -29.21
C ALA D 326 5.61 -15.94 -30.17
N VAL D 327 6.87 -16.38 -30.21
CA VAL D 327 7.21 -17.51 -31.06
C VAL D 327 6.55 -18.78 -30.56
N CYS D 328 6.53 -18.99 -29.24
CA CYS D 328 5.85 -20.16 -28.69
C CYS D 328 4.36 -20.13 -29.00
N TYR D 329 3.77 -18.93 -28.99
CA TYR D 329 2.36 -18.79 -29.36
C TYR D 329 2.13 -19.21 -30.80
N ALA D 330 3.05 -18.85 -31.69
CA ALA D 330 2.91 -19.23 -33.10
C ALA D 330 3.01 -20.74 -33.28
N PHE D 331 3.93 -21.38 -32.56
CA PHE D 331 4.09 -22.83 -32.69
C PHE D 331 2.84 -23.57 -32.22
N VAL D 332 2.27 -23.14 -31.08
CA VAL D 332 1.05 -23.77 -30.60
C VAL D 332 -0.13 -23.46 -31.53
N PHE D 333 -0.17 -22.24 -32.07
CA PHE D 333 -1.21 -21.88 -33.03
C PHE D 333 -1.09 -22.73 -34.29
N SER D 334 0.14 -22.92 -34.78
CA SER D 334 0.34 -23.65 -36.04
C SER D 334 0.01 -25.13 -35.89
N ALA D 335 0.12 -25.67 -34.68
CA ALA D 335 -0.19 -27.08 -34.47
C ALA D 335 -1.67 -27.37 -34.72
N LEU D 336 -2.54 -26.45 -34.32
CA LEU D 336 -3.97 -26.64 -34.57
C LEU D 336 -4.34 -26.37 -36.03
N ILE D 337 -3.67 -25.41 -36.67
CA ILE D 337 -3.87 -25.21 -38.10
C ILE D 337 -3.41 -26.43 -38.88
N GLU D 338 -2.35 -27.10 -38.42
CA GLU D 338 -1.89 -28.32 -39.08
C GLU D 338 -2.95 -29.41 -39.05
N PHE D 339 -3.63 -29.57 -37.92
CA PHE D 339 -4.67 -30.59 -37.84
C PHE D 339 -5.87 -30.25 -38.72
N ALA D 340 -6.17 -28.96 -38.88
CA ALA D 340 -7.25 -28.56 -39.78
C ALA D 340 -6.97 -29.03 -41.20
N THR D 341 -5.70 -29.03 -41.62
CA THR D 341 -5.36 -29.53 -42.94
C THR D 341 -5.44 -31.05 -43.00
N VAL D 342 -5.00 -31.72 -41.93
CA VAL D 342 -5.06 -33.18 -41.88
C VAL D 342 -6.50 -33.66 -41.90
N ASN D 343 -7.37 -33.03 -41.11
CA ASN D 343 -8.77 -33.43 -41.05
C ASN D 343 -9.48 -33.22 -42.38
N TYR D 344 -8.99 -32.28 -43.19
CA TYR D 344 -9.63 -32.00 -44.47
C TYR D 344 -9.41 -33.09 -45.51
N PHE D 345 -8.49 -34.02 -45.28
CA PHE D 345 -8.21 -35.09 -46.23
C PHE D 345 -8.47 -36.48 -45.65
N THR D 346 -9.26 -36.57 -44.58
CA THR D 346 -9.60 -37.84 -43.96
C THR D 346 -10.93 -38.33 -44.52
N LYS D 347 -10.96 -39.58 -44.98
CA LYS D 347 -12.15 -40.13 -45.61
C LYS D 347 -13.03 -40.92 -44.63
N ARG D 348 -12.47 -41.96 -44.04
CA ARG D 348 -13.25 -42.84 -43.17
C ARG D 348 -13.26 -42.29 -41.75
N GLY D 349 -14.46 -42.17 -41.19
CA GLY D 349 -14.57 -41.73 -39.80
C GLY D 349 -14.02 -42.73 -38.81
N TYR D 350 -14.27 -44.02 -39.03
CA TYR D 350 -13.80 -45.03 -38.12
C TYR D 350 -12.29 -45.22 -38.24
N ALA D 351 -11.69 -45.72 -37.16
CA ALA D 351 -10.25 -45.93 -37.08
C ALA D 351 -9.93 -47.42 -37.15
N TRP D 352 -8.64 -47.71 -37.28
CA TRP D 352 -8.19 -49.09 -37.36
C TRP D 352 -8.46 -49.83 -36.06
N ASP D 353 -8.89 -51.08 -36.17
CA ASP D 353 -9.24 -51.89 -35.02
C ASP D 353 -8.10 -52.87 -34.70
N GLY D 354 -8.34 -53.77 -33.75
CA GLY D 354 -7.31 -54.72 -33.38
C GLY D 354 -6.95 -55.67 -34.51
N LYS D 355 -7.97 -56.19 -35.20
CA LYS D 355 -7.76 -57.10 -36.32
C LYS D 355 -7.98 -56.40 -37.66
N LYS D 419 -12.06 -54.61 -44.71
CA LYS D 419 -12.27 -53.37 -45.44
C LYS D 419 -10.98 -52.57 -45.56
N THR D 420 -11.11 -51.25 -45.63
CA THR D 420 -9.98 -50.36 -45.77
C THR D 420 -9.92 -49.38 -44.61
N PHE D 421 -8.72 -48.90 -44.30
CA PHE D 421 -8.50 -47.96 -43.21
C PHE D 421 -7.71 -46.77 -43.72
N ASN D 422 -7.84 -45.66 -43.02
CA ASN D 422 -7.10 -44.45 -43.38
C ASN D 422 -5.61 -44.66 -43.11
N SER D 423 -4.79 -44.39 -44.12
CA SER D 423 -3.34 -44.43 -43.93
C SER D 423 -2.88 -43.26 -43.08
N VAL D 424 -1.70 -43.41 -42.48
CA VAL D 424 -1.12 -42.32 -41.70
C VAL D 424 -0.85 -41.14 -42.62
N SER D 425 -1.33 -39.97 -42.23
CA SER D 425 -1.24 -38.79 -43.09
C SER D 425 0.21 -38.42 -43.31
N LYS D 426 0.56 -38.13 -44.58
CA LYS D 426 1.88 -37.60 -44.88
C LYS D 426 2.10 -36.23 -44.23
N ILE D 427 1.03 -35.45 -44.07
CA ILE D 427 1.13 -34.18 -43.36
C ILE D 427 1.52 -34.42 -41.90
N ASP D 428 0.90 -35.42 -41.26
CA ASP D 428 1.27 -35.76 -39.89
C ASP D 428 2.71 -36.24 -39.80
N ARG D 429 3.14 -37.09 -40.74
CA ARG D 429 4.50 -37.64 -40.68
C ARG D 429 5.54 -36.54 -40.77
N LEU D 430 5.35 -35.58 -41.67
CA LEU D 430 6.31 -34.50 -41.81
C LEU D 430 6.22 -33.51 -40.65
N SER D 431 5.05 -33.38 -40.04
CA SER D 431 4.91 -32.47 -38.90
C SER D 431 5.56 -33.04 -37.64
N ARG D 432 5.66 -34.37 -37.54
CA ARG D 432 6.37 -35.00 -36.43
C ARG D 432 7.86 -34.70 -36.44
N ILE D 433 8.41 -34.18 -37.53
CA ILE D 433 9.83 -33.87 -37.65
C ILE D 433 10.06 -32.38 -37.83
N ALA D 434 9.32 -31.75 -38.75
CA ALA D 434 9.55 -30.34 -39.04
C ALA D 434 9.27 -29.46 -37.84
N PHE D 435 8.15 -29.71 -37.15
CA PHE D 435 7.82 -28.90 -35.98
C PHE D 435 8.84 -29.04 -34.86
N PRO D 436 9.21 -30.25 -34.39
CA PRO D 436 10.24 -30.32 -33.35
C PRO D 436 11.59 -29.76 -33.79
N LEU D 437 11.92 -29.89 -35.08
CA LEU D 437 13.22 -29.39 -35.55
C LEU D 437 13.25 -27.87 -35.58
N LEU D 438 12.19 -27.24 -36.08
CA LEU D 438 12.16 -25.78 -36.15
C LEU D 438 12.21 -25.16 -34.76
N PHE D 439 11.47 -25.72 -33.81
CA PHE D 439 11.51 -25.19 -32.44
C PHE D 439 12.89 -25.37 -31.82
N GLY D 440 13.53 -26.50 -32.08
CA GLY D 440 14.90 -26.69 -31.60
C GLY D 440 15.87 -25.68 -32.20
N ILE D 441 15.73 -25.40 -33.50
CA ILE D 441 16.59 -24.42 -34.13
C ILE D 441 16.36 -23.04 -33.54
N PHE D 442 15.08 -22.69 -33.31
CA PHE D 442 14.76 -21.39 -32.74
C PHE D 442 15.38 -21.22 -31.35
N ASN D 443 15.32 -22.26 -30.52
CA ASN D 443 15.93 -22.19 -29.20
C ASN D 443 17.44 -22.01 -29.30
N LEU D 444 18.09 -22.72 -30.22
CA LEU D 444 19.53 -22.57 -30.38
C LEU D 444 19.89 -21.14 -30.78
N VAL D 445 19.12 -20.55 -31.68
CA VAL D 445 19.38 -19.16 -32.08
C VAL D 445 19.04 -18.21 -30.95
N TYR D 446 17.88 -18.41 -30.30
CA TYR D 446 17.42 -17.46 -29.29
C TYR D 446 18.37 -17.39 -28.10
N TRP D 447 18.84 -18.55 -27.62
CA TRP D 447 19.68 -18.54 -26.42
C TRP D 447 21.09 -18.06 -26.76
N ALA D 448 21.65 -18.48 -27.89
CA ALA D 448 22.96 -18.00 -28.29
C ALA D 448 22.98 -16.51 -28.59
N THR D 449 21.82 -15.93 -28.92
CA THR D 449 21.80 -14.50 -29.23
C THR D 449 21.96 -13.65 -27.97
N TYR D 450 21.26 -14.01 -26.90
CA TYR D 450 21.24 -13.19 -25.70
C TYR D 450 22.29 -13.59 -24.66
N LEU D 451 22.70 -14.86 -24.63
CA LEU D 451 23.76 -15.25 -23.70
C LEU D 451 25.12 -14.77 -24.16
N ASN D 452 25.29 -14.45 -25.44
CA ASN D 452 26.55 -13.92 -25.96
C ASN D 452 26.65 -12.42 -25.81
N ARG D 453 25.62 -11.76 -25.29
CA ARG D 453 25.64 -10.31 -25.06
C ARG D 453 26.81 -9.88 -24.18
N ASN E 33 6.81 24.96 48.90
CA ASN E 33 7.35 23.65 48.54
C ASN E 33 7.67 23.61 47.05
N MET E 34 6.69 23.97 46.23
CA MET E 34 6.90 23.97 44.78
C MET E 34 7.91 25.03 44.37
N SER E 35 7.90 26.19 45.05
CA SER E 35 8.86 27.24 44.73
C SER E 35 10.28 26.80 45.00
N PHE E 36 10.49 25.91 45.97
CA PHE E 36 11.82 25.36 46.22
C PHE E 36 12.27 24.48 45.06
N VAL E 37 11.34 23.72 44.47
CA VAL E 37 11.69 22.84 43.36
C VAL E 37 12.07 23.66 42.14
N LYS E 38 11.41 24.81 41.95
CA LYS E 38 11.70 25.65 40.78
C LYS E 38 13.12 26.17 40.80
N GLU E 39 13.60 26.62 41.96
CA GLU E 39 14.97 27.12 42.04
C GLU E 39 16.00 26.01 41.93
N THR E 40 15.68 24.82 42.41
CA THR E 40 16.62 23.70 42.29
C THR E 40 16.87 23.35 40.83
N VAL E 41 15.81 23.34 40.01
CA VAL E 41 15.96 23.03 38.60
C VAL E 41 16.77 24.12 37.90
N ASP E 42 16.56 25.37 38.27
CA ASP E 42 17.33 26.47 37.68
C ASP E 42 18.81 26.35 37.99
N LYS E 43 19.14 25.93 39.22
CA LYS E 43 20.55 25.75 39.58
C LYS E 43 21.19 24.63 38.76
N LEU E 44 20.47 23.53 38.56
CA LEU E 44 21.01 22.42 37.78
C LEU E 44 21.29 22.84 36.34
N LEU E 45 20.40 23.64 35.74
CA LEU E 45 20.56 24.07 34.36
C LEU E 45 21.41 25.33 34.23
N LYS E 46 21.85 25.92 35.34
CA LYS E 46 22.71 27.09 35.29
C LYS E 46 24.16 26.66 35.10
N GLY E 47 24.76 27.06 33.98
CA GLY E 47 26.11 26.66 33.66
C GLY E 47 26.25 25.29 33.04
N TYR E 48 25.16 24.55 32.85
CA TYR E 48 25.24 23.24 32.21
C TYR E 48 25.55 23.40 30.73
N ASP E 49 26.56 22.68 30.26
CA ASP E 49 26.99 22.71 28.86
C ASP E 49 26.66 21.36 28.23
N ILE E 50 25.73 21.36 27.28
CA ILE E 50 25.32 20.13 26.62
C ILE E 50 26.38 19.57 25.68
N ARG E 51 27.46 20.32 25.45
CA ARG E 51 28.52 19.87 24.57
C ARG E 51 29.53 18.97 25.25
N LEU E 52 29.41 18.75 26.56
CA LEU E 52 30.32 17.90 27.31
C LEU E 52 29.58 16.71 27.88
N ARG E 53 30.14 15.52 27.69
CA ARG E 53 29.57 14.32 28.27
C ARG E 53 29.87 14.26 29.76
N PRO E 54 29.07 13.50 30.51
CA PRO E 54 29.40 13.29 31.94
C PRO E 54 30.76 12.63 32.10
N ASP E 55 31.50 13.07 33.12
CA ASP E 55 32.88 12.65 33.34
C ASP E 55 33.70 12.80 32.06
N PHE E 56 33.79 14.04 31.59
CA PHE E 56 34.41 14.31 30.29
C PHE E 56 35.87 13.88 30.26
N GLY E 57 36.62 14.22 31.31
CA GLY E 57 38.02 13.86 31.38
C GLY E 57 38.34 12.58 32.11
N GLY E 58 37.33 11.80 32.52
CA GLY E 58 37.56 10.63 33.32
C GLY E 58 37.14 9.35 32.63
N PRO E 59 36.64 8.40 33.41
CA PRO E 59 36.24 7.10 32.86
C PRO E 59 35.03 7.26 31.95
N PRO E 60 34.83 6.33 31.02
CA PRO E 60 33.66 6.41 30.13
C PRO E 60 32.37 6.30 30.93
N VAL E 61 31.35 6.99 30.45
CA VAL E 61 30.05 6.96 31.11
C VAL E 61 29.28 5.73 30.65
N CYS E 62 28.92 4.88 31.60
CA CYS E 62 28.18 3.66 31.29
C CYS E 62 26.72 4.00 31.04
N VAL E 63 26.21 3.59 29.87
CA VAL E 63 24.82 3.84 29.49
C VAL E 63 24.10 2.50 29.46
N GLY E 64 23.12 2.33 30.35
CA GLY E 64 22.32 1.13 30.39
C GLY E 64 21.04 1.31 29.61
N MET E 65 20.73 0.33 28.77
CA MET E 65 19.58 0.40 27.88
C MET E 65 18.66 -0.79 28.11
N ASN E 66 17.36 -0.51 28.10
CA ASN E 66 16.35 -1.56 28.04
C ASN E 66 15.25 -1.12 27.09
N ILE E 67 14.58 -2.09 26.49
CA ILE E 67 13.62 -1.85 25.43
C ILE E 67 12.31 -2.56 25.78
N ASP E 68 11.20 -1.83 25.70
CA ASP E 68 9.88 -2.40 25.86
C ASP E 68 9.22 -2.41 24.49
N ILE E 69 9.06 -3.59 23.92
CA ILE E 69 8.54 -3.72 22.57
C ILE E 69 7.02 -3.67 22.60
N ALA E 70 6.44 -2.76 21.82
CA ALA E 70 4.99 -2.63 21.78
C ALA E 70 4.36 -3.58 20.75
N SER E 71 4.91 -3.63 19.54
CA SER E 71 4.37 -4.49 18.50
C SER E 71 5.38 -4.61 17.37
N ILE E 72 5.28 -5.70 16.62
CA ILE E 72 6.03 -5.91 15.39
C ILE E 72 5.02 -6.12 14.26
N ASP E 73 5.19 -5.40 13.17
CA ASP E 73 4.25 -5.46 12.07
C ASP E 73 4.97 -5.19 10.76
N MET E 74 4.33 -5.60 9.66
CA MET E 74 4.83 -5.38 8.30
C MET E 74 6.22 -6.00 8.12
N VAL E 75 6.30 -7.30 8.41
CA VAL E 75 7.49 -8.09 8.13
C VAL E 75 7.46 -8.39 6.63
N SER E 76 8.18 -7.59 5.84
CA SER E 76 8.08 -7.61 4.40
C SER E 76 9.22 -8.43 3.82
N GLU E 77 8.88 -9.50 3.09
CA GLU E 77 9.90 -10.28 2.39
C GLU E 77 10.40 -9.55 1.15
N VAL E 78 9.55 -8.76 0.50
CA VAL E 78 9.98 -8.05 -0.70
C VAL E 78 10.99 -6.97 -0.34
N ASN E 79 10.70 -6.18 0.67
CA ASN E 79 11.60 -5.11 1.07
C ASN E 79 12.68 -5.58 2.04
N MET E 80 12.57 -6.81 2.55
CA MET E 80 13.58 -7.39 3.45
C MET E 80 13.76 -6.52 4.70
N ASP E 81 12.65 -6.13 5.31
CA ASP E 81 12.68 -5.31 6.50
C ASP E 81 11.43 -5.54 7.32
N TYR E 82 11.48 -5.13 8.58
CA TYR E 82 10.34 -5.20 9.49
C TYR E 82 10.20 -3.90 10.26
N THR E 83 8.97 -3.60 10.67
CA THR E 83 8.65 -2.39 11.39
C THR E 83 8.22 -2.75 12.80
N LEU E 84 8.83 -2.10 13.79
CA LEU E 84 8.52 -2.34 15.19
C LEU E 84 8.37 -1.03 15.92
N THR E 85 7.49 -1.02 16.92
CA THR E 85 7.29 0.12 17.81
C THR E 85 7.72 -0.31 19.20
N MET E 86 8.54 0.52 19.85
CA MET E 86 9.14 0.15 21.12
C MET E 86 9.30 1.37 22.01
N TYR E 87 9.35 1.12 23.32
CA TYR E 87 9.71 2.11 24.32
C TYR E 87 11.20 1.95 24.61
N PHE E 88 11.98 2.94 24.22
CA PHE E 88 13.44 2.87 24.27
C PHE E 88 13.94 3.73 25.43
N GLN E 89 14.42 3.07 26.48
CA GLN E 89 14.91 3.74 27.69
C GLN E 89 16.42 3.68 27.74
N GLN E 90 17.03 4.76 28.23
CA GLN E 90 18.47 4.85 28.43
C GLN E 90 18.76 5.37 29.83
N TYR E 91 19.73 4.76 30.50
CA TYR E 91 20.12 5.12 31.85
C TYR E 91 21.60 5.48 31.89
N TRP E 92 21.91 6.64 32.49
CA TRP E 92 23.29 7.02 32.73
C TRP E 92 23.32 7.99 33.89
N ARG E 93 24.51 8.17 34.47
CA ARG E 93 24.70 9.04 35.61
C ARG E 93 25.40 10.32 35.17
N ASP E 94 24.83 11.46 35.55
CA ASP E 94 25.42 12.77 35.30
C ASP E 94 25.50 13.52 36.61
N LYS E 95 26.70 13.63 37.17
CA LYS E 95 26.87 14.27 38.47
C LYS E 95 26.49 15.76 38.44
N ARG E 96 26.53 16.39 37.25
CA ARG E 96 26.08 17.77 37.13
C ARG E 96 24.60 17.94 37.44
N LEU E 97 23.81 16.86 37.34
CA LEU E 97 22.38 16.91 37.58
C LEU E 97 21.99 16.25 38.91
N ALA E 98 22.88 16.34 39.90
CA ALA E 98 22.63 15.79 41.23
C ALA E 98 22.09 16.90 42.13
N TYR E 99 20.97 16.61 42.80
CA TYR E 99 20.32 17.57 43.67
C TYR E 99 20.06 16.94 45.03
N SER E 100 20.04 17.78 46.05
CA SER E 100 19.79 17.35 47.42
C SER E 100 18.67 18.17 48.03
N GLY E 101 18.04 17.61 49.06
CA GLY E 101 16.93 18.24 49.73
C GLY E 101 15.57 17.92 49.15
N ILE E 102 15.51 17.16 48.06
CA ILE E 102 14.24 16.76 47.46
C ILE E 102 14.20 15.24 47.42
N PRO E 103 13.33 14.59 48.20
CA PRO E 103 13.32 13.12 48.22
C PRO E 103 12.53 12.50 47.08
N LEU E 104 12.23 13.29 46.05
CA LEU E 104 11.41 12.83 44.94
C LEU E 104 12.24 12.79 43.65
N ASN E 105 11.84 11.90 42.75
CA ASN E 105 12.40 11.88 41.41
C ASN E 105 11.68 12.91 40.54
N LEU E 106 12.45 13.84 39.97
CA LEU E 106 11.90 14.99 39.26
C LEU E 106 11.61 14.59 37.82
N THR E 107 10.34 14.26 37.53
CA THR E 107 9.90 14.07 36.15
C THR E 107 9.59 15.43 35.55
N LEU E 108 10.40 15.84 34.58
CA LEU E 108 10.28 17.17 33.99
C LEU E 108 9.59 17.11 32.64
N ASP E 109 9.27 18.29 32.11
CA ASP E 109 8.65 18.38 30.79
C ASP E 109 9.59 17.82 29.73
N ASN E 110 9.00 17.19 28.71
CA ASN E 110 9.79 16.51 27.69
C ASN E 110 10.68 17.48 26.91
N ARG E 111 10.32 18.75 26.86
CA ARG E 111 11.12 19.74 26.14
C ARG E 111 12.44 20.06 26.83
N VAL E 112 12.64 19.62 28.08
CA VAL E 112 13.90 19.85 28.77
C VAL E 112 15.02 18.97 28.25
N ALA E 113 14.71 17.98 27.42
CA ALA E 113 15.75 17.13 26.83
C ALA E 113 16.66 17.93 25.90
N ASP E 114 16.13 18.96 25.24
CA ASP E 114 16.96 19.80 24.39
C ASP E 114 17.97 20.63 25.18
N GLN E 115 17.83 20.72 26.49
CA GLN E 115 18.72 21.50 27.32
C GLN E 115 19.73 20.64 28.10
N LEU E 116 19.77 19.34 27.82
CA LEU E 116 20.67 18.42 28.50
C LEU E 116 21.50 17.67 27.47
N TRP E 117 22.41 16.84 27.96
CA TRP E 117 23.22 15.96 27.13
C TRP E 117 22.57 14.58 27.08
N VAL E 118 22.39 14.06 25.87
CA VAL E 118 21.85 12.73 25.68
C VAL E 118 22.81 11.96 24.78
N PRO E 119 22.94 10.63 24.93
CA PRO E 119 23.86 9.89 24.08
C PRO E 119 23.45 9.94 22.61
N ASP E 120 24.45 9.91 21.74
CA ASP E 120 24.23 9.89 20.29
C ASP E 120 23.99 8.47 19.81
N THR E 121 22.89 7.89 20.27
CA THR E 121 22.55 6.51 19.97
C THR E 121 21.74 6.45 18.68
N TYR E 122 22.18 5.61 17.74
CA TYR E 122 21.50 5.41 16.48
C TYR E 122 21.43 3.92 16.18
N PHE E 123 20.46 3.55 15.36
CA PHE E 123 20.25 2.16 14.97
C PHE E 123 20.91 1.92 13.61
N LEU E 124 21.88 1.00 13.58
CA LEU E 124 22.74 0.86 12.41
C LEU E 124 21.96 0.38 11.19
N ASN E 125 21.08 -0.60 11.38
CA ASN E 125 20.31 -1.16 10.27
C ASN E 125 18.95 -0.50 10.08
N ASP E 126 18.73 0.66 10.70
CA ASP E 126 17.47 1.35 10.55
C ASP E 126 17.36 1.98 9.16
N LYS E 127 16.22 1.78 8.51
CA LYS E 127 15.96 2.36 7.20
C LYS E 127 15.06 3.59 7.27
N LYS E 128 14.09 3.60 8.17
CA LYS E 128 13.17 4.73 8.31
C LYS E 128 12.57 4.67 9.70
N SER E 129 12.80 5.73 10.49
CA SER E 129 12.33 5.76 11.86
C SER E 129 11.86 7.17 12.21
N PHE E 130 10.98 7.26 13.21
CA PHE E 130 10.46 8.53 13.68
C PHE E 130 10.02 8.36 15.12
N VAL E 131 9.85 9.49 15.80
CA VAL E 131 9.33 9.53 17.17
C VAL E 131 7.92 10.07 17.11
N HIS E 132 6.99 9.37 17.76
CA HIS E 132 5.59 9.78 17.75
C HIS E 132 5.44 11.12 18.45
N GLY E 133 4.55 11.96 17.92
CA GLY E 133 4.40 13.30 18.45
C GLY E 133 2.96 13.70 18.71
N VAL E 134 2.12 12.72 19.07
CA VAL E 134 0.73 12.96 19.40
C VAL E 134 0.47 12.40 20.79
N THR E 135 -0.08 13.21 21.70
CA THR E 135 -0.43 14.60 21.40
C THR E 135 0.76 15.53 21.51
N VAL E 136 1.83 15.04 22.13
CA VAL E 136 3.12 15.73 22.19
C VAL E 136 4.20 14.73 21.83
N LYS E 137 5.43 15.23 21.72
CA LYS E 137 6.56 14.36 21.42
C LYS E 137 6.74 13.34 22.54
N ASN E 138 6.66 12.06 22.18
CA ASN E 138 6.64 10.97 23.16
C ASN E 138 8.06 10.71 23.67
N ARG E 139 8.52 11.60 24.54
CA ARG E 139 9.79 11.41 25.22
C ARG E 139 9.65 11.83 26.68
N MET E 140 10.56 11.35 27.51
CA MET E 140 10.52 11.65 28.94
C MET E 140 11.92 11.90 29.45
N ILE E 141 12.01 12.74 30.49
CA ILE E 141 13.25 13.01 31.20
C ILE E 141 12.92 12.94 32.68
N ARG E 142 13.44 11.92 33.36
CA ARG E 142 13.25 11.75 34.80
C ARG E 142 14.60 11.82 35.48
N LEU E 143 14.72 12.73 36.45
CA LEU E 143 15.96 12.92 37.19
C LEU E 143 15.85 12.27 38.56
N HIS E 144 16.95 11.66 39.01
CA HIS E 144 17.03 11.06 40.32
C HIS E 144 18.01 11.84 41.20
N PRO E 145 17.85 11.81 42.52
CA PRO E 145 18.69 12.66 43.38
C PRO E 145 20.18 12.37 43.26
N ASP E 146 20.57 11.12 43.03
CA ASP E 146 21.99 10.80 42.91
C ASP E 146 22.59 11.25 41.59
N GLY E 147 21.77 11.69 40.63
CA GLY E 147 22.25 12.13 39.34
C GLY E 147 21.88 11.21 38.19
N THR E 148 21.24 10.08 38.46
CA THR E 148 20.83 9.16 37.40
C THR E 148 19.75 9.81 36.54
N VAL E 149 19.90 9.71 35.23
CA VAL E 149 18.98 10.30 34.27
C VAL E 149 18.32 9.18 33.49
N LEU E 150 16.99 9.20 33.44
CA LEU E 150 16.20 8.28 32.62
C LEU E 150 15.67 9.03 31.41
N TYR E 151 16.04 8.57 30.22
CA TYR E 151 15.65 9.20 28.96
C TYR E 151 14.96 8.16 28.10
N GLY E 152 13.64 8.25 28.03
CA GLY E 152 12.82 7.26 27.33
C GLY E 152 12.27 7.85 26.03
N LEU E 153 12.20 7.01 25.01
CA LEU E 153 11.65 7.39 23.72
C LEU E 153 10.69 6.32 23.23
N ARG E 154 9.65 6.75 22.53
CA ARG E 154 8.74 5.84 21.83
C ARG E 154 9.03 5.95 20.35
N ILE E 155 9.65 4.92 19.78
CA ILE E 155 10.20 4.96 18.44
C ILE E 155 9.56 3.87 17.60
N THR E 156 9.11 4.23 16.41
CA THR E 156 8.71 3.25 15.39
C THR E 156 9.76 3.26 14.30
N THR E 157 10.46 2.14 14.12
CA THR E 157 11.57 2.06 13.19
C THR E 157 11.39 0.88 12.26
N THR E 158 11.70 1.08 10.98
CA THR E 158 11.73 0.02 9.99
C THR E 158 13.18 -0.44 9.84
N ALA E 159 13.48 -1.63 10.37
CA ALA E 159 14.84 -2.13 10.39
C ALA E 159 15.03 -3.18 9.30
N ALA E 160 16.18 -3.10 8.63
CA ALA E 160 16.48 -4.03 7.54
C ALA E 160 16.70 -5.44 8.09
N CYS E 161 16.26 -6.43 7.32
CA CYS E 161 16.46 -7.83 7.69
C CYS E 161 16.65 -8.63 6.41
N MET E 162 17.90 -9.01 6.13
CA MET E 162 18.20 -9.80 4.94
C MET E 162 17.74 -11.23 5.16
N MET E 163 16.85 -11.70 4.29
CA MET E 163 16.18 -12.98 4.47
C MET E 163 16.64 -13.97 3.40
N ASP E 164 16.92 -15.20 3.83
CA ASP E 164 17.25 -16.30 2.93
C ASP E 164 15.98 -17.11 2.73
N LEU E 165 15.34 -16.93 1.57
CA LEU E 165 14.03 -17.52 1.30
C LEU E 165 14.12 -18.74 0.39
N ARG E 166 15.28 -19.39 0.31
CA ARG E 166 15.39 -20.59 -0.51
C ARG E 166 14.50 -21.70 0.01
N ARG E 167 14.20 -21.71 1.31
CA ARG E 167 13.36 -22.73 1.92
C ARG E 167 11.93 -22.25 2.12
N TYR E 168 11.56 -21.11 1.53
CA TYR E 168 10.22 -20.58 1.68
C TYR E 168 9.20 -21.56 1.09
N PRO E 169 8.08 -21.81 1.77
CA PRO E 169 7.64 -21.23 3.05
C PRO E 169 8.09 -22.01 4.27
N LEU E 170 8.90 -23.04 4.12
CA LEU E 170 9.37 -23.84 5.26
C LEU E 170 10.70 -23.31 5.79
N ASP E 171 10.73 -22.02 6.13
CA ASP E 171 11.96 -21.32 6.45
C ASP E 171 11.90 -20.72 7.84
N GLU E 172 13.08 -20.35 8.33
CA GLU E 172 13.23 -19.58 9.56
C GLU E 172 14.02 -18.32 9.24
N GLN E 173 13.71 -17.25 9.97
CA GLN E 173 14.38 -15.98 9.74
C GLN E 173 14.98 -15.46 11.04
N ASN E 174 16.04 -14.68 10.91
CA ASN E 174 16.77 -14.11 12.05
C ASN E 174 16.92 -12.62 11.77
N CYS E 175 16.04 -11.81 12.36
CA CYS E 175 16.06 -10.37 12.18
C CYS E 175 16.62 -9.71 13.43
N THR E 176 17.58 -8.80 13.23
CA THR E 176 18.31 -8.20 14.32
C THR E 176 18.04 -6.69 14.37
N LEU E 177 18.57 -6.06 15.40
CA LEU E 177 18.51 -4.60 15.56
C LEU E 177 19.81 -4.17 16.21
N GLU E 178 20.62 -3.41 15.48
CA GLU E 178 21.94 -3.01 15.94
C GLU E 178 21.88 -1.62 16.55
N ILE E 179 22.46 -1.46 17.73
CA ILE E 179 22.49 -0.20 18.46
C ILE E 179 23.94 0.20 18.65
N GLU E 180 24.30 1.39 18.18
CA GLU E 180 25.68 1.83 18.18
C GLU E 180 25.74 3.32 18.49
N SER E 181 26.91 3.77 18.94
CA SER E 181 27.18 5.18 19.18
C SER E 181 27.88 5.76 17.97
N TYR E 182 27.42 6.91 17.49
CA TYR E 182 27.87 7.44 16.21
C TYR E 182 29.30 7.96 16.30
N GLY E 183 29.61 8.73 17.34
CA GLY E 183 30.88 9.42 17.39
C GLY E 183 31.70 9.21 18.64
N TYR E 184 31.36 8.20 19.44
CA TYR E 184 32.05 7.93 20.69
C TYR E 184 32.57 6.50 20.67
N THR E 185 33.84 6.33 21.05
CA THR E 185 34.44 5.01 21.19
C THR E 185 34.17 4.46 22.58
N THR E 186 34.74 3.28 22.86
CA THR E 186 34.61 2.69 24.19
C THR E 186 35.37 3.47 25.26
N ASP E 187 36.26 4.37 24.86
CA ASP E 187 36.95 5.21 25.85
C ASP E 187 36.03 6.29 26.39
N ASP E 188 35.01 6.68 25.64
CA ASP E 188 34.09 7.75 26.03
C ASP E 188 32.75 7.22 26.53
N ILE E 189 32.19 6.20 25.87
CA ILE E 189 30.88 5.69 26.23
C ILE E 189 30.92 4.17 26.21
N GLU E 190 30.06 3.56 27.03
CA GLU E 190 29.91 2.11 27.07
C GLU E 190 28.43 1.77 27.14
N PHE E 191 28.07 0.64 26.53
CA PHE E 191 26.69 0.18 26.50
C PHE E 191 26.57 -1.15 27.25
N TYR E 192 25.43 -1.35 27.90
CA TYR E 192 25.10 -2.63 28.49
C TYR E 192 23.60 -2.74 28.60
N TRP E 193 23.12 -3.99 28.70
CA TRP E 193 21.69 -4.25 28.87
C TRP E 193 21.35 -4.16 30.36
N ARG E 194 20.60 -3.13 30.73
CA ARG E 194 20.20 -2.96 32.12
C ARG E 194 19.17 -4.02 32.50
N GLY E 195 19.47 -4.79 33.55
CA GLY E 195 18.65 -5.93 33.91
C GLY E 195 19.07 -7.24 33.29
N GLY E 196 20.11 -7.25 32.46
CA GLY E 196 20.58 -8.49 31.87
C GLY E 196 19.60 -9.04 30.85
N ASP E 197 19.23 -10.31 31.02
CA ASP E 197 18.32 -10.95 30.08
C ASP E 197 16.90 -10.41 30.16
N LYS E 198 16.55 -9.72 31.24
CA LYS E 198 15.23 -9.12 31.39
C LYS E 198 15.16 -7.71 30.84
N ALA E 199 16.18 -7.27 30.11
CA ALA E 199 16.19 -5.90 29.60
C ALA E 199 15.06 -5.67 28.60
N VAL E 200 14.80 -6.64 27.73
CA VAL E 200 13.78 -6.50 26.70
C VAL E 200 12.54 -7.27 27.12
N THR E 201 11.41 -6.58 27.16
CA THR E 201 10.13 -7.17 27.54
C THR E 201 9.14 -6.98 26.40
N GLY E 202 8.02 -7.71 26.49
CA GLY E 202 6.98 -7.63 25.49
C GLY E 202 7.17 -8.54 24.29
N VAL E 203 8.25 -9.32 24.24
CA VAL E 203 8.48 -10.20 23.10
C VAL E 203 7.41 -11.28 23.03
N GLU E 204 7.07 -11.88 24.17
CA GLU E 204 6.12 -12.98 24.20
C GLU E 204 4.68 -12.53 23.97
N ARG E 205 4.41 -11.23 23.96
CA ARG E 205 3.07 -10.71 23.72
C ARG E 205 2.84 -10.34 22.26
N ILE E 206 3.81 -10.58 21.39
CA ILE E 206 3.72 -10.22 19.98
C ILE E 206 3.00 -11.34 19.24
N GLU E 207 2.17 -10.97 18.26
CA GLU E 207 1.44 -11.94 17.44
C GLU E 207 1.53 -11.48 16.00
N LEU E 208 2.47 -12.06 15.26
CA LEU E 208 2.69 -11.72 13.86
C LEU E 208 1.66 -12.42 12.96
N PRO E 209 1.35 -11.84 11.81
CA PRO E 209 0.36 -12.48 10.91
C PRO E 209 0.80 -13.84 10.40
N GLN E 210 1.98 -13.92 9.79
CA GLN E 210 2.45 -15.16 9.16
C GLN E 210 3.76 -15.66 9.76
N PHE E 211 4.07 -15.28 11.00
CA PHE E 211 5.28 -15.76 11.64
C PHE E 211 4.97 -16.18 13.07
N SER E 212 5.99 -16.66 13.77
CA SER E 212 5.87 -17.06 15.16
C SER E 212 7.24 -16.93 15.80
N ILE E 213 7.37 -15.99 16.74
CA ILE E 213 8.67 -15.74 17.37
C ILE E 213 9.02 -16.92 18.26
N VAL E 214 10.17 -17.54 17.99
CA VAL E 214 10.61 -18.72 18.72
C VAL E 214 11.40 -18.26 19.94
N GLU E 215 12.48 -17.52 19.71
CA GLU E 215 13.31 -17.04 20.81
C GLU E 215 13.95 -15.72 20.41
N HIS E 216 14.40 -14.98 21.41
CA HIS E 216 15.12 -13.73 21.21
C HIS E 216 16.37 -13.73 22.09
N ARG E 217 17.39 -13.01 21.63
CA ARG E 217 18.67 -12.97 22.32
C ARG E 217 19.14 -11.53 22.46
N LEU E 218 19.94 -11.28 23.50
CA LEU E 218 20.58 -10.00 23.74
C LEU E 218 22.09 -10.19 23.68
N VAL E 219 22.76 -9.40 22.85
CA VAL E 219 24.20 -9.52 22.65
C VAL E 219 24.84 -8.17 22.94
N SER E 220 25.85 -8.17 23.80
CA SER E 220 26.66 -6.99 24.07
C SER E 220 28.09 -7.31 23.66
N ARG E 221 28.66 -6.48 22.78
CA ARG E 221 29.98 -6.73 22.25
C ARG E 221 30.58 -5.41 21.80
N ASN E 222 31.89 -5.43 21.57
CA ASN E 222 32.64 -4.27 21.10
C ASN E 222 33.10 -4.53 19.67
N VAL E 223 32.93 -3.53 18.81
CA VAL E 223 33.41 -3.60 17.43
C VAL E 223 34.84 -3.08 17.42
N VAL E 224 35.79 -4.00 17.30
CA VAL E 224 37.22 -3.66 17.42
C VAL E 224 37.72 -3.20 16.07
N PHE E 225 38.34 -2.02 16.04
CA PHE E 225 38.96 -1.47 14.84
C PHE E 225 40.34 -0.95 15.19
N ALA E 226 41.07 -0.52 14.14
CA ALA E 226 42.40 0.03 14.37
C ALA E 226 42.35 1.31 15.19
N THR E 227 41.38 2.18 14.90
CA THR E 227 41.23 3.41 15.69
C THR E 227 40.84 3.09 17.13
N GLY E 228 39.96 2.13 17.33
CA GLY E 228 39.54 1.76 18.67
C GLY E 228 38.29 0.92 18.61
N ALA E 229 37.85 0.48 19.79
CA ALA E 229 36.65 -0.31 19.91
C ALA E 229 35.42 0.58 20.07
N TYR E 230 34.35 0.23 19.37
CA TYR E 230 33.10 0.96 19.45
C TYR E 230 32.03 0.10 20.09
N PRO E 231 31.29 0.62 21.07
CA PRO E 231 30.26 -0.19 21.72
C PRO E 231 29.12 -0.52 20.76
N ARG E 232 28.54 -1.70 20.95
CA ARG E 232 27.41 -2.12 20.14
C ARG E 232 26.54 -3.08 20.94
N LEU E 233 25.22 -2.91 20.83
CA LEU E 233 24.25 -3.84 21.38
C LEU E 233 23.42 -4.40 20.25
N SER E 234 23.04 -5.68 20.37
CA SER E 234 22.31 -6.37 19.31
C SER E 234 21.13 -7.10 19.92
N LEU E 235 19.93 -6.77 19.45
CA LEU E 235 18.71 -7.50 19.78
C LEU E 235 18.25 -8.23 18.53
N SER E 236 18.09 -9.56 18.64
CA SER E 236 17.75 -10.39 17.50
C SER E 236 16.58 -11.29 17.84
N PHE E 237 15.78 -11.60 16.82
CA PHE E 237 14.66 -12.52 16.95
C PHE E 237 14.89 -13.73 16.06
N ARG E 238 14.02 -14.73 16.21
CA ARG E 238 14.01 -15.90 15.34
C ARG E 238 12.57 -16.16 14.92
N LEU E 239 12.26 -15.87 13.66
CA LEU E 239 10.90 -15.97 13.16
C LEU E 239 10.71 -17.30 12.45
N LYS E 240 9.65 -18.02 12.82
CA LYS E 240 9.28 -19.27 12.18
C LYS E 240 7.97 -19.07 11.45
N ARG E 241 7.96 -19.36 10.15
CA ARG E 241 6.79 -19.10 9.32
C ARG E 241 5.73 -20.17 9.50
N ASN E 242 4.48 -19.74 9.63
CA ASN E 242 3.37 -20.68 9.73
C ASN E 242 3.06 -21.29 8.37
N ILE E 243 2.65 -22.56 8.39
CA ILE E 243 2.50 -23.36 7.19
C ILE E 243 1.04 -23.72 6.90
N GLY E 244 0.12 -23.37 7.78
CA GLY E 244 -1.25 -23.82 7.63
C GLY E 244 -1.90 -23.34 6.35
N TYR E 245 -1.73 -22.05 6.03
CA TYR E 245 -2.34 -21.50 4.82
C TYR E 245 -1.75 -22.13 3.55
N PHE E 246 -0.44 -22.37 3.54
CA PHE E 246 0.18 -22.94 2.35
C PHE E 246 -0.25 -24.38 2.11
N ILE E 247 -0.51 -25.14 3.18
CA ILE E 247 -0.96 -26.52 3.01
C ILE E 247 -2.32 -26.55 2.34
N LEU E 248 -3.24 -25.69 2.78
CA LEU E 248 -4.60 -25.72 2.25
C LEU E 248 -4.71 -25.11 0.86
N GLN E 249 -3.90 -24.10 0.54
CA GLN E 249 -4.07 -23.34 -0.69
C GLN E 249 -3.03 -23.65 -1.76
N THR E 250 -1.87 -24.20 -1.39
CA THR E 250 -0.81 -24.46 -2.36
C THR E 250 -0.53 -25.94 -2.55
N TYR E 251 -0.26 -26.67 -1.45
CA TYR E 251 0.18 -28.06 -1.58
C TYR E 251 -0.98 -29.01 -1.84
N MET E 252 -2.04 -28.94 -1.03
CA MET E 252 -3.15 -29.89 -1.19
C MET E 252 -3.83 -29.77 -2.55
N PRO E 253 -4.20 -28.58 -3.05
CA PRO E 253 -4.80 -28.54 -4.39
C PRO E 253 -3.87 -29.06 -5.47
N SER E 254 -2.56 -28.82 -5.35
CA SER E 254 -1.62 -29.34 -6.34
C SER E 254 -1.52 -30.86 -6.26
N ILE E 255 -1.59 -31.42 -5.05
CA ILE E 255 -1.56 -32.88 -4.91
C ILE E 255 -2.82 -33.50 -5.51
N LEU E 256 -3.98 -32.88 -5.29
CA LEU E 256 -5.22 -33.42 -5.81
C LEU E 256 -5.24 -33.42 -7.34
N ILE E 257 -4.73 -32.34 -7.95
CA ILE E 257 -4.69 -32.28 -9.40
C ILE E 257 -3.77 -33.37 -9.95
N THR E 258 -2.62 -33.59 -9.31
CA THR E 258 -1.70 -34.62 -9.76
C THR E 258 -2.33 -36.01 -9.66
N ILE E 259 -3.07 -36.26 -8.59
CA ILE E 259 -3.76 -37.54 -8.45
C ILE E 259 -4.84 -37.69 -9.50
N LEU E 260 -5.52 -36.60 -9.86
CA LEU E 260 -6.56 -36.67 -10.87
C LEU E 260 -6.00 -37.04 -12.24
N SER E 261 -4.77 -36.62 -12.54
CA SER E 261 -4.16 -36.98 -13.82
C SER E 261 -3.89 -38.46 -13.94
N TRP E 262 -3.85 -39.19 -12.83
CA TRP E 262 -3.67 -40.64 -12.87
C TRP E 262 -4.94 -41.38 -13.24
N VAL E 263 -6.10 -40.71 -13.19
CA VAL E 263 -7.35 -41.36 -13.58
C VAL E 263 -7.31 -41.80 -15.03
N SER E 264 -6.54 -41.11 -15.87
CA SER E 264 -6.45 -41.47 -17.28
C SER E 264 -5.93 -42.89 -17.47
N PHE E 265 -5.15 -43.39 -16.52
CA PHE E 265 -4.59 -44.73 -16.64
C PHE E 265 -5.63 -45.82 -16.46
N TRP E 266 -6.80 -45.49 -15.91
CA TRP E 266 -7.87 -46.47 -15.72
C TRP E 266 -8.97 -46.32 -16.75
N ILE E 267 -8.76 -45.53 -17.80
CA ILE E 267 -9.71 -45.40 -18.90
C ILE E 267 -9.14 -46.15 -20.10
N ASN E 268 -10.04 -46.69 -20.92
CA ASN E 268 -9.62 -47.48 -22.07
C ASN E 268 -8.78 -46.64 -23.02
N TYR E 269 -7.77 -47.28 -23.61
CA TYR E 269 -6.85 -46.59 -24.51
C TYR E 269 -7.57 -46.03 -25.74
N ASP E 270 -8.71 -46.60 -26.12
CA ASP E 270 -9.44 -46.12 -27.29
C ASP E 270 -10.34 -44.93 -26.99
N ALA E 271 -10.48 -44.55 -25.72
CA ALA E 271 -11.26 -43.37 -25.33
C ALA E 271 -10.38 -42.14 -25.47
N SER E 272 -10.11 -41.76 -26.72
CA SER E 272 -9.22 -40.64 -26.99
C SER E 272 -9.77 -39.34 -26.44
N ALA E 273 -11.06 -39.08 -26.65
CA ALA E 273 -11.65 -37.83 -26.18
C ALA E 273 -11.63 -37.75 -24.66
N ALA E 274 -11.94 -38.85 -23.98
CA ALA E 274 -11.99 -38.82 -22.52
C ALA E 274 -10.61 -38.63 -21.91
N ARG E 275 -9.61 -39.36 -22.41
CA ARG E 275 -8.29 -39.32 -21.79
C ARG E 275 -7.54 -38.03 -22.13
N VAL E 276 -7.69 -37.53 -23.36
CA VAL E 276 -7.00 -36.30 -23.72
C VAL E 276 -7.59 -35.10 -23.00
N ALA E 277 -8.93 -35.02 -22.92
CA ALA E 277 -9.56 -33.92 -22.22
C ALA E 277 -9.21 -33.92 -20.74
N LEU E 278 -9.17 -35.10 -20.12
CA LEU E 278 -8.74 -35.19 -18.73
C LEU E 278 -7.27 -34.80 -18.58
N GLY E 279 -6.42 -35.26 -19.51
CA GLY E 279 -5.00 -34.97 -19.40
C GLY E 279 -4.67 -33.51 -19.59
N ILE E 280 -5.26 -32.88 -20.61
CA ILE E 280 -4.88 -31.52 -20.94
C ILE E 280 -5.55 -30.50 -20.02
N THR E 281 -6.66 -30.85 -19.37
CA THR E 281 -7.27 -29.93 -18.44
C THR E 281 -6.55 -29.89 -17.10
N THR E 282 -5.95 -31.02 -16.69
CA THR E 282 -5.12 -31.02 -15.50
C THR E 282 -3.84 -30.21 -15.71
N VAL E 283 -3.30 -30.23 -16.92
CA VAL E 283 -2.16 -29.37 -17.24
C VAL E 283 -2.58 -27.90 -17.16
N LEU E 284 -3.76 -27.58 -17.69
CA LEU E 284 -4.28 -26.23 -17.61
C LEU E 284 -4.55 -25.82 -16.17
N THR E 285 -5.08 -26.75 -15.36
CA THR E 285 -5.34 -26.45 -13.96
C THR E 285 -4.05 -26.18 -13.20
N MET E 286 -3.01 -26.97 -13.46
CA MET E 286 -1.72 -26.73 -12.79
C MET E 286 -1.15 -25.37 -13.19
N THR E 287 -1.30 -24.99 -14.46
CA THR E 287 -0.85 -23.68 -14.89
C THR E 287 -1.63 -22.58 -14.17
N THR E 288 -2.93 -22.78 -13.97
CA THR E 288 -3.73 -21.79 -13.24
C THR E 288 -3.25 -21.65 -11.81
N ILE E 289 -2.92 -22.76 -11.15
CA ILE E 289 -2.44 -22.71 -9.78
C ILE E 289 -1.09 -22.00 -9.72
N ASN E 290 -0.19 -22.32 -10.65
CA ASN E 290 1.15 -21.73 -10.63
C ASN E 290 1.09 -20.22 -10.87
N THR E 291 0.35 -19.81 -11.90
CA THR E 291 0.36 -18.40 -12.28
C THR E 291 -0.34 -17.53 -11.24
N HIS E 292 -1.40 -18.05 -10.63
CA HIS E 292 -2.12 -17.25 -9.63
C HIS E 292 -1.37 -17.19 -8.30
N LEU E 293 -0.64 -18.25 -7.94
CA LEU E 293 0.20 -18.17 -6.75
C LEU E 293 1.36 -17.22 -6.96
N ARG E 294 1.81 -17.04 -8.20
CA ARG E 294 2.87 -16.08 -8.48
C ARG E 294 2.45 -14.66 -8.14
N GLU E 295 1.21 -14.31 -8.47
CA GLU E 295 0.72 -12.97 -8.15
C GLU E 295 0.42 -12.83 -6.67
N THR E 296 -0.17 -13.86 -6.05
CA THR E 296 -0.56 -13.76 -4.65
C THR E 296 0.64 -13.69 -3.74
N LEU E 297 1.60 -14.59 -3.93
CA LEU E 297 2.77 -14.63 -3.07
C LEU E 297 3.69 -13.44 -3.33
N PRO E 298 4.50 -13.06 -2.34
CA PRO E 298 5.42 -11.93 -2.55
C PRO E 298 6.41 -12.19 -3.67
N LYS E 299 6.76 -11.12 -4.38
CA LYS E 299 7.64 -11.20 -5.54
C LYS E 299 9.07 -11.47 -5.07
N ILE E 300 9.50 -12.71 -5.15
CA ILE E 300 10.84 -13.10 -4.72
C ILE E 300 11.55 -13.73 -5.91
N PRO E 301 12.27 -12.94 -6.72
CA PRO E 301 12.77 -13.46 -8.00
C PRO E 301 13.95 -14.41 -7.89
N TYR E 302 13.76 -15.53 -7.19
CA TYR E 302 14.69 -16.66 -7.29
C TYR E 302 13.97 -17.91 -6.83
N VAL E 303 14.58 -19.06 -7.15
CA VAL E 303 13.92 -20.34 -6.94
C VAL E 303 13.79 -20.61 -5.45
N LYS E 304 12.57 -20.93 -5.02
CA LYS E 304 12.25 -21.25 -3.63
C LYS E 304 11.77 -22.69 -3.53
N ALA E 305 11.54 -23.14 -2.30
CA ALA E 305 11.04 -24.49 -2.09
C ALA E 305 9.62 -24.65 -2.62
N ILE E 306 8.82 -23.59 -2.58
CA ILE E 306 7.46 -23.66 -3.11
C ILE E 306 7.48 -23.82 -4.63
N ASP E 307 8.45 -23.21 -5.32
CA ASP E 307 8.49 -23.29 -6.77
C ASP E 307 8.91 -24.69 -7.23
N MET E 308 9.83 -25.34 -6.50
CA MET E 308 10.27 -26.66 -6.89
C MET E 308 9.12 -27.68 -6.80
N TYR E 309 8.30 -27.59 -5.76
CA TYR E 309 7.19 -28.52 -5.63
C TYR E 309 6.13 -28.29 -6.71
N LEU E 310 5.80 -27.02 -6.97
CA LEU E 310 4.85 -26.73 -8.04
C LEU E 310 5.37 -27.17 -9.39
N MET E 311 6.67 -26.96 -9.65
CA MET E 311 7.26 -27.41 -10.90
C MET E 311 7.29 -28.93 -10.97
N GLY E 312 7.56 -29.59 -9.84
CA GLY E 312 7.55 -31.04 -9.82
C GLY E 312 6.19 -31.62 -10.15
N CYS E 313 5.13 -31.05 -9.57
CA CYS E 313 3.78 -31.52 -9.88
C CYS E 313 3.39 -31.21 -11.32
N PHE E 314 3.89 -30.11 -11.88
CA PHE E 314 3.60 -29.80 -13.28
C PHE E 314 4.20 -30.84 -14.21
N VAL E 315 5.40 -31.32 -13.90
CA VAL E 315 6.04 -32.34 -14.73
C VAL E 315 5.27 -33.65 -14.66
N PHE E 316 4.76 -34.01 -13.49
CA PHE E 316 4.06 -35.28 -13.36
C PHE E 316 2.77 -35.30 -14.19
N VAL E 317 2.01 -34.21 -14.17
CA VAL E 317 0.81 -34.18 -15.00
C VAL E 317 1.19 -34.06 -16.47
N PHE E 318 2.35 -33.46 -16.76
CA PHE E 318 2.85 -33.43 -18.13
C PHE E 318 3.18 -34.83 -18.64
N LEU E 319 3.78 -35.66 -17.79
CA LEU E 319 4.17 -37.01 -18.20
C LEU E 319 2.96 -37.93 -18.31
N ALA E 320 1.92 -37.69 -17.51
CA ALA E 320 0.71 -38.50 -17.61
C ALA E 320 0.03 -38.33 -18.95
N LEU E 321 -0.02 -37.08 -19.46
CA LEU E 321 -0.57 -36.86 -20.79
C LEU E 321 0.37 -37.39 -21.87
N LEU E 322 1.67 -37.22 -21.68
CA LEU E 322 2.63 -37.76 -22.62
C LEU E 322 2.60 -39.29 -22.65
N GLU E 323 2.20 -39.91 -21.55
CA GLU E 323 2.11 -41.37 -21.50
C GLU E 323 1.05 -41.89 -22.46
N TYR E 324 -0.10 -41.21 -22.53
CA TYR E 324 -1.17 -41.68 -23.41
C TYR E 324 -0.77 -41.57 -24.87
N ALA E 325 -0.04 -40.51 -25.24
CA ALA E 325 0.40 -40.36 -26.62
C ALA E 325 1.27 -41.52 -27.05
N PHE E 326 2.16 -41.97 -26.16
CA PHE E 326 2.95 -43.16 -26.46
C PHE E 326 2.07 -44.38 -26.61
N VAL E 327 1.06 -44.52 -25.73
CA VAL E 327 0.13 -45.64 -25.83
C VAL E 327 -0.66 -45.58 -27.13
N ASN E 328 -1.16 -44.38 -27.47
CA ASN E 328 -1.97 -44.24 -28.68
C ASN E 328 -1.16 -44.49 -29.94
N TYR E 329 0.12 -44.09 -29.95
CA TYR E 329 0.94 -44.30 -31.13
C TYR E 329 1.25 -45.77 -31.34
N ILE E 330 1.46 -46.51 -30.25
CA ILE E 330 1.78 -47.93 -30.36
C ILE E 330 0.62 -48.69 -30.99
N PHE E 331 -0.60 -48.42 -30.54
CA PHE E 331 -1.76 -49.18 -31.01
C PHE E 331 -2.13 -48.81 -32.44
N PHE E 332 -2.04 -47.53 -32.80
CA PHE E 332 -2.53 -47.06 -34.09
C PHE E 332 -1.41 -46.78 -35.09
N GLY E 333 -0.30 -46.22 -34.65
CA GLY E 333 0.79 -45.91 -35.58
C GLY E 333 1.60 -47.13 -35.93
N ARG E 334 2.24 -47.73 -34.94
CA ARG E 334 3.05 -48.93 -35.14
C ARG E 334 2.22 -50.21 -35.08
N GLY E 335 0.91 -50.11 -34.85
CA GLY E 335 0.05 -51.26 -34.76
C GLY E 335 0.01 -52.10 -36.03
N PRO E 336 -0.53 -51.53 -37.11
CA PRO E 336 -0.62 -52.31 -38.37
C PRO E 336 0.72 -52.78 -38.89
N GLN E 337 1.78 -52.01 -38.69
CA GLN E 337 3.10 -52.40 -39.16
C GLN E 337 3.75 -53.42 -38.24
N ASP E 444 1.00 -55.53 -27.26
CA ASP E 444 -0.09 -55.21 -26.35
C ASP E 444 0.08 -53.81 -25.77
N VAL E 445 -1.02 -53.04 -25.76
CA VAL E 445 -0.99 -51.68 -25.22
C VAL E 445 -1.53 -51.62 -23.80
N ASN E 446 -1.97 -52.75 -23.23
CA ASN E 446 -2.39 -52.79 -21.84
C ASN E 446 -1.23 -52.88 -20.88
N ALA E 447 -0.02 -53.19 -21.37
CA ALA E 447 1.15 -53.28 -20.49
C ALA E 447 1.63 -51.90 -20.06
N ILE E 448 1.63 -50.94 -21.00
CA ILE E 448 2.09 -49.60 -20.66
C ILE E 448 1.15 -48.93 -19.67
N ASP E 449 -0.15 -49.19 -19.78
CA ASP E 449 -1.09 -48.63 -18.82
C ASP E 449 -0.97 -49.32 -17.47
N ARG E 450 -0.84 -50.65 -17.46
CA ARG E 450 -0.64 -51.38 -16.22
C ARG E 450 0.65 -50.95 -15.54
N TRP E 451 1.72 -50.75 -16.31
CA TRP E 451 2.98 -50.26 -15.76
C TRP E 451 2.81 -48.86 -15.16
N SER E 452 2.05 -47.99 -15.82
CA SER E 452 1.89 -46.62 -15.35
C SER E 452 1.00 -46.55 -14.11
N ARG E 453 0.07 -47.49 -13.96
CA ARG E 453 -0.82 -47.46 -12.80
C ARG E 453 -0.07 -47.65 -11.49
N ILE E 454 1.16 -48.14 -11.52
CA ILE E 454 1.95 -48.36 -10.32
C ILE E 454 3.09 -47.36 -10.22
N VAL E 455 3.80 -47.11 -11.33
CA VAL E 455 5.00 -46.28 -11.27
C VAL E 455 4.64 -44.84 -10.90
N PHE E 456 3.60 -44.30 -11.52
CA PHE E 456 3.21 -42.91 -11.25
C PHE E 456 2.81 -42.69 -9.79
N PRO E 457 1.94 -43.50 -9.18
CA PRO E 457 1.70 -43.32 -7.73
C PRO E 457 2.94 -43.54 -6.90
N PHE E 458 3.82 -44.46 -7.31
CA PHE E 458 5.02 -44.75 -6.53
C PHE E 458 6.05 -43.63 -6.64
N THR E 459 6.27 -43.12 -7.86
CA THR E 459 7.29 -42.09 -8.06
C THR E 459 6.89 -40.78 -7.39
N PHE E 460 5.61 -40.40 -7.49
CA PHE E 460 5.18 -39.16 -6.87
C PHE E 460 5.29 -39.21 -5.36
N SER E 461 4.95 -40.35 -4.75
CA SER E 461 5.16 -40.50 -3.32
C SER E 461 6.64 -40.46 -2.96
N LEU E 462 7.49 -41.08 -3.80
CA LEU E 462 8.93 -40.98 -3.59
C LEU E 462 9.42 -39.55 -3.75
N PHE E 463 8.86 -38.82 -4.71
CA PHE E 463 9.21 -37.42 -4.88
C PHE E 463 8.82 -36.60 -3.66
N ASN E 464 7.64 -36.89 -3.09
CA ASN E 464 7.25 -36.22 -1.84
C ASN E 464 8.17 -36.59 -0.69
N LEU E 465 8.58 -37.87 -0.61
CA LEU E 465 9.45 -38.29 0.48
C LEU E 465 10.78 -37.57 0.43
N VAL E 466 11.38 -37.46 -0.76
CA VAL E 466 12.64 -36.75 -0.89
C VAL E 466 12.45 -35.25 -0.62
N TYR E 467 11.33 -34.69 -1.07
CA TYR E 467 11.11 -33.27 -0.90
C TYR E 467 10.95 -32.89 0.57
N TRP E 468 10.09 -33.60 1.30
CA TRP E 468 9.79 -33.21 2.67
C TRP E 468 10.92 -33.55 3.63
N LEU E 469 11.78 -34.52 3.29
CA LEU E 469 12.97 -34.76 4.10
C LEU E 469 14.05 -33.73 3.86
N TYR E 470 14.10 -33.15 2.66
CA TYR E 470 15.13 -32.17 2.36
C TYR E 470 14.87 -30.85 3.09
N TYR E 471 13.62 -30.37 3.08
CA TYR E 471 13.29 -29.06 3.61
C TYR E 471 12.75 -29.11 5.03
N VAL E 472 12.70 -30.29 5.64
CA VAL E 472 12.27 -30.39 7.05
C VAL E 472 13.26 -31.25 7.82
N GLN F 1 -8.39 -30.66 23.63
CA GLN F 1 -9.43 -29.95 24.36
C GLN F 1 -8.85 -28.80 25.17
N VAL F 2 -9.36 -27.59 24.93
CA VAL F 2 -8.90 -26.42 25.64
C VAL F 2 -9.52 -26.41 27.04
N GLN F 3 -8.67 -26.33 28.06
CA GLN F 3 -9.12 -26.35 29.45
C GLN F 3 -8.38 -25.28 30.23
N LEU F 4 -9.03 -24.80 31.29
CA LEU F 4 -8.44 -23.83 32.22
C LEU F 4 -8.36 -24.46 33.60
N GLN F 5 -7.27 -25.20 33.85
CA GLN F 5 -7.07 -25.85 35.13
C GLN F 5 -6.66 -24.82 36.18
N GLU F 6 -7.35 -24.83 37.32
CA GLU F 6 -7.10 -23.89 38.40
C GLU F 6 -6.55 -24.64 39.60
N SER F 7 -5.48 -24.12 40.18
CA SER F 7 -4.82 -24.69 41.34
C SER F 7 -4.86 -23.71 42.50
N GLY F 8 -4.20 -24.09 43.59
CA GLY F 8 -4.20 -23.24 44.77
C GLY F 8 -5.53 -23.24 45.51
N GLY F 9 -5.70 -22.23 46.36
CA GLY F 9 -6.90 -22.08 47.14
C GLY F 9 -6.95 -23.04 48.32
N GLY F 10 -8.16 -23.23 48.84
CA GLY F 10 -8.37 -24.09 49.98
C GLY F 10 -8.81 -23.36 51.22
N LEU F 11 -8.41 -23.87 52.39
CA LEU F 11 -8.75 -23.23 53.67
C LEU F 11 -7.68 -22.21 54.02
N VAL F 12 -8.09 -20.95 54.13
CA VAL F 12 -7.18 -19.85 54.41
C VAL F 12 -7.74 -19.03 55.56
N GLN F 13 -6.91 -18.75 56.56
CA GLN F 13 -7.32 -17.93 57.70
C GLN F 13 -7.57 -16.49 57.28
N SER F 423 -2.68 -14.39 53.29
CA SER F 423 -2.29 -14.27 51.88
C SER F 423 -2.49 -15.59 51.15
N LEU F 424 -3.26 -15.53 50.05
CA LEU F 424 -3.54 -16.70 49.23
C LEU F 424 -3.29 -16.36 47.77
N ARG F 425 -2.58 -17.24 47.07
CA ARG F 425 -2.31 -17.07 45.64
C ARG F 425 -2.98 -18.20 44.87
N VAL F 426 -3.72 -17.83 43.82
CA VAL F 426 -4.46 -18.77 43.00
C VAL F 426 -3.95 -18.68 41.56
N SER F 427 -3.63 -19.82 40.97
CA SER F 427 -3.13 -19.89 39.61
C SER F 427 -4.21 -20.43 38.67
N CYS F 428 -3.91 -20.37 37.37
CA CYS F 428 -4.84 -20.87 36.35
C CYS F 428 -4.01 -21.30 35.14
N ALA F 429 -3.80 -22.60 34.99
CA ALA F 429 -3.03 -23.15 33.89
C ALA F 429 -3.93 -23.32 32.67
N ALA F 430 -3.45 -22.87 31.52
CA ALA F 430 -4.19 -22.97 30.27
C ALA F 430 -3.47 -23.94 29.33
N SER F 431 -4.21 -24.93 28.82
CA SER F 431 -3.66 -25.94 27.94
C SER F 431 -4.55 -26.09 26.72
N GLY F 432 -3.94 -26.47 25.60
CA GLY F 432 -4.65 -26.66 24.36
C GLY F 432 -4.78 -25.44 23.47
N ARG F 433 -4.51 -24.24 24.02
CA ARG F 433 -4.59 -23.02 23.23
C ARG F 433 -3.78 -21.94 23.91
N THR F 434 -3.03 -21.19 23.12
CA THR F 434 -2.25 -20.06 23.63
C THR F 434 -3.17 -18.84 23.77
N PHE F 435 -3.20 -18.28 24.97
CA PHE F 435 -4.02 -17.10 25.26
C PHE F 435 -3.19 -15.82 25.33
N THR F 436 -2.19 -15.71 24.45
CA THR F 436 -1.35 -14.50 24.45
C THR F 436 -2.18 -13.27 24.11
N THR F 437 -3.07 -13.38 23.12
CA THR F 437 -3.86 -12.25 22.66
C THR F 437 -5.31 -12.31 23.15
N TYR F 438 -5.57 -13.09 24.20
CA TYR F 438 -6.89 -13.16 24.82
C TYR F 438 -6.87 -12.47 26.17
N ILE F 439 -8.04 -11.95 26.56
CA ILE F 439 -8.20 -11.33 27.87
C ILE F 439 -8.49 -12.42 28.90
N MET F 440 -7.61 -12.57 29.88
CA MET F 440 -7.76 -13.57 30.93
C MET F 440 -8.24 -12.88 32.20
N ALA F 441 -9.36 -13.37 32.75
CA ALA F 441 -10.02 -12.71 33.86
C ALA F 441 -10.34 -13.72 34.96
N TRP F 442 -10.66 -13.19 36.13
CA TRP F 442 -11.07 -13.97 37.29
C TRP F 442 -12.48 -13.53 37.70
N PHE F 443 -13.32 -14.49 38.05
CA PHE F 443 -14.69 -14.22 38.47
C PHE F 443 -14.99 -14.96 39.76
N ARG F 444 -15.82 -14.32 40.59
CA ARG F 444 -16.24 -14.88 41.87
C ARG F 444 -17.76 -15.00 41.89
N GLN F 445 -18.25 -16.13 42.39
CA GLN F 445 -19.68 -16.41 42.41
C GLN F 445 -20.08 -16.71 43.85
N ALA F 446 -20.71 -15.73 44.50
CA ALA F 446 -21.24 -15.94 45.83
C ALA F 446 -22.38 -16.96 45.79
N PRO F 447 -22.68 -17.61 46.92
CA PRO F 447 -23.71 -18.66 46.90
C PRO F 447 -25.10 -18.10 46.61
N GLY F 448 -25.59 -18.34 45.40
CA GLY F 448 -26.92 -17.96 45.01
C GLY F 448 -27.11 -16.52 44.57
N LYS F 449 -26.11 -15.65 44.77
CA LYS F 449 -26.32 -14.23 44.47
C LYS F 449 -26.12 -13.94 42.99
N GLU F 450 -24.89 -14.11 42.49
CA GLU F 450 -24.55 -13.79 41.11
C GLU F 450 -23.08 -14.13 40.84
N ARG F 451 -22.63 -13.92 39.60
CA ARG F 451 -21.22 -14.03 39.25
C ARG F 451 -20.62 -12.62 39.20
N GLU F 452 -19.57 -12.40 39.99
CA GLU F 452 -19.01 -11.07 40.18
C GLU F 452 -17.66 -10.97 39.50
N PHE F 453 -17.45 -9.89 38.75
CA PHE F 453 -16.15 -9.63 38.14
C PHE F 453 -15.14 -9.19 39.18
N LEU F 454 -13.94 -9.74 39.10
CA LEU F 454 -12.87 -9.38 40.04
C LEU F 454 -11.72 -8.66 39.36
N ALA F 455 -11.11 -9.26 38.34
CA ALA F 455 -9.95 -8.68 37.70
C ALA F 455 -9.81 -9.23 36.29
N ALA F 456 -9.02 -8.54 35.47
CA ALA F 456 -8.77 -8.96 34.10
C ALA F 456 -7.47 -8.32 33.64
N MET F 457 -6.91 -8.87 32.56
CA MET F 457 -5.72 -8.32 31.95
C MET F 457 -5.71 -8.68 30.46
N ASP F 458 -5.60 -7.67 29.61
CA ASP F 458 -5.63 -7.86 28.17
C ASP F 458 -4.22 -8.08 27.63
N GLN F 459 -4.08 -8.01 26.30
CA GLN F 459 -2.78 -8.23 25.68
C GLN F 459 -1.77 -7.17 26.08
N GLY F 460 -2.21 -5.93 26.20
CA GLY F 460 -1.34 -4.82 26.54
C GLY F 460 -0.97 -4.67 28.00
N ARG F 461 -1.24 -5.70 28.81
CA ARG F 461 -0.96 -5.73 30.25
C ARG F 461 -1.78 -4.75 31.04
N ILE F 462 -2.83 -4.17 30.46
CA ILE F 462 -3.69 -3.27 31.21
C ILE F 462 -4.49 -4.07 32.22
N GLN F 463 -4.46 -3.64 33.47
CA GLN F 463 -5.12 -4.34 34.56
C GLN F 463 -6.42 -3.63 34.93
N TYR F 464 -7.51 -4.40 35.02
CA TYR F 464 -8.79 -3.87 35.43
C TYR F 464 -9.24 -4.57 36.71
N TYR F 465 -9.86 -3.82 37.61
CA TYR F 465 -10.29 -4.35 38.89
C TYR F 465 -11.69 -3.84 39.21
N GLY F 466 -12.42 -4.63 40.00
CA GLY F 466 -13.71 -4.19 40.49
C GLY F 466 -13.58 -3.23 41.67
N ASP F 467 -14.67 -2.53 41.95
CA ASP F 467 -14.66 -1.56 43.04
C ASP F 467 -14.40 -2.24 44.38
N SER F 468 -15.02 -3.39 44.62
CA SER F 468 -14.92 -4.06 45.91
C SER F 468 -13.54 -4.69 46.13
N VAL F 469 -12.74 -4.84 45.08
CA VAL F 469 -11.43 -5.47 45.21
C VAL F 469 -10.34 -4.58 44.64
N ARG F 470 -10.65 -3.31 44.44
CA ARG F 470 -9.68 -2.36 43.92
C ARG F 470 -8.59 -2.10 44.97
N GLY F 471 -7.34 -2.37 44.60
CA GLY F 471 -6.23 -2.21 45.52
C GLY F 471 -5.99 -3.37 46.46
N ARG F 472 -6.91 -4.33 46.54
CA ARG F 472 -6.75 -5.49 47.41
C ARG F 472 -6.20 -6.71 46.67
N PHE F 473 -6.74 -7.02 45.50
CA PHE F 473 -6.32 -8.19 44.74
C PHE F 473 -5.41 -7.77 43.59
N THR F 474 -4.42 -8.61 43.31
CA THR F 474 -3.46 -8.39 42.24
C THR F 474 -3.56 -9.52 41.22
N ILE F 475 -3.66 -9.17 39.94
CA ILE F 475 -3.73 -10.13 38.85
C ILE F 475 -2.45 -10.03 38.04
N SER F 476 -1.88 -11.19 37.71
CA SER F 476 -0.66 -11.26 36.91
C SER F 476 -0.78 -12.38 35.90
N ARG F 477 -0.33 -12.11 34.67
CA ARG F 477 -0.37 -13.08 33.58
C ARG F 477 1.04 -13.49 33.19
N ASP F 478 1.26 -14.80 33.09
CA ASP F 478 2.54 -15.34 32.63
C ASP F 478 2.38 -15.68 31.15
N TYR F 479 2.69 -14.71 30.30
CA TYR F 479 2.49 -14.88 28.86
C TYR F 479 3.35 -16.01 28.30
N ALA F 480 4.53 -16.24 28.88
CA ALA F 480 5.38 -17.34 28.42
C ALA F 480 4.75 -18.69 28.76
N LYS F 481 4.31 -18.86 30.00
CA LYS F 481 3.70 -20.12 30.44
C LYS F 481 2.21 -20.21 30.10
N ASN F 482 1.62 -19.13 29.56
CA ASN F 482 0.21 -19.08 29.22
C ASN F 482 -0.66 -19.38 30.45
N SER F 483 -0.53 -18.51 31.44
CA SER F 483 -1.27 -18.67 32.69
C SER F 483 -1.52 -17.30 33.29
N VAL F 484 -2.52 -17.23 34.17
CA VAL F 484 -2.87 -16.00 34.87
C VAL F 484 -3.00 -16.32 36.36
N ASP F 485 -2.40 -15.47 37.19
CA ASP F 485 -2.37 -15.68 38.63
C ASP F 485 -3.10 -14.54 39.34
N LEU F 486 -3.72 -14.87 40.46
CA LEU F 486 -4.43 -13.90 41.28
C LEU F 486 -3.86 -13.90 42.68
N GLN F 487 -3.49 -12.71 43.17
CA GLN F 487 -2.91 -12.55 44.50
C GLN F 487 -3.97 -11.96 45.42
N LEU F 488 -4.39 -12.74 46.41
CA LEU F 488 -5.44 -12.33 47.34
C LEU F 488 -4.79 -11.94 48.67
N ASP F 489 -5.08 -10.72 49.12
CA ASP F 489 -4.56 -10.21 50.38
C ASP F 489 -5.68 -9.51 51.13
N GLY F 490 -5.60 -9.56 52.46
CA GLY F 490 -6.63 -8.98 53.30
C GLY F 490 -7.98 -9.65 53.11
N LEU F 491 -7.97 -10.98 53.10
CA LEU F 491 -9.19 -11.74 52.84
C LEU F 491 -10.20 -11.53 53.96
N ARG F 492 -11.47 -11.55 53.58
CA ARG F 492 -12.60 -11.34 54.49
C ARG F 492 -13.60 -12.47 54.31
N PRO F 493 -14.46 -12.71 55.30
CA PRO F 493 -15.49 -13.75 55.14
C PRO F 493 -16.42 -13.51 53.97
N GLU F 494 -16.57 -12.25 53.52
CA GLU F 494 -17.38 -11.97 52.35
C GLU F 494 -16.81 -12.59 51.08
N ASP F 495 -15.50 -12.85 51.05
CA ASP F 495 -14.84 -13.40 49.88
C ASP F 495 -14.95 -14.91 49.78
N THR F 496 -15.58 -15.56 50.75
CA THR F 496 -15.73 -17.02 50.75
C THR F 496 -16.75 -17.40 49.68
N ALA F 497 -16.26 -17.83 48.52
CA ALA F 497 -17.11 -18.19 47.40
C ALA F 497 -16.28 -19.02 46.42
N VAL F 498 -16.86 -19.31 45.26
CA VAL F 498 -16.19 -20.08 44.22
C VAL F 498 -15.52 -19.12 43.25
N TYR F 499 -14.24 -19.34 42.98
CA TYR F 499 -13.46 -18.51 42.07
C TYR F 499 -13.26 -19.24 40.75
N TYR F 500 -13.57 -18.57 39.66
CA TYR F 500 -13.45 -19.13 38.32
C TYR F 500 -12.38 -18.38 37.54
N CYS F 501 -11.80 -19.08 36.55
CA CYS F 501 -10.83 -18.51 35.64
C CYS F 501 -11.45 -18.44 34.25
N ALA F 502 -11.46 -17.25 33.66
CA ALA F 502 -12.14 -17.01 32.39
C ALA F 502 -11.17 -16.42 31.38
N ALA F 503 -11.44 -16.69 30.10
CA ALA F 503 -10.64 -16.16 29.00
C ALA F 503 -11.55 -15.92 27.82
N GLY F 504 -11.47 -14.73 27.23
CA GLY F 504 -12.30 -14.40 26.10
C GLY F 504 -11.77 -13.17 25.39
N ALA F 505 -12.50 -12.78 24.34
CA ALA F 505 -12.13 -11.61 23.54
C ALA F 505 -12.69 -10.31 24.10
N GLY F 506 -13.46 -10.37 25.18
CA GLY F 506 -14.02 -9.15 25.76
C GLY F 506 -15.01 -8.45 24.85
N PHE F 507 -15.79 -9.20 24.09
CA PHE F 507 -16.79 -8.62 23.21
C PHE F 507 -17.98 -8.14 24.01
N TRP F 508 -18.38 -6.88 23.79
CA TRP F 508 -19.44 -6.23 24.55
C TRP F 508 -19.08 -6.19 26.04
N GLY F 509 -17.96 -5.55 26.34
CA GLY F 509 -17.54 -5.35 27.71
C GLY F 509 -16.72 -6.51 28.27
N LEU F 510 -15.59 -6.21 28.88
CA LEU F 510 -14.74 -7.22 29.49
C LEU F 510 -15.13 -7.55 30.92
N ARG F 511 -16.17 -6.90 31.45
CA ARG F 511 -16.64 -7.17 32.80
C ARG F 511 -17.85 -8.09 32.83
N THR F 512 -18.64 -8.13 31.77
CA THR F 512 -19.79 -9.02 31.71
C THR F 512 -19.33 -10.47 31.61
N ALA F 513 -20.02 -11.36 32.33
CA ALA F 513 -19.69 -12.77 32.30
C ALA F 513 -20.07 -13.41 30.96
N SER F 514 -21.05 -12.84 30.26
CA SER F 514 -21.49 -13.37 28.98
C SER F 514 -20.46 -13.17 27.87
N SER F 515 -19.45 -12.33 28.09
CA SER F 515 -18.43 -12.08 27.09
C SER F 515 -17.30 -13.11 27.10
N TYR F 516 -17.23 -13.97 28.11
CA TYR F 516 -16.18 -14.96 28.23
C TYR F 516 -16.71 -16.34 27.86
N HIS F 517 -15.91 -17.09 27.12
CA HIS F 517 -16.30 -18.40 26.61
C HIS F 517 -15.57 -19.54 27.31
N TYR F 518 -14.25 -19.44 27.43
CA TYR F 518 -13.47 -20.46 28.12
C TYR F 518 -13.53 -20.20 29.62
N TRP F 519 -14.03 -21.18 30.37
CA TRP F 519 -14.18 -21.07 31.81
C TRP F 519 -13.46 -22.22 32.51
N GLY F 520 -12.79 -21.90 33.61
CA GLY F 520 -12.17 -22.92 34.42
C GLY F 520 -13.18 -23.70 35.23
N GLN F 521 -12.73 -24.86 35.74
CA GLN F 521 -13.60 -25.72 36.52
C GLN F 521 -13.99 -25.09 37.86
N GLY F 522 -13.24 -24.10 38.33
CA GLY F 522 -13.57 -23.42 39.56
C GLY F 522 -12.75 -23.89 40.73
N THR F 523 -12.63 -23.02 41.73
CA THR F 523 -11.90 -23.33 42.95
C THR F 523 -12.70 -22.84 44.15
N GLN F 524 -12.73 -23.63 45.21
CA GLN F 524 -13.47 -23.29 46.42
C GLN F 524 -12.50 -22.72 47.45
N VAL F 525 -12.79 -21.52 47.95
CA VAL F 525 -11.99 -20.87 48.98
C VAL F 525 -12.88 -20.65 50.19
N THR F 526 -12.48 -21.21 51.32
CA THR F 526 -13.22 -21.07 52.57
C THR F 526 -12.38 -20.29 53.57
N VAL F 527 -12.96 -19.23 54.13
CA VAL F 527 -12.28 -18.35 55.08
C VAL F 527 -13.01 -18.45 56.41
N SER F 528 -12.28 -18.81 57.47
CA SER F 528 -12.84 -18.94 58.80
C SER F 528 -12.06 -18.04 59.76
N SER F 529 -12.77 -17.30 60.58
CA SER F 529 -12.16 -16.40 61.55
C SER F 529 -12.64 -16.68 62.96
C1 NAG G . 1.32 22.45 9.96
C2 NAG G . 1.96 23.68 9.35
C3 NAG G . 3.10 23.28 8.41
C4 NAG G . 4.09 22.41 9.16
C5 NAG G . 3.36 21.20 9.75
C6 NAG G . 4.26 20.32 10.60
C7 NAG G . 0.41 25.58 9.19
C8 NAG G . -0.60 26.29 8.32
N2 NAG G . 0.97 24.49 8.65
O3 NAG G . 3.74 24.45 7.92
O4 NAG G . 5.12 21.97 8.27
O5 NAG G . 2.32 21.66 10.62
O6 NAG G . 3.54 19.23 11.15
O7 NAG G . 0.67 25.96 10.32
C1 NAG G . 6.38 22.49 8.75
C2 NAG G . 7.51 21.68 8.13
C3 NAG G . 8.87 22.23 8.57
C4 NAG G . 8.95 23.71 8.23
C5 NAG G . 7.77 24.44 8.88
C6 NAG G . 7.73 25.92 8.54
C7 NAG G . 6.73 19.38 7.77
C8 NAG G . 6.71 17.97 8.29
N2 NAG G . 7.39 20.27 8.50
O3 NAG G . 9.91 21.53 7.91
O4 NAG G . 10.15 24.24 8.77
O5 NAG G . 6.53 23.87 8.41
O6 NAG G . 6.61 26.55 9.14
O7 NAG G . 6.13 19.70 6.73
C1 BMA G . 11.05 24.72 7.76
C2 BMA G . 12.07 25.59 8.47
C3 BMA G . 13.13 26.11 7.50
C4 BMA G . 13.73 24.96 6.70
C5 BMA G . 12.63 24.12 6.06
C6 BMA G . 13.17 22.90 5.36
O2 BMA G . 12.70 24.83 9.52
O3 BMA G . 14.17 26.74 8.24
O4 BMA G . 14.57 25.48 5.67
O5 BMA G . 11.71 23.66 7.07
O6 BMA G . 12.15 21.94 5.09
C1 MAN G . 14.20 28.17 8.04
C2 MAN G . 15.57 28.65 8.48
C3 MAN G . 15.75 28.43 9.98
C4 MAN G . 14.60 29.06 10.75
C5 MAN G . 13.27 28.56 10.20
C6 MAN G . 12.07 29.24 10.84
O2 MAN G . 15.71 30.04 8.19
O3 MAN G . 17.00 28.96 10.42
O4 MAN G . 14.69 28.75 12.14
O5 MAN G . 13.19 28.84 8.80
O6 MAN G . 12.05 29.04 12.25
C1 MAN G . 16.38 30.25 6.93
C2 MAN G . 17.70 30.96 7.14
C3 MAN G . 18.33 31.28 5.79
C4 MAN G . 18.49 30.01 4.98
C5 MAN G . 17.14 29.31 4.85
C6 MAN G . 17.24 27.96 4.16
O2 MAN G . 18.58 30.13 7.89
O3 MAN G . 19.59 31.92 5.96
O4 MAN G . 18.98 30.31 3.68
O5 MAN G . 16.59 29.06 6.16
O6 MAN G . 18.11 27.09 4.87
C1 MAN G . 19.15 30.83 9.01
C2 MAN G . 20.67 30.86 8.89
C3 MAN G . 21.29 31.58 10.08
C4 MAN G . 20.64 32.94 10.28
C5 MAN G . 19.13 32.79 10.37
C6 MAN G . 18.41 34.12 10.48
O2 MAN G . 21.04 31.52 7.69
O3 MAN G . 22.69 31.71 9.91
O4 MAN G . 21.12 33.53 11.49
O5 MAN G . 18.65 32.16 9.17
O6 MAN G . 17.00 33.94 10.58
C1 MAN G . 12.81 20.71 4.73
C2 MAN G . 11.78 19.77 4.09
C3 MAN G . 10.74 19.34 5.12
C4 MAN G . 11.41 18.76 6.35
C5 MAN G . 12.44 19.75 6.90
C6 MAN G . 13.23 19.21 8.07
O2 MAN G . 12.44 18.63 3.57
O3 MAN G . 9.86 18.39 4.54
O4 MAN G . 10.44 18.46 7.35
O5 MAN G . 13.38 20.08 5.88
O6 MAN G . 14.04 20.22 8.64
C1 MAN G . 15.38 19.71 8.81
C2 MAN G . 16.07 20.49 9.92
C3 MAN G . 16.20 21.96 9.52
C4 MAN G . 16.92 22.07 8.17
C5 MAN G . 16.23 21.20 7.13
C6 MAN G . 16.97 21.16 5.82
O2 MAN G . 17.36 19.95 10.16
O3 MAN G . 16.91 22.68 10.52
O4 MAN G . 16.93 23.42 7.74
O5 MAN G . 16.14 19.84 7.60
O6 MAN G . 16.48 20.10 5.00
C1 MAN G . 17.31 19.01 11.23
C2 MAN G . 18.67 18.99 11.91
C3 MAN G . 19.73 18.49 10.94
C4 MAN G . 19.32 17.13 10.37
C5 MAN G . 17.93 17.22 9.77
C6 MAN G . 17.40 15.89 9.28
O2 MAN G . 18.64 18.16 13.06
O3 MAN G . 21.00 18.39 11.59
O4 MAN G . 20.24 16.72 9.37
O5 MAN G . 17.00 17.69 10.76
O6 MAN G . 16.12 16.02 8.68
C1 MAN G . 8.50 18.89 4.64
C2 MAN G . 7.54 17.71 4.57
C3 MAN G . 7.63 17.04 3.22
C4 MAN G . 7.41 18.06 2.10
C5 MAN G . 8.38 19.23 2.28
C6 MAN G . 8.14 20.35 1.27
O2 MAN G . 6.21 18.17 4.82
O3 MAN G . 6.66 16.00 3.11
O4 MAN G . 7.62 17.46 0.83
O5 MAN G . 8.20 19.81 3.59
O6 MAN G . 9.07 21.40 1.45
C1 NAG H . -7.59 47.60 -5.13
C2 NAG H . -7.84 48.02 -6.58
C3 NAG H . -9.26 48.57 -6.73
C4 NAG H . -10.28 47.56 -6.21
C5 NAG H . -9.93 47.18 -4.77
C6 NAG H . -10.82 46.10 -4.21
C7 NAG H . -5.89 48.73 -7.89
C8 NAG H . -4.97 49.85 -8.24
N2 NAG H . -6.87 49.01 -7.01
O3 NAG H . -9.51 48.85 -8.10
O4 NAG H . -11.58 48.11 -6.25
O5 NAG H . -8.59 46.66 -4.73
O6 NAG H . -10.70 44.89 -4.93
O7 NAG H . -5.76 47.60 -8.37
C1 NAG H . -12.37 47.38 -7.20
C2 NAG H . -13.84 47.76 -7.03
C3 NAG H . -14.70 47.05 -8.06
C4 NAG H . -14.17 47.32 -9.46
C5 NAG H . -12.69 46.94 -9.54
C6 NAG H . -12.07 47.28 -10.87
C7 NAG H . -14.21 48.34 -4.67
C8 NAG H . -14.74 47.87 -3.35
N2 NAG H . -14.29 47.47 -5.68
O3 NAG H . -16.05 47.51 -7.96
O4 NAG H . -14.89 46.56 -10.42
O5 NAG H . -11.96 47.67 -8.55
O6 NAG H . -12.08 48.68 -11.12
O7 NAG H . -13.75 49.46 -4.82
C1 NAG I . -25.71 16.76 -0.04
C2 NAG I . -26.45 17.80 -0.87
C3 NAG I . -26.60 19.10 -0.09
C4 NAG I . -27.21 18.85 1.29
C5 NAG I . -26.44 17.74 2.01
C6 NAG I . -27.08 17.33 3.32
C7 NAG I . -26.45 18.23 -3.29
C8 NAG I . -25.60 18.54 -4.49
N2 NAG I . -25.78 18.04 -2.14
O3 NAG I . -27.42 20.01 -0.82
O4 NAG I . -27.14 20.03 2.07
O5 NAG I . -26.39 16.56 1.20
O6 NAG I . -28.37 16.77 3.10
O7 NAG I . -27.67 18.18 -3.36
C1 NAG I . -28.45 20.60 2.25
C2 NAG I . -28.47 21.32 3.59
C3 NAG I . -29.81 22.03 3.79
C4 NAG I . -30.10 22.95 2.62
C5 NAG I . -30.04 22.13 1.32
C6 NAG I . -30.24 22.97 0.08
C7 NAG I . -27.10 20.41 5.42
C8 NAG I . -27.01 19.39 6.51
N2 NAG I . -28.22 20.39 4.68
O3 NAG I . -29.76 22.79 4.99
O4 NAG I . -31.38 23.55 2.75
O5 NAG I . -28.75 21.52 1.19
O6 NAG I . -29.24 23.96 -0.05
O7 NAG I . -26.21 21.23 5.22
C1 BMA I . -31.21 24.96 2.93
C2 BMA I . -32.54 25.64 2.66
C3 BMA I . -32.44 27.15 2.88
C4 BMA I . -31.86 27.44 4.26
C5 BMA I . -30.55 26.68 4.47
C6 BMA I . -30.01 26.84 5.87
O2 BMA I . -33.54 25.10 3.52
O3 BMA I . -33.71 27.76 2.74
O4 BMA I . -31.60 28.84 4.39
O5 BMA I . -30.78 25.28 4.25
O6 BMA I . -31.00 26.46 6.83
C1 MAN I . -30.54 26.77 8.16
C2 MAN I . -31.49 26.06 9.13
C3 MAN I . -32.89 26.63 8.99
C4 MAN I . -32.88 28.14 9.18
C5 MAN I . -31.86 28.77 8.21
C6 MAN I . -31.69 30.26 8.43
O2 MAN I . -31.02 26.25 10.47
O3 MAN I . -33.77 26.02 9.93
O4 MAN I . -34.16 28.69 8.91
O5 MAN I . -30.57 28.18 8.43
O6 MAN I . -32.93 30.94 8.28
C1 MAN I . -34.87 25.44 9.18
C2 MAN I . -36.06 25.28 10.13
C3 MAN I . -35.72 24.27 11.22
C4 MAN I . -35.25 22.96 10.61
C5 MAN I . -34.10 23.23 9.65
C6 MAN I . -33.64 21.99 8.92
O2 MAN I . -37.19 24.84 9.39
O3 MAN I . -36.87 24.05 12.04
O4 MAN I . -34.81 22.07 11.63
O5 MAN I . -34.52 24.17 8.64
O6 MAN I . -32.54 22.27 8.07
C1 MAN I . -34.13 27.73 1.37
C2 MAN I . -34.60 29.12 0.97
C3 MAN I . -35.83 29.50 1.80
C4 MAN I . -36.90 28.43 1.69
C5 MAN I . -36.32 27.06 2.04
C6 MAN I . -37.30 25.93 1.84
O2 MAN I . -34.92 29.14 -0.41
O3 MAN I . -36.34 30.76 1.36
O4 MAN I . -37.97 28.72 2.58
O5 MAN I . -35.20 26.80 1.18
O6 MAN I . -38.43 26.08 2.68
C1 NAG J . 16.66 15.78 14.56
C2 NAG J . 15.54 16.80 14.31
C3 NAG J . 15.94 18.15 14.88
C4 NAG J . 16.32 18.02 16.35
C5 NAG J . 17.38 16.95 16.52
C6 NAG J . 17.73 16.67 17.97
C7 NAG J . 13.99 16.76 12.42
C8 NAG J . 13.83 16.90 10.93
N2 NAG J . 15.23 16.90 12.90
O3 NAG J . 14.84 19.06 14.74
O4 NAG J . 16.85 19.25 16.83
O5 NAG J . 16.93 15.70 15.96
O6 NAG J . 16.59 16.21 18.68
O7 NAG J . 13.03 16.53 13.15
C1 NAG J . 15.88 19.97 17.62
C2 NAG J . 16.58 21.17 18.25
C3 NAG J . 15.58 22.01 19.04
C4 NAG J . 14.42 22.41 18.13
C5 NAG J . 13.79 21.16 17.54
C6 NAG J . 12.67 21.46 16.56
C7 NAG J . 18.94 20.67 18.69
C8 NAG J . 19.95 20.21 19.70
N2 NAG J . 17.67 20.73 19.11
O3 NAG J . 16.23 23.17 19.54
O4 NAG J . 13.44 23.14 18.87
O5 NAG J . 14.79 20.43 16.81
O6 NAG J . 12.12 20.27 16.02
O7 NAG J . 19.28 20.98 17.55
C1 BMA J . 13.41 24.49 18.40
C2 BMA J . 12.15 25.16 18.91
C3 BMA J . 12.09 26.61 18.46
C4 BMA J . 13.36 27.34 18.86
C5 BMA J . 14.59 26.58 18.38
C6 BMA J . 15.89 27.18 18.86
O2 BMA J . 12.11 25.09 20.34
O3 BMA J . 10.96 27.26 19.04
O4 BMA J . 13.38 28.65 18.31
O5 BMA J . 14.55 25.23 18.86
O6 BMA J . 15.95 27.19 20.29
C1 MAN J . 9.95 27.42 18.03
C2 MAN J . 10.20 28.72 17.27
C3 MAN J . 10.08 29.90 18.22
C4 MAN J . 8.73 29.86 18.95
C5 MAN J . 8.53 28.50 19.60
C6 MAN J . 7.15 28.35 20.23
O2 MAN J . 9.27 28.84 16.21
O3 MAN J . 10.21 31.12 17.51
O4 MAN J . 8.68 30.88 19.95
O5 MAN J . 8.64 27.47 18.61
O6 MAN J . 7.00 27.07 20.83
C1 MAN J . 16.76 28.29 20.73
C2 MAN J . 17.22 28.01 22.15
C3 MAN J . 16.01 27.96 23.08
C4 MAN J . 15.19 29.23 22.96
C5 MAN J . 14.83 29.49 21.49
C6 MAN J . 14.12 30.81 21.27
O2 MAN J . 18.11 29.03 22.58
O3 MAN J . 16.44 27.78 24.44
O4 MAN J . 13.99 29.13 23.72
O5 MAN J . 16.02 29.52 20.70
O6 MAN J . 14.95 31.90 21.63
C1 NAG K . 13.01 7.18 42.46
C2 NAG K . 12.11 6.64 43.56
C3 NAG K . 12.81 5.53 44.34
C4 NAG K . 13.33 4.46 43.39
C5 NAG K . 14.19 5.11 42.30
C6 NAG K . 14.65 4.13 41.25
C7 NAG K . 10.50 7.70 45.08
C8 NAG K . 10.22 8.88 45.97
N2 NAG K . 11.68 7.70 44.46
O3 NAG K . 11.92 4.95 45.28
O4 NAG K . 14.11 3.51 44.10
O5 NAG K . 13.43 6.12 41.62
O6 NAG K . 13.54 3.52 40.59
O7 NAG K . 9.69 6.79 44.94
C1 NAG K . 13.45 2.23 44.05
C2 NAG K . 14.52 1.14 44.16
C3 NAG K . 13.87 -0.24 44.16
C4 NAG K . 12.81 -0.32 45.25
C5 NAG K . 11.81 0.83 45.09
C6 NAG K . 10.79 0.89 46.21
C7 NAG K . 16.74 1.67 43.26
C8 NAG K . 17.62 1.71 42.04
N2 NAG K . 15.48 1.25 43.07
O3 NAG K . 14.86 -1.24 44.36
O4 NAG K . 12.11 -1.56 45.17
O5 NAG K . 12.51 2.08 45.11
O6 NAG K . 11.42 1.05 47.47
O7 NAG K . 17.15 2.01 44.37
C1 NAG L . 21.17 -13.90 14.27
C2 NAG L . 21.19 -14.67 15.59
C3 NAG L . 22.15 -14.00 16.57
C4 NAG L . 23.52 -13.82 15.94
C5 NAG L . 23.40 -13.12 14.59
C6 NAG L . 24.71 -13.05 13.84
C7 NAG L . 19.48 -15.68 17.03
C8 NAG L . 18.06 -15.60 17.53
N2 NAG L . 19.85 -14.74 16.16
O3 NAG L . 22.26 -14.81 17.74
O4 NAG L . 24.35 -13.03 16.79
O5 NAG L . 22.49 -13.84 13.74
O6 NAG L . 25.22 -14.33 13.55
O7 NAG L . 20.26 -16.56 17.42
C1 NAG L . 25.40 -13.82 17.36
C2 NAG L . 26.55 -12.87 17.72
C3 NAG L . 27.67 -13.63 18.41
C4 NAG L . 27.13 -14.38 19.61
C5 NAG L . 25.98 -15.29 19.16
C6 NAG L . 25.33 -16.02 20.31
C7 NAG L . 26.64 -10.97 16.16
C8 NAG L . 27.24 -10.43 14.89
N2 NAG L . 27.05 -12.19 16.52
O3 NAG L . 28.68 -12.71 18.82
O4 NAG L . 28.16 -15.16 20.21
O5 NAG L . 24.97 -14.50 18.55
O6 NAG L . 24.74 -15.11 21.24
O7 NAG L . 25.83 -10.32 16.82
C1 BMA L . 28.40 -14.65 21.54
C2 BMA L . 28.98 -15.77 22.39
C3 BMA L . 29.29 -15.26 23.80
C4 BMA L . 30.18 -14.02 23.73
C5 BMA L . 29.57 -12.98 22.81
C6 BMA L . 30.47 -11.78 22.61
O2 BMA L . 30.16 -16.28 21.79
O3 BMA L . 29.93 -16.28 24.56
O4 BMA L . 30.34 -13.47 25.04
O5 BMA L . 29.32 -13.55 21.51
O6 BMA L . 31.75 -12.18 22.16
C1 MAN L . 32.41 -11.06 21.54
C2 MAN L . 33.53 -11.61 20.66
C3 MAN L . 34.56 -12.31 21.53
C4 MAN L . 35.06 -11.38 22.62
C5 MAN L . 33.88 -10.80 23.41
C6 MAN L . 34.29 -9.75 24.42
O2 MAN L . 34.16 -10.54 19.95
O3 MAN L . 35.65 -12.78 20.74
O4 MAN L . 35.91 -12.07 23.52
O5 MAN L . 32.96 -10.16 22.50
O6 MAN L . 33.17 -9.27 25.14
C1 MAN L . 35.72 -14.22 20.87
C2 MAN L . 37.11 -14.67 20.49
C3 MAN L . 37.39 -14.37 19.02
C4 MAN L . 36.30 -14.98 18.16
C5 MAN L . 34.93 -14.53 18.63
C6 MAN L . 33.79 -15.18 17.88
O2 MAN L . 37.25 -16.07 20.74
O3 MAN L . 38.67 -14.87 18.65
O4 MAN L . 36.48 -14.58 16.80
O5 MAN L . 34.76 -14.86 20.02
O6 MAN L . 33.88 -14.94 16.49
C1 MAN L . 29.06 -17.42 24.69
C2 MAN L . 28.77 -17.65 26.17
C3 MAN L . 30.06 -18.00 26.90
C4 MAN L . 30.75 -19.17 26.22
C5 MAN L . 30.94 -18.88 24.74
C6 MAN L . 31.53 -20.04 23.96
O2 MAN L . 27.81 -18.70 26.32
O3 MAN L . 29.77 -18.33 28.26
O4 MAN L . 32.03 -19.41 26.82
O5 MAN L . 29.66 -18.59 24.15
O6 MAN L . 31.71 -19.71 22.60
C1 PIO M . -22.44 -53.85 -12.61
O1 PIO M . -21.67 -52.66 -12.31
P1 PIO M . -22.13 -51.66 -11.12
C2 PIO M . -21.76 -55.04 -11.95
O2 PIO M . -20.42 -55.16 -12.39
C3 PIO M . -22.53 -56.32 -12.26
O3 PIO M . -21.87 -57.45 -11.67
C4 PIO M . -22.62 -56.52 -13.77
O4 PIO M . -23.42 -57.68 -14.05
P4 PIO M . -22.74 -59.13 -14.32
C5 PIO M . -23.27 -55.30 -14.43
O5 PIO M . -23.27 -55.51 -15.86
P5 PIO M . -24.62 -55.31 -16.76
C6 PIO M . -22.50 -54.03 -14.12
O6 PIO M . -23.16 -52.91 -14.71
O11 PIO M . -21.45 -50.35 -11.24
O12 PIO M . -23.58 -51.69 -10.90
O13 PIO M . -21.45 -52.45 -9.90
C1A PIO M . -20.95 -52.47 -6.51
O1A PIO M . -21.41 -53.57 -6.45
C1B PIO M . -17.10 -51.96 -6.60
O1B PIO M . -17.10 -52.92 -5.86
C1C PIO M . -20.02 -52.52 -9.80
C2A PIO M . -21.26 -51.35 -5.56
C2B PIO M . -16.54 -50.62 -6.26
C2C PIO M . -19.66 -53.05 -8.44
O2C PIO M . -20.07 -52.07 -7.45
C3A PIO M . -20.94 -51.70 -4.11
C3B PIO M . -16.04 -50.51 -4.83
C3C PIO M . -18.17 -53.24 -8.29
O3C PIO M . -17.60 -51.99 -7.83
O41 PIO M . -22.84 -59.37 -15.81
O42 PIO M . -23.55 -60.12 -13.51
O43 PIO M . -21.31 -59.01 -13.84
C4A PIO M . -21.14 -50.52 -3.16
C4B PIO M . -15.42 -49.16 -4.51
O51 PIO M . -24.22 -55.67 -18.17
O52 PIO M . -25.01 -53.86 -16.62
O53 PIO M . -25.64 -56.26 -16.17
C5A PIO M . -20.25 -49.33 -3.47
C5B PIO M . -16.37 -48.00 -4.68
C6A PIO M . -20.44 -48.16 -2.52
C6B PIO M . -15.77 -46.65 -4.34
C7A PIO M . -19.58 -46.95 -2.85
C7B PIO M . -16.70 -45.47 -4.53
C8A PIO M . -19.80 -45.78 -1.91
C8B PIO M . -16.09 -44.14 -4.17
C1 D10 N . -33.37 -16.48 -29.30
C2 D10 N . -31.88 -16.38 -29.00
C3 D10 N . -31.13 -17.67 -29.33
C4 D10 N . -29.61 -17.53 -29.29
C5 D10 N . -28.89 -18.71 -29.94
C6 D10 N . -29.52 -19.12 -31.26
C7 D10 N . -28.81 -20.29 -31.93
C8 D10 N . -29.73 -21.11 -32.83
C9 D10 N . -30.68 -20.26 -33.66
C10 D10 N . -31.72 -21.07 -34.41
C1 D10 O . -7.42 -18.40 -43.14
C2 D10 O . -8.19 -19.31 -42.19
C3 D10 O . -7.57 -20.69 -42.07
C4 D10 O . -8.45 -21.68 -41.31
C5 D10 O . -8.06 -23.13 -41.56
C6 D10 O . -7.77 -23.43 -43.02
C7 D10 O . -7.63 -24.90 -43.35
C8 D10 O . -7.11 -25.15 -44.75
C9 D10 O . -7.45 -26.54 -45.31
C10 D10 O . -6.96 -26.73 -46.74
C1 NAG P . 9.73 30.07 -26.55
C2 NAG P . 9.29 31.51 -26.77
C3 NAG P . 10.17 32.17 -27.83
C4 NAG P . 11.64 32.04 -27.45
C5 NAG P . 11.98 30.57 -27.22
C6 NAG P . 13.39 30.36 -26.73
C7 NAG P . 6.97 32.28 -26.47
C8 NAG P . 5.58 32.26 -27.02
N2 NAG P . 7.89 31.58 -27.16
O3 NAG P . 9.82 33.56 -27.94
O4 NAG P . 12.46 32.55 -28.49
O5 NAG P . 11.12 30.04 -26.20
O6 NAG P . 13.71 28.98 -26.61
O7 NAG P . 7.26 32.91 -25.46
C1 PIO Q . -3.97 -38.84 -48.31
O1 PIO Q . -4.00 -37.68 -47.45
P1 PIO Q . -2.70 -37.28 -46.57
C2 PIO Q . -4.00 -38.37 -49.76
O2 PIO Q . -5.16 -37.58 -50.01
C3 PIO Q . -3.97 -39.57 -50.69
O3 PIO Q . -4.03 -39.14 -52.05
C4 PIO Q . -5.14 -40.50 -50.39
O4 PIO Q . -5.03 -41.68 -51.21
P4 PIO Q . -6.18 -42.10 -52.27
C5 PIO Q . -5.15 -40.91 -48.92
O5 PIO Q . -6.32 -41.73 -48.68
P5 PIO Q . -6.30 -43.00 -47.66
C6 PIO Q . -5.18 -39.71 -48.00
O6 PIO Q . -5.14 -40.14 -46.64
O11 PIO Q . -3.09 -36.52 -45.35
O12 PIO Q . -1.77 -38.41 -46.42
O13 PIO Q . -2.05 -36.27 -47.60
C1A PIO Q . 0.34 -34.02 -48.98
O1A PIO Q . 0.53 -34.56 -50.04
C1B PIO Q . -1.98 -31.05 -49.17
O1B PIO Q . -1.49 -30.95 -50.26
C1C PIO Q . -2.85 -35.17 -48.13
C2A PIO Q . 1.43 -33.42 -48.14
C2B PIO Q . -1.92 -30.00 -48.10
C2C PIO Q . -2.02 -34.40 -49.12
O2C PIO Q . -0.85 -33.87 -48.40
C3A PIO Q . 2.22 -32.34 -48.86
C3B PIO Q . -1.09 -28.80 -48.49
C3C PIO Q . -2.76 -33.23 -49.68
O3C PIO Q . -2.65 -32.13 -48.74
O41 PIO Q . -7.14 -40.93 -52.31
O42 PIO Q . -6.80 -43.36 -51.73
O43 PIO Q . -5.46 -42.30 -53.60
C4A PIO Q . 3.31 -31.71 -48.01
C4B PIO Q . -0.99 -27.74 -47.40
O51 PIO Q . -6.19 -44.22 -48.54
O52 PIO Q . -7.61 -42.93 -46.90
O53 PIO Q . -5.09 -42.79 -46.77
C5A PIO Q . 2.78 -31.03 -46.75
C5B PIO Q . -0.33 -28.23 -46.13
C6A PIO Q . 3.87 -30.39 -45.91
C6B PIO Q . -0.19 -27.17 -45.05
C7A PIO Q . 3.36 -29.74 -44.62
C7B PIO Q . 0.48 -27.65 -43.78
C8A PIO Q . 4.47 -29.15 -43.79
C8B PIO Q . 0.63 -26.56 -42.74
C1 D10 R . -4.63 -43.59 -7.18
C2 D10 R . -5.56 -43.00 -8.24
C3 D10 R . -6.89 -43.73 -8.33
C4 D10 R . -7.73 -43.32 -9.53
C5 D10 R . -9.02 -44.12 -9.67
C6 D10 R . -8.80 -45.63 -9.57
C7 D10 R . -10.08 -46.44 -9.71
C8 D10 R . -9.87 -47.93 -9.50
C9 D10 R . -11.15 -48.75 -9.54
C10 D10 R . -10.93 -50.21 -9.19
#